data_2X5D
#
_entry.id   2X5D
#
_cell.length_a   66.860
_cell.length_b   173.810
_cell.length_c   76.970
_cell.angle_alpha   90.00
_cell.angle_beta   114.51
_cell.angle_gamma   90.00
#
_symmetry.space_group_name_H-M   'P 1 21 1'
#
loop_
_entity.id
_entity.type
_entity.pdbx_description
1 polymer 'PROBABLE AMINOTRANSFERASE'
2 non-polymer "PYRIDOXAL-5'-PHOSPHATE"
3 non-polymer 'SULFATE ION'
4 water water
#
_entity_poly.entity_id   1
_entity_poly.type   'polypeptide(L)'
_entity_poly.pdbx_seq_one_letter_code
;GMAESRPARRFARIDRLPPYVFNITAELKMAARRRGEDIIDLSMGNPDGPTPPHIVEKLCTVAQREDTHGYSTSRGIPRL
RRAISHWYRDRYDVQIDPESEAIVTIGSKEGLAHLMLATLDHGDTILVPNPSYPIHIYGAVIAGAQVRSVPLVPGIDFFN
ELERAIRESIPKPRMMILGFPSNPTAQCVELDFFERVVALAKQYDVMVVHDLAYADIVYDGWKAPSIMQVPGAKDIAVEF
FTLSKSYNMAGWRIGFMVGNPELVSALARIKSYHDYGTFTPLQVAAIAALEGDQQCVRDIARQYQQRRDVLVKGLREAGW
MVENPKASMYVWAKIPEPYAHLGSLEFAKKLLQDAKVSVSPGIGFGDYGDDHVRFALIENRDRLRQAVRGIKAMFRADGL
LSPQRKVDSLAE
;
_entity_poly.pdbx_strand_id   A,B,C,D
#
# COMPACT_ATOMS: atom_id res chain seq x y z
N VAL A 21 11.87 -11.68 18.85
CA VAL A 21 12.32 -11.67 20.27
C VAL A 21 12.76 -13.03 20.76
N PHE A 22 12.36 -14.06 20.03
CA PHE A 22 12.89 -15.39 20.25
C PHE A 22 14.26 -15.48 19.63
N ASN A 23 14.68 -14.42 18.95
CA ASN A 23 16.07 -14.36 18.52
C ASN A 23 17.00 -14.19 19.70
N ILE A 24 16.60 -13.38 20.68
CA ILE A 24 17.41 -13.18 21.90
C ILE A 24 17.60 -14.53 22.60
N THR A 25 16.53 -15.28 22.76
CA THR A 25 16.58 -16.58 23.44
C THR A 25 17.35 -17.62 22.61
N ALA A 26 17.25 -17.58 21.31
CA ALA A 26 18.03 -18.51 20.50
C ALA A 26 19.53 -18.14 20.50
N GLU A 27 19.86 -16.85 20.60
CA GLU A 27 21.27 -16.38 20.61
C GLU A 27 22.00 -16.73 21.92
N LEU A 28 21.33 -16.54 23.04
CA LEU A 28 21.84 -16.97 24.35
C LEU A 28 22.06 -18.48 24.40
N LYS A 29 21.09 -19.24 23.90
CA LYS A 29 21.25 -20.70 23.84
C LYS A 29 22.49 -21.11 23.02
N MET A 30 22.64 -20.52 21.84
CA MET A 30 23.78 -20.86 20.98
C MET A 30 25.13 -20.47 21.63
N ALA A 31 25.13 -19.35 22.35
CA ALA A 31 26.31 -18.87 23.11
C ALA A 31 26.70 -19.89 24.18
N ALA A 32 25.71 -20.36 24.94
CA ALA A 32 25.93 -21.38 25.95
C ALA A 32 26.49 -22.67 25.36
N ARG A 33 25.91 -23.15 24.25
CA ARG A 33 26.47 -24.35 23.62
C ARG A 33 27.91 -24.11 23.18
N ARG A 34 28.17 -22.92 22.65
CA ARG A 34 29.46 -22.64 22.17
C ARG A 34 30.51 -22.70 23.32
N ARG A 35 30.07 -22.35 24.55
CA ARG A 35 30.81 -22.54 25.81
C ARG A 35 30.75 -23.95 26.40
N GLY A 36 30.25 -24.91 25.65
CA GLY A 36 30.15 -26.30 26.14
C GLY A 36 29.14 -26.63 27.23
N GLU A 37 28.23 -25.71 27.57
CA GLU A 37 27.15 -26.05 28.52
C GLU A 37 26.21 -27.09 27.91
N ASP A 38 25.77 -28.06 28.72
CA ASP A 38 24.76 -29.05 28.25
C ASP A 38 23.36 -28.45 28.45
N ILE A 39 22.79 -27.89 27.40
CA ILE A 39 21.51 -27.20 27.52
C ILE A 39 20.31 -28.10 27.09
N ILE A 40 19.29 -28.12 27.91
CA ILE A 40 18.10 -28.86 27.56
C ILE A 40 17.21 -27.86 26.87
N ASP A 41 16.97 -28.11 25.59
CA ASP A 41 16.33 -27.16 24.73
C ASP A 41 14.84 -27.50 24.65
N LEU A 42 14.06 -26.69 25.33
CA LEU A 42 12.65 -26.83 25.37
C LEU A 42 12.00 -25.56 24.88
N SER A 43 12.65 -24.87 23.95
CA SER A 43 12.15 -23.59 23.43
C SER A 43 11.37 -23.85 22.12
N MET A 44 12.02 -23.85 20.97
CA MET A 44 11.32 -23.96 19.67
C MET A 44 10.60 -25.31 19.54
N GLY A 45 9.31 -25.29 19.24
CA GLY A 45 8.48 -26.49 19.30
C GLY A 45 8.66 -27.51 18.17
N ASN A 46 9.90 -27.83 17.83
CA ASN A 46 10.27 -28.69 16.69
C ASN A 46 10.13 -30.18 17.00
N PRO A 47 9.15 -30.89 16.39
CA PRO A 47 8.99 -32.30 16.75
C PRO A 47 10.30 -33.05 16.54
N ASP A 48 10.73 -33.83 17.54
CA ASP A 48 12.03 -34.54 17.51
C ASP A 48 11.98 -35.99 16.97
N GLY A 49 10.80 -36.61 17.02
CA GLY A 49 10.68 -38.04 16.66
C GLY A 49 10.63 -38.36 15.17
N PRO A 50 10.87 -39.64 14.81
CA PRO A 50 10.93 -40.02 13.40
C PRO A 50 9.56 -40.08 12.77
N THR A 51 9.53 -39.85 11.47
CA THR A 51 8.33 -40.08 10.70
C THR A 51 8.16 -41.58 10.61
N PRO A 52 6.91 -42.06 10.67
CA PRO A 52 6.69 -43.49 10.52
C PRO A 52 7.18 -44.02 9.18
N PRO A 53 7.91 -45.15 9.20
CA PRO A 53 8.37 -45.83 7.99
C PRO A 53 7.35 -45.87 6.84
N HIS A 54 6.11 -46.29 7.11
CA HIS A 54 5.16 -46.48 6.02
C HIS A 54 4.87 -45.19 5.23
N ILE A 55 4.84 -44.06 5.91
CA ILE A 55 4.79 -42.74 5.28
C ILE A 55 6.07 -42.50 4.45
N VAL A 56 7.21 -42.56 5.11
CA VAL A 56 8.52 -42.32 4.45
C VAL A 56 8.75 -43.20 3.23
N GLU A 57 8.28 -44.44 3.30
CA GLU A 57 8.42 -45.39 2.18
C GLU A 57 7.83 -44.86 0.89
N LYS A 58 6.62 -44.31 0.98
CA LYS A 58 5.91 -43.77 -0.17
C LYS A 58 6.71 -42.66 -0.87
N LEU A 59 7.61 -42.03 -0.13
CA LEU A 59 8.52 -41.05 -0.69
C LEU A 59 9.50 -41.70 -1.66
N CYS A 60 10.01 -42.88 -1.30
CA CYS A 60 11.02 -43.58 -2.11
C CYS A 60 10.44 -44.25 -3.35
N THR A 61 9.32 -44.95 -3.18
CA THR A 61 8.69 -45.71 -4.28
C THR A 61 8.02 -44.79 -5.31
N VAL A 62 7.74 -43.55 -4.92
CA VAL A 62 7.22 -42.54 -5.84
C VAL A 62 8.22 -41.38 -5.97
N ALA A 63 9.37 -41.69 -6.57
CA ALA A 63 10.44 -40.70 -6.78
C ALA A 63 11.56 -41.30 -7.62
N THR A 73 -3.86 -30.35 -10.79
CA THR A 73 -4.09 -28.90 -10.69
C THR A 73 -3.62 -28.38 -9.33
N SER A 74 -3.82 -27.08 -9.10
CA SER A 74 -3.43 -26.43 -7.86
C SER A 74 -4.30 -26.76 -6.63
N ARG A 75 -5.28 -27.64 -6.80
CA ARG A 75 -6.16 -28.04 -5.70
C ARG A 75 -5.70 -29.34 -5.03
N GLY A 76 -4.89 -30.13 -5.73
CA GLY A 76 -4.27 -31.33 -5.16
C GLY A 76 -4.72 -32.59 -5.86
N ILE A 77 -3.99 -33.67 -5.67
CA ILE A 77 -4.38 -34.98 -6.20
C ILE A 77 -5.78 -35.30 -5.67
N PRO A 78 -6.73 -35.67 -6.56
CA PRO A 78 -8.12 -35.96 -6.12
C PRO A 78 -8.18 -36.98 -4.97
N ARG A 79 -7.40 -38.05 -5.08
CA ARG A 79 -7.33 -39.07 -4.05
C ARG A 79 -6.99 -38.49 -2.65
N LEU A 80 -6.08 -37.52 -2.59
CA LEU A 80 -5.73 -36.86 -1.33
C LEU A 80 -6.90 -36.05 -0.75
N ARG A 81 -7.48 -35.16 -1.54
CA ARG A 81 -8.72 -34.45 -1.18
C ARG A 81 -9.87 -35.40 -0.73
N ARG A 82 -9.99 -36.57 -1.35
CA ARG A 82 -10.94 -37.60 -0.88
C ARG A 82 -10.55 -38.08 0.55
N ALA A 83 -9.25 -38.26 0.78
CA ALA A 83 -8.74 -38.70 2.08
C ALA A 83 -9.02 -37.67 3.16
N ILE A 84 -8.82 -36.40 2.80
CA ILE A 84 -9.19 -35.25 3.62
C ILE A 84 -10.69 -35.37 3.96
N SER A 85 -11.51 -35.50 2.93
CA SER A 85 -12.94 -35.64 3.15
C SER A 85 -13.25 -36.75 4.16
N HIS A 86 -12.73 -37.95 3.91
CA HIS A 86 -13.01 -39.07 4.80
C HIS A 86 -12.62 -38.80 6.26
N TRP A 87 -11.50 -38.10 6.42
CA TRP A 87 -10.94 -37.74 7.72
C TRP A 87 -11.89 -36.84 8.48
N TYR A 88 -12.37 -35.79 7.85
CA TYR A 88 -13.46 -34.99 8.44
C TYR A 88 -14.79 -35.76 8.68
N ARG A 89 -15.10 -36.75 7.86
CA ARG A 89 -16.37 -37.51 8.02
C ARG A 89 -16.23 -38.47 9.18
N ASP A 90 -15.11 -39.20 9.19
CA ASP A 90 -14.84 -40.18 10.24
C ASP A 90 -14.64 -39.55 11.63
N ARG A 91 -13.86 -38.46 11.68
CA ARG A 91 -13.48 -37.88 12.98
C ARG A 91 -14.59 -36.98 13.55
N TYR A 92 -15.24 -36.18 12.69
CA TYR A 92 -16.12 -35.12 13.16
C TYR A 92 -17.56 -35.20 12.68
N ASP A 93 -17.84 -36.13 11.77
CA ASP A 93 -19.13 -36.22 11.09
C ASP A 93 -19.43 -34.99 10.26
N VAL A 94 -18.39 -34.42 9.65
CA VAL A 94 -18.55 -33.25 8.81
C VAL A 94 -18.47 -33.65 7.33
N GLN A 95 -19.33 -33.05 6.50
CA GLN A 95 -19.25 -33.25 5.06
C GLN A 95 -18.47 -32.14 4.43
N ILE A 96 -17.42 -32.55 3.75
CA ILE A 96 -16.55 -31.63 3.05
C ILE A 96 -16.50 -32.23 1.68
N ASP A 97 -17.10 -31.51 0.72
CA ASP A 97 -16.95 -31.84 -0.67
C ASP A 97 -15.48 -31.74 -1.07
N PRO A 98 -14.90 -32.86 -1.55
CA PRO A 98 -13.49 -32.88 -1.95
C PRO A 98 -13.25 -32.10 -3.25
N GLU A 99 -14.32 -31.84 -4.00
CA GLU A 99 -14.22 -31.06 -5.24
C GLU A 99 -14.07 -29.55 -5.00
N SER A 100 -14.75 -29.01 -4.00
CA SER A 100 -14.85 -27.55 -3.86
C SER A 100 -14.50 -26.98 -2.49
N GLU A 101 -14.44 -27.84 -1.47
CA GLU A 101 -14.26 -27.41 -0.09
C GLU A 101 -12.92 -27.89 0.53
N ALA A 102 -12.05 -28.47 -0.30
CA ALA A 102 -10.76 -28.97 0.18
C ALA A 102 -9.62 -28.58 -0.76
N ILE A 103 -8.49 -28.21 -0.19
CA ILE A 103 -7.31 -27.90 -0.97
C ILE A 103 -6.05 -28.36 -0.24
N VAL A 104 -5.15 -28.96 -0.98
CA VAL A 104 -3.87 -29.37 -0.44
C VAL A 104 -3.02 -28.12 -0.32
N THR A 105 -2.47 -27.88 0.85
CA THR A 105 -1.50 -26.78 1.04
C THR A 105 -0.10 -27.35 1.05
N ILE A 106 0.89 -26.45 1.11
CA ILE A 106 2.28 -26.82 1.29
C ILE A 106 2.60 -26.69 2.78
N GLY A 107 1.67 -27.14 3.62
CA GLY A 107 1.77 -26.95 5.07
C GLY A 107 1.02 -25.70 5.52
N SER A 108 0.64 -25.66 6.79
CA SER A 108 -0.14 -24.56 7.32
C SER A 108 0.56 -23.20 7.39
N LYS A 109 1.85 -23.20 7.73
CA LYS A 109 2.58 -21.95 7.81
C LYS A 109 2.43 -21.25 6.46
N GLU A 110 2.90 -21.90 5.41
CA GLU A 110 2.95 -21.34 4.08
C GLU A 110 1.56 -21.16 3.48
N GLY A 111 0.68 -22.14 3.72
CA GLY A 111 -0.68 -22.12 3.23
C GLY A 111 -1.45 -20.96 3.81
N LEU A 112 -1.31 -20.75 5.11
CA LEU A 112 -1.92 -19.59 5.73
C LEU A 112 -1.33 -18.31 5.15
N ALA A 113 -0.01 -18.24 5.03
CA ALA A 113 0.66 -17.06 4.44
C ALA A 113 0.05 -16.69 3.08
N HIS A 114 -0.21 -17.68 2.24
CA HIS A 114 -0.84 -17.47 0.92
C HIS A 114 -2.32 -17.08 0.97
N LEU A 115 -3.09 -17.74 1.82
CA LEU A 115 -4.45 -17.30 2.04
C LEU A 115 -4.45 -15.83 2.42
N MET A 116 -3.47 -15.41 3.23
CA MET A 116 -3.39 -14.00 3.62
C MET A 116 -3.07 -13.11 2.43
N LEU A 117 -2.09 -13.51 1.63
CA LEU A 117 -1.75 -12.75 0.41
C LEU A 117 -2.90 -12.66 -0.56
N ALA A 118 -3.72 -13.72 -0.61
CA ALA A 118 -4.86 -13.77 -1.50
C ALA A 118 -6.02 -12.94 -0.99
N THR A 119 -6.08 -12.69 0.31
CA THR A 119 -7.25 -12.05 0.91
C THR A 119 -6.98 -10.68 1.53
N LEU A 120 -5.72 -10.37 1.82
CA LEU A 120 -5.40 -9.18 2.59
C LEU A 120 -4.37 -8.29 1.92
N ASP A 121 -4.48 -7.00 2.18
CA ASP A 121 -3.53 -6.04 1.70
C ASP A 121 -3.40 -4.92 2.73
N HIS A 122 -2.61 -3.93 2.41
CA HIS A 122 -2.64 -2.67 3.14
C HIS A 122 -4.06 -2.12 3.18
N GLY A 123 -4.50 -1.69 4.37
CA GLY A 123 -5.86 -1.17 4.57
C GLY A 123 -6.78 -2.16 5.26
N ASP A 124 -6.35 -3.41 5.38
CA ASP A 124 -7.11 -4.39 6.17
C ASP A 124 -6.55 -4.56 7.58
N THR A 125 -7.41 -4.96 8.51
CA THR A 125 -6.97 -5.38 9.82
C THR A 125 -7.52 -6.75 10.09
N ILE A 126 -6.74 -7.61 10.72
CA ILE A 126 -7.22 -8.91 11.20
C ILE A 126 -7.18 -8.96 12.73
N LEU A 127 -7.94 -9.89 13.29
CA LEU A 127 -8.03 -10.08 14.74
C LEU A 127 -7.32 -11.35 15.16
N VAL A 128 -6.57 -11.24 16.24
CA VAL A 128 -5.81 -12.37 16.78
C VAL A 128 -5.89 -12.38 18.31
N PRO A 129 -6.06 -13.56 18.94
CA PRO A 129 -5.98 -13.59 20.41
C PRO A 129 -4.63 -13.13 20.94
N ASN A 130 -4.54 -12.86 22.25
CA ASN A 130 -3.30 -12.49 22.95
C ASN A 130 -3.28 -13.07 24.38
N PRO A 131 -2.34 -13.99 24.69
CA PRO A 131 -1.26 -14.51 23.85
C PRO A 131 -1.78 -15.42 22.75
N SER A 132 -0.99 -15.55 21.69
CA SER A 132 -1.33 -16.37 20.52
C SER A 132 -0.08 -16.73 19.74
N TYR A 133 -0.27 -17.46 18.65
CA TYR A 133 0.78 -18.04 17.85
C TYR A 133 1.35 -16.98 16.91
N PRO A 134 2.63 -16.60 17.07
CA PRO A 134 3.09 -15.41 16.38
C PRO A 134 3.10 -15.50 14.84
N ILE A 135 3.03 -16.71 14.29
CA ILE A 135 3.17 -16.94 12.85
C ILE A 135 1.94 -16.49 12.08
N HIS A 136 0.76 -16.57 12.69
CA HIS A 136 -0.39 -15.93 12.12
C HIS A 136 -0.08 -14.44 11.94
N ILE A 137 0.24 -13.75 13.03
CA ILE A 137 0.52 -12.33 12.96
C ILE A 137 1.42 -12.01 11.74
N TYR A 138 2.53 -12.71 11.60
CA TYR A 138 3.50 -12.44 10.53
C TYR A 138 3.00 -12.54 9.09
N GLY A 139 2.30 -13.62 8.77
CA GLY A 139 1.72 -13.78 7.44
C GLY A 139 0.81 -12.61 7.12
N ALA A 140 0.09 -12.16 8.14
CA ALA A 140 -0.88 -11.08 7.99
C ALA A 140 -0.12 -9.78 7.75
N VAL A 141 0.90 -9.54 8.57
CA VAL A 141 1.68 -8.35 8.43
C VAL A 141 2.42 -8.34 7.08
N ILE A 142 3.02 -9.45 6.71
CA ILE A 142 3.72 -9.58 5.42
C ILE A 142 2.83 -9.25 4.23
N ALA A 143 1.57 -9.67 4.34
CA ALA A 143 0.55 -9.35 3.36
C ALA A 143 0.17 -7.87 3.40
N GLY A 144 0.51 -7.18 4.49
CA GLY A 144 0.26 -5.73 4.61
C GLY A 144 -0.91 -5.41 5.56
N ALA A 145 -1.59 -6.42 6.08
CA ALA A 145 -2.63 -6.15 7.07
C ALA A 145 -2.02 -5.61 8.36
N GLN A 146 -2.82 -4.90 9.15
CA GLN A 146 -2.53 -4.59 10.53
C GLN A 146 -3.21 -5.65 11.41
N VAL A 147 -2.74 -5.78 12.64
CA VAL A 147 -3.25 -6.83 13.53
C VAL A 147 -3.79 -6.19 14.80
N ARG A 148 -4.98 -6.62 15.17
CA ARG A 148 -5.57 -6.21 16.43
C ARG A 148 -5.68 -7.43 17.33
N SER A 149 -5.03 -7.38 18.50
CA SER A 149 -5.00 -8.54 19.39
C SER A 149 -6.05 -8.39 20.49
N VAL A 150 -6.60 -9.51 20.89
CA VAL A 150 -7.77 -9.57 21.78
C VAL A 150 -7.36 -10.46 22.97
N PRO A 151 -7.34 -9.89 24.18
CA PRO A 151 -6.93 -10.65 25.35
C PRO A 151 -7.73 -11.92 25.50
N LEU A 152 -7.03 -13.02 25.66
CA LEU A 152 -7.66 -14.32 25.92
C LEU A 152 -6.95 -14.87 27.15
N VAL A 153 -7.42 -14.44 28.32
CA VAL A 153 -6.75 -14.71 29.57
C VAL A 153 -7.77 -14.89 30.67
N PRO A 154 -7.52 -15.82 31.59
CA PRO A 154 -8.44 -15.87 32.72
C PRO A 154 -8.65 -14.46 33.31
N GLY A 155 -9.90 -14.13 33.61
CA GLY A 155 -10.22 -12.88 34.27
C GLY A 155 -10.82 -11.86 33.34
N ILE A 156 -10.59 -12.07 32.04
CA ILE A 156 -11.12 -11.21 30.99
C ILE A 156 -12.11 -12.02 30.17
N ASP A 157 -13.26 -11.40 29.84
CA ASP A 157 -14.29 -12.00 29.00
C ASP A 157 -13.96 -11.80 27.52
N PHE A 158 -13.59 -12.88 26.86
CA PHE A 158 -12.99 -12.87 25.52
C PHE A 158 -13.98 -12.45 24.44
N PHE A 159 -15.23 -12.86 24.57
CA PHE A 159 -16.23 -12.52 23.54
C PHE A 159 -16.64 -11.06 23.60
N ASN A 160 -16.77 -10.54 24.81
CA ASN A 160 -16.99 -9.12 24.98
C ASN A 160 -15.86 -8.29 24.38
N GLU A 161 -14.62 -8.69 24.62
CA GLU A 161 -13.49 -7.97 24.04
C GLU A 161 -13.38 -8.20 22.53
N LEU A 162 -13.75 -9.40 22.09
CA LEU A 162 -13.72 -9.73 20.68
C LEU A 162 -14.74 -8.89 19.86
N GLU A 163 -15.93 -8.70 20.41
CA GLU A 163 -16.95 -7.92 19.72
C GLU A 163 -16.57 -6.45 19.75
N ARG A 164 -16.00 -5.99 20.86
CA ARG A 164 -15.46 -4.63 20.92
C ARG A 164 -14.43 -4.42 19.80
N ALA A 165 -13.50 -5.36 19.64
CA ALA A 165 -12.41 -5.22 18.66
C ALA A 165 -12.95 -5.13 17.24
N ILE A 166 -14.02 -5.86 16.97
CA ILE A 166 -14.75 -5.77 15.69
C ILE A 166 -15.37 -4.39 15.51
N ARG A 167 -16.09 -3.92 16.53
CA ARG A 167 -16.87 -2.68 16.42
C ARG A 167 -16.06 -1.38 16.49
N GLU A 168 -14.86 -1.45 17.05
CA GLU A 168 -14.08 -0.25 17.38
C GLU A 168 -12.90 -0.01 16.45
N SER A 169 -12.89 -0.77 15.35
CA SER A 169 -11.90 -0.63 14.29
C SER A 169 -12.62 -0.32 12.99
N ILE A 170 -12.27 0.79 12.35
CA ILE A 170 -12.80 1.14 11.03
C ILE A 170 -11.67 1.22 10.03
N PRO A 171 -11.79 0.51 8.89
CA PRO A 171 -12.89 -0.40 8.59
C PRO A 171 -12.87 -1.53 9.58
N LYS A 172 -13.94 -2.29 9.62
CA LYS A 172 -13.99 -3.39 10.55
C LYS A 172 -13.03 -4.49 10.06
N PRO A 173 -12.43 -5.22 11.00
CA PRO A 173 -11.52 -6.29 10.63
C PRO A 173 -12.17 -7.31 9.69
N ARG A 174 -11.39 -7.77 8.72
CA ARG A 174 -11.88 -8.68 7.70
C ARG A 174 -11.86 -10.13 8.14
N MET A 175 -10.96 -10.49 9.04
CA MET A 175 -10.80 -11.88 9.42
C MET A 175 -10.32 -11.98 10.86
N MET A 176 -10.56 -13.14 11.47
CA MET A 176 -10.02 -13.45 12.79
C MET A 176 -9.35 -14.83 12.66
N ILE A 177 -8.19 -14.97 13.28
CA ILE A 177 -7.37 -16.17 13.20
C ILE A 177 -7.22 -16.79 14.59
N LEU A 178 -7.62 -18.05 14.72
CA LEU A 178 -7.68 -18.75 16.01
C LEU A 178 -7.09 -20.12 15.83
N GLY A 179 -6.77 -20.77 16.92
CA GLY A 179 -6.17 -22.09 16.87
C GLY A 179 -6.25 -22.75 18.22
N PHE A 180 -6.93 -23.87 18.24
CA PHE A 180 -7.14 -24.68 19.43
C PHE A 180 -7.11 -26.15 19.03
N PRO A 181 -6.35 -26.98 19.78
CA PRO A 181 -5.67 -26.56 21.01
C PRO A 181 -4.52 -25.56 20.72
N SER A 182 -4.29 -24.64 21.65
CA SER A 182 -3.53 -23.46 21.33
C SER A 182 -2.04 -23.56 21.62
N ASN A 183 -1.29 -22.88 20.77
CA ASN A 183 0.12 -22.55 20.96
C ASN A 183 0.13 -21.09 21.33
N PRO A 184 0.62 -20.73 22.53
CA PRO A 184 1.42 -21.47 23.50
C PRO A 184 0.73 -21.97 24.77
N THR A 185 -0.51 -21.56 24.98
CA THR A 185 -1.23 -21.73 26.25
C THR A 185 -1.82 -23.12 26.51
N ALA A 186 -1.90 -23.94 25.47
CA ALA A 186 -2.49 -25.26 25.54
C ALA A 186 -4.02 -25.21 25.77
N GLN A 187 -4.64 -24.04 25.61
CA GLN A 187 -6.06 -23.92 25.90
C GLN A 187 -6.80 -24.87 24.97
N CYS A 188 -7.84 -25.48 25.48
CA CYS A 188 -8.75 -26.30 24.67
C CYS A 188 -10.11 -25.76 24.85
N VAL A 189 -10.90 -25.77 23.79
CA VAL A 189 -12.27 -25.28 23.85
C VAL A 189 -13.21 -26.39 23.44
N GLU A 190 -14.48 -26.19 23.74
CA GLU A 190 -15.48 -27.15 23.32
C GLU A 190 -16.30 -26.51 22.23
N LEU A 191 -17.27 -27.26 21.72
CA LEU A 191 -18.03 -26.82 20.57
C LEU A 191 -18.79 -25.54 20.91
N ASP A 192 -19.28 -25.41 22.15
CA ASP A 192 -19.98 -24.20 22.58
C ASP A 192 -19.19 -22.92 22.23
N PHE A 193 -17.89 -22.91 22.53
CA PHE A 193 -17.00 -21.81 22.11
C PHE A 193 -17.10 -21.53 20.63
N PHE A 194 -16.91 -22.54 19.79
CA PHE A 194 -16.91 -22.33 18.34
C PHE A 194 -18.25 -21.81 17.79
N GLU A 195 -19.37 -22.29 18.34
CA GLU A 195 -20.68 -21.85 17.87
C GLU A 195 -20.98 -20.38 18.25
N ARG A 196 -20.27 -19.86 19.24
CA ARG A 196 -20.36 -18.43 19.58
C ARG A 196 -19.40 -17.59 18.69
N VAL A 197 -18.24 -18.14 18.35
CA VAL A 197 -17.40 -17.46 17.37
C VAL A 197 -18.16 -17.33 16.06
N VAL A 198 -18.59 -18.47 15.52
CA VAL A 198 -19.34 -18.52 14.25
C VAL A 198 -20.53 -17.55 14.21
N ALA A 199 -21.29 -17.48 15.29
CA ALA A 199 -22.46 -16.59 15.31
C ALA A 199 -22.04 -15.12 15.37
N LEU A 200 -20.94 -14.86 16.07
CA LEU A 200 -20.41 -13.51 16.18
C LEU A 200 -19.82 -13.12 14.84
N ALA A 201 -19.09 -14.05 14.23
CA ALA A 201 -18.51 -13.84 12.92
C ALA A 201 -19.60 -13.55 11.90
N LYS A 202 -20.67 -14.34 11.94
CA LYS A 202 -21.77 -14.18 10.99
C LYS A 202 -22.59 -12.90 11.19
N GLN A 203 -22.70 -12.46 12.44
CA GLN A 203 -23.39 -11.21 12.77
C GLN A 203 -22.68 -10.01 12.15
N TYR A 204 -21.34 -10.03 12.14
CA TYR A 204 -20.52 -8.92 11.63
C TYR A 204 -19.86 -9.20 10.27
N ASP A 205 -20.11 -10.38 9.71
CA ASP A 205 -19.50 -10.80 8.44
C ASP A 205 -17.97 -10.67 8.47
N VAL A 206 -17.38 -11.31 9.48
CA VAL A 206 -15.94 -11.36 9.63
C VAL A 206 -15.55 -12.81 9.37
N MET A 207 -14.66 -13.05 8.39
CA MET A 207 -14.22 -14.41 8.08
C MET A 207 -13.45 -15.02 9.28
N VAL A 208 -13.50 -16.35 9.41
CA VAL A 208 -12.82 -17.02 10.50
C VAL A 208 -11.85 -18.05 9.97
N VAL A 209 -10.61 -17.93 10.43
CA VAL A 209 -9.57 -18.91 10.15
C VAL A 209 -9.28 -19.67 11.44
N HIS A 210 -9.38 -21.00 11.36
CA HIS A 210 -9.06 -21.84 12.50
C HIS A 210 -7.93 -22.82 12.17
N ASP A 211 -6.93 -22.85 13.04
CA ASP A 211 -5.75 -23.71 12.94
C ASP A 211 -5.85 -24.95 13.82
N LEU A 212 -6.00 -26.11 13.19
CA LEU A 212 -6.32 -27.38 13.89
C LEU A 212 -5.08 -28.25 14.06
N ALA A 213 -3.92 -27.61 14.00
CA ALA A 213 -2.62 -28.27 13.97
C ALA A 213 -2.45 -29.35 15.03
N TYR A 214 -2.96 -29.08 16.23
CA TYR A 214 -2.81 -29.99 17.39
C TYR A 214 -4.06 -30.90 17.65
N ALA A 215 -4.88 -31.13 16.64
CA ALA A 215 -6.06 -32.03 16.78
C ALA A 215 -5.76 -33.35 17.47
N ASP A 216 -4.60 -33.95 17.16
CA ASP A 216 -4.30 -35.31 17.65
C ASP A 216 -3.50 -35.36 18.94
N ILE A 217 -2.89 -34.24 19.30
CA ILE A 217 -2.03 -34.16 20.49
C ILE A 217 -2.95 -33.80 21.67
N VAL A 218 -3.73 -34.80 22.08
CA VAL A 218 -4.69 -34.63 23.14
C VAL A 218 -4.41 -35.64 24.23
N TYR A 219 -4.62 -35.27 25.48
CA TYR A 219 -4.30 -36.14 26.59
C TYR A 219 -5.50 -36.55 27.43
N ASP A 220 -5.33 -37.65 28.18
CA ASP A 220 -6.28 -38.09 29.18
C ASP A 220 -7.74 -38.17 28.68
N GLY A 221 -7.91 -38.57 27.42
CA GLY A 221 -9.26 -38.85 26.87
C GLY A 221 -9.94 -37.59 26.39
N TRP A 222 -9.31 -36.45 26.55
CA TRP A 222 -9.85 -35.19 26.08
C TRP A 222 -9.88 -35.22 24.56
N LYS A 223 -10.64 -34.34 23.97
CA LYS A 223 -10.84 -34.36 22.52
C LYS A 223 -11.04 -32.95 22.05
N ALA A 224 -10.52 -32.67 20.86
CA ALA A 224 -10.57 -31.36 20.27
C ALA A 224 -11.57 -31.34 19.12
N PRO A 225 -12.61 -30.51 19.22
CA PRO A 225 -13.57 -30.32 18.16
C PRO A 225 -13.00 -29.52 16.99
N SER A 226 -13.67 -29.63 15.84
CA SER A 226 -13.40 -28.81 14.65
C SER A 226 -14.44 -27.71 14.58
N ILE A 227 -14.01 -26.50 14.21
CA ILE A 227 -14.96 -25.40 13.94
C ILE A 227 -16.03 -25.80 12.91
N MET A 228 -15.75 -26.80 12.08
CA MET A 228 -16.73 -27.29 11.08
C MET A 228 -17.90 -28.11 11.61
N GLN A 229 -17.85 -28.55 12.88
CA GLN A 229 -19.03 -29.20 13.49
C GLN A 229 -20.14 -28.18 13.75
N VAL A 230 -19.78 -26.90 13.83
CA VAL A 230 -20.78 -25.85 13.93
C VAL A 230 -21.50 -25.69 12.59
N PRO A 231 -22.82 -25.94 12.56
CA PRO A 231 -23.59 -25.89 11.32
C PRO A 231 -23.62 -24.50 10.71
N GLY A 232 -23.37 -24.41 9.40
CA GLY A 232 -23.17 -23.12 8.74
C GLY A 232 -21.74 -22.54 8.91
N ALA A 233 -20.86 -23.27 9.59
CA ALA A 233 -19.46 -22.85 9.70
C ALA A 233 -18.90 -22.50 8.33
N LYS A 234 -19.25 -23.31 7.33
CA LYS A 234 -18.65 -23.17 6.00
C LYS A 234 -19.00 -21.85 5.29
N ASP A 235 -20.12 -21.24 5.66
CA ASP A 235 -20.49 -19.90 5.15
C ASP A 235 -19.47 -18.79 5.52
N ILE A 236 -18.72 -18.98 6.62
CA ILE A 236 -17.91 -17.90 7.18
C ILE A 236 -16.45 -18.27 7.53
N ALA A 237 -16.04 -19.51 7.27
CA ALA A 237 -14.91 -20.07 7.97
C ALA A 237 -14.07 -21.05 7.16
N VAL A 238 -12.78 -21.08 7.44
CA VAL A 238 -11.88 -22.12 6.93
C VAL A 238 -11.04 -22.70 8.06
N GLU A 239 -10.54 -23.91 7.84
CA GLU A 239 -9.73 -24.61 8.83
C GLU A 239 -8.50 -25.17 8.17
N PHE A 240 -7.37 -25.00 8.86
CA PHE A 240 -6.08 -25.55 8.45
C PHE A 240 -5.68 -26.71 9.34
N PHE A 241 -5.18 -27.76 8.69
CA PHE A 241 -4.56 -28.86 9.39
C PHE A 241 -3.25 -29.25 8.67
N THR A 242 -2.20 -29.41 9.47
CA THR A 242 -0.88 -29.80 8.99
C THR A 242 -0.65 -31.25 9.41
N LEU A 243 0.13 -31.99 8.63
CA LEU A 243 0.54 -33.36 8.98
C LEU A 243 1.75 -33.36 9.95
N SER A 244 2.33 -32.19 10.18
CA SER A 244 3.58 -32.05 10.98
C SER A 244 3.59 -32.70 12.38
N LYS A 245 2.60 -32.39 13.21
CA LYS A 245 2.59 -32.82 14.61
C LYS A 245 2.04 -34.25 14.78
N SER A 246 0.90 -34.49 14.15
CA SER A 246 0.24 -35.79 14.25
C SER A 246 1.12 -36.93 13.75
N TYR A 247 1.92 -36.68 12.72
CA TYR A 247 2.69 -37.75 12.07
C TYR A 247 4.25 -37.55 12.05
N ASN A 248 4.77 -36.67 12.90
CA ASN A 248 6.22 -36.35 12.90
C ASN A 248 6.71 -36.03 11.47
N MET A 249 5.94 -35.19 10.76
CA MET A 249 6.28 -34.78 9.40
C MET A 249 6.67 -33.28 9.40
N ALA A 250 7.54 -32.92 10.34
CA ALA A 250 7.96 -31.52 10.51
C ALA A 250 8.91 -31.15 9.41
N GLY A 251 8.62 -30.07 8.71
CA GLY A 251 9.50 -29.61 7.64
C GLY A 251 9.17 -30.24 6.30
N TRP A 252 8.05 -30.98 6.24
CA TRP A 252 7.61 -31.74 5.04
C TRP A 252 6.72 -30.92 4.12
N ARG A 253 6.29 -29.77 4.65
CA ARG A 253 5.67 -28.78 3.83
C ARG A 253 4.43 -29.39 3.20
N ILE A 254 3.58 -29.98 4.05
CA ILE A 254 2.32 -30.53 3.53
C ILE A 254 1.16 -30.53 4.53
N GLY A 255 -0.02 -30.12 4.05
CA GLY A 255 -1.21 -30.08 4.89
C GLY A 255 -2.45 -29.89 4.03
N PHE A 256 -3.47 -29.26 4.60
CA PHE A 256 -4.60 -28.84 3.83
C PHE A 256 -5.48 -27.84 4.51
N MET A 257 -6.38 -27.26 3.71
CA MET A 257 -7.37 -26.31 4.16
C MET A 257 -8.73 -26.78 3.68
N VAL A 258 -9.73 -26.60 4.54
CA VAL A 258 -11.09 -26.94 4.22
C VAL A 258 -12.05 -25.85 4.66
N GLY A 259 -13.24 -25.84 4.04
CA GLY A 259 -14.34 -24.96 4.46
C GLY A 259 -14.82 -24.13 3.30
N ASN A 260 -14.96 -22.82 3.52
CA ASN A 260 -15.56 -21.93 2.53
C ASN A 260 -15.02 -22.16 1.11
N PRO A 261 -15.90 -22.42 0.14
CA PRO A 261 -15.43 -22.71 -1.21
C PRO A 261 -14.73 -21.54 -1.91
N GLU A 262 -15.09 -20.32 -1.53
CA GLU A 262 -14.52 -19.12 -2.14
C GLU A 262 -13.10 -18.85 -1.63
N LEU A 263 -12.90 -18.99 -0.32
CA LEU A 263 -11.58 -18.83 0.22
C LEU A 263 -10.71 -19.97 -0.30
N VAL A 264 -11.34 -21.11 -0.60
CA VAL A 264 -10.57 -22.24 -1.13
C VAL A 264 -10.12 -21.99 -2.56
N SER A 265 -11.03 -21.44 -3.35
CA SER A 265 -10.77 -21.03 -4.71
C SER A 265 -9.74 -19.91 -4.74
N ALA A 266 -9.87 -18.96 -3.82
CA ALA A 266 -8.87 -17.90 -3.64
C ALA A 266 -7.46 -18.44 -3.39
N LEU A 267 -7.36 -19.46 -2.55
CA LEU A 267 -6.06 -20.06 -2.25
C LEU A 267 -5.57 -20.76 -3.51
N ALA A 268 -6.53 -21.34 -4.26
CA ALA A 268 -6.21 -22.08 -5.47
C ALA A 268 -5.60 -21.18 -6.54
N ARG A 269 -6.18 -20.00 -6.74
CA ARG A 269 -5.72 -19.08 -7.77
C ARG A 269 -4.31 -18.54 -7.49
N ILE A 270 -4.03 -18.18 -6.23
CA ILE A 270 -2.71 -17.62 -5.90
C ILE A 270 -1.61 -18.69 -6.01
N LYS A 271 -1.98 -19.93 -5.69
CA LYS A 271 -1.11 -21.08 -5.89
C LYS A 271 -0.76 -21.26 -7.36
N SER A 272 -1.76 -21.09 -8.25
CA SER A 272 -1.53 -21.23 -9.69
C SER A 272 -0.42 -20.30 -10.17
N TYR A 273 -0.52 -19.04 -9.78
CA TYR A 273 0.41 -18.01 -10.24
C TYR A 273 1.82 -18.21 -9.66
N HIS A 274 1.91 -18.54 -8.38
CA HIS A 274 3.19 -18.84 -7.74
C HIS A 274 3.85 -20.07 -8.33
N ASP A 275 3.06 -21.12 -8.55
CA ASP A 275 3.56 -22.38 -9.08
C ASP A 275 4.79 -22.84 -8.31
N TYR A 276 4.66 -22.92 -6.98
CA TYR A 276 5.76 -23.41 -6.15
C TYR A 276 6.02 -24.90 -6.39
N GLY A 277 5.01 -25.63 -6.85
CA GLY A 277 5.17 -27.02 -7.29
C GLY A 277 4.02 -27.95 -6.92
N THR A 278 3.92 -29.05 -7.66
CA THR A 278 3.00 -30.15 -7.36
C THR A 278 3.39 -30.93 -6.10
N PHE A 279 4.64 -31.41 -6.07
CA PHE A 279 5.15 -32.27 -4.99
C PHE A 279 4.29 -33.54 -4.81
N THR A 280 4.11 -34.28 -5.90
CA THR A 280 3.33 -35.52 -5.85
C THR A 280 3.89 -36.50 -4.82
N PRO A 281 5.23 -36.72 -4.82
CA PRO A 281 5.76 -37.63 -3.81
C PRO A 281 5.28 -37.32 -2.40
N LEU A 282 5.30 -36.04 -2.04
CA LEU A 282 4.80 -35.60 -0.73
C LEU A 282 3.28 -35.74 -0.55
N GLN A 283 2.52 -35.52 -1.62
CA GLN A 283 1.08 -35.73 -1.57
C GLN A 283 0.79 -37.22 -1.40
N VAL A 284 1.52 -38.05 -2.14
CA VAL A 284 1.46 -39.48 -2.01
C VAL A 284 1.78 -39.96 -0.60
N ALA A 285 2.87 -39.47 0.00
CA ALA A 285 3.16 -39.77 1.39
C ALA A 285 2.03 -39.32 2.31
N ALA A 286 1.47 -38.14 2.03
CA ALA A 286 0.37 -37.59 2.81
C ALA A 286 -0.85 -38.51 2.78
N ILE A 287 -1.09 -39.13 1.63
CA ILE A 287 -2.14 -40.10 1.53
C ILE A 287 -1.85 -41.29 2.47
N ALA A 288 -0.60 -41.75 2.49
CA ALA A 288 -0.21 -42.84 3.40
C ALA A 288 -0.47 -42.50 4.88
N ALA A 289 -0.18 -41.25 5.25
CA ALA A 289 -0.43 -40.83 6.64
C ALA A 289 -1.93 -40.95 6.99
N LEU A 290 -2.77 -40.37 6.15
CA LEU A 290 -4.19 -40.27 6.41
C LEU A 290 -4.93 -41.62 6.30
N GLU A 291 -4.56 -42.47 5.33
CA GLU A 291 -5.22 -43.77 5.11
C GLU A 291 -4.53 -44.93 5.85
N GLY A 292 -3.30 -44.73 6.28
CA GLY A 292 -2.54 -45.78 6.99
C GLY A 292 -3.05 -46.08 8.39
N ASP A 293 -2.37 -46.98 9.10
CA ASP A 293 -2.72 -47.27 10.49
C ASP A 293 -2.51 -45.99 11.30
N GLN A 294 -3.47 -45.65 12.14
CA GLN A 294 -3.48 -44.42 12.90
C GLN A 294 -2.94 -44.59 14.31
N GLN A 295 -2.46 -45.79 14.61
CA GLN A 295 -1.83 -46.08 15.90
C GLN A 295 -0.58 -45.20 16.10
N CYS A 296 0.19 -44.99 15.04
CA CYS A 296 1.40 -44.16 15.13
C CYS A 296 1.06 -42.76 15.63
N VAL A 297 -0.13 -42.26 15.28
CA VAL A 297 -0.59 -40.98 15.80
C VAL A 297 -0.83 -41.06 17.30
N ARG A 298 -1.66 -42.02 17.70
CA ARG A 298 -1.90 -42.33 19.12
C ARG A 298 -0.59 -42.56 19.89
N ASP A 299 0.40 -43.23 19.29
CA ASP A 299 1.73 -43.45 19.90
C ASP A 299 2.46 -42.13 20.12
N ILE A 300 2.34 -41.25 19.12
CA ILE A 300 2.92 -39.94 19.18
C ILE A 300 2.30 -39.08 20.30
N ALA A 301 0.99 -39.05 20.39
CA ALA A 301 0.29 -38.36 21.48
C ALA A 301 0.70 -38.93 22.85
N ARG A 302 0.68 -40.26 22.94
CA ARG A 302 1.08 -40.93 24.18
C ARG A 302 2.48 -40.53 24.61
N GLN A 303 3.40 -40.47 23.66
CA GLN A 303 4.77 -40.07 24.01
C GLN A 303 4.83 -38.66 24.57
N TYR A 304 4.11 -37.74 23.97
CA TYR A 304 4.03 -36.41 24.51
C TYR A 304 3.35 -36.39 25.89
N GLN A 305 2.32 -37.22 26.10
CA GLN A 305 1.62 -37.31 27.37
C GLN A 305 2.56 -37.82 28.44
N GLN A 306 3.46 -38.72 28.06
CA GLN A 306 4.41 -39.25 29.02
C GLN A 306 5.46 -38.19 29.38
N ARG A 307 5.97 -37.47 28.40
CA ARG A 307 6.91 -36.38 28.64
C ARG A 307 6.29 -35.26 29.45
N ARG A 308 5.03 -34.94 29.17
CA ARG A 308 4.28 -33.99 29.99
C ARG A 308 4.15 -34.47 31.42
N ASP A 309 3.80 -35.72 31.63
CA ASP A 309 3.70 -36.20 33.01
C ASP A 309 5.02 -35.97 33.76
N VAL A 310 6.17 -36.18 33.11
CA VAL A 310 7.47 -36.09 33.80
C VAL A 310 7.88 -34.65 34.09
N LEU A 311 7.55 -33.74 33.19
CA LEU A 311 7.90 -32.34 33.39
C LEU A 311 7.01 -31.65 34.44
N VAL A 312 5.68 -31.87 34.37
CA VAL A 312 4.68 -31.32 35.30
C VAL A 312 4.89 -31.83 36.72
N LYS A 313 4.97 -33.16 36.85
CA LYS A 313 5.23 -33.77 38.15
C LYS A 313 6.57 -33.30 38.71
N GLY A 314 7.61 -33.29 37.90
CA GLY A 314 8.91 -32.79 38.35
C GLY A 314 8.89 -31.34 38.81
N LEU A 315 8.26 -30.46 38.05
CA LEU A 315 8.25 -29.06 38.42
C LEU A 315 7.51 -28.90 39.73
N ARG A 316 6.39 -29.60 39.84
CA ARG A 316 5.57 -29.56 41.04
C ARG A 316 6.28 -30.07 42.27
N GLU A 317 7.09 -31.11 42.13
CA GLU A 317 7.94 -31.58 43.24
C GLU A 317 8.92 -30.51 43.70
N ALA A 318 9.34 -29.65 42.78
CA ALA A 318 10.21 -28.52 43.09
C ALA A 318 9.41 -27.33 43.62
N GLY A 319 8.09 -27.37 43.49
CA GLY A 319 7.24 -26.30 44.06
C GLY A 319 6.77 -25.29 43.04
N TRP A 320 7.05 -25.56 41.77
CA TRP A 320 6.51 -24.76 40.68
C TRP A 320 5.27 -25.47 40.14
N MET A 321 4.08 -25.01 40.54
CA MET A 321 2.82 -25.72 40.29
C MET A 321 2.21 -25.39 38.94
N VAL A 322 2.90 -25.74 37.87
CA VAL A 322 2.46 -25.45 36.52
C VAL A 322 1.09 -26.10 36.22
N GLU A 323 0.34 -25.47 35.31
CA GLU A 323 -0.91 -26.06 34.82
C GLU A 323 -0.58 -27.27 33.97
N ASN A 324 -1.36 -28.32 34.13
CA ASN A 324 -1.26 -29.52 33.31
C ASN A 324 -1.98 -29.27 31.99
N PRO A 325 -1.24 -29.25 30.87
CA PRO A 325 -1.90 -29.09 29.57
C PRO A 325 -2.74 -30.31 29.27
N LYS A 326 -3.86 -30.09 28.57
CA LYS A 326 -4.80 -31.13 28.16
C LYS A 326 -4.59 -31.53 26.69
N ALA A 327 -3.70 -30.78 26.03
CA ALA A 327 -3.41 -30.92 24.62
C ALA A 327 -2.25 -29.98 24.19
N SER A 328 -1.73 -30.17 22.97
CA SER A 328 -0.55 -29.44 22.46
C SER A 328 0.73 -29.97 23.03
N MET A 329 1.78 -29.77 22.27
CA MET A 329 3.15 -30.06 22.73
C MET A 329 3.69 -29.20 23.86
N TYR A 330 2.88 -28.33 24.48
CA TYR A 330 3.37 -27.28 25.38
C TYR A 330 2.84 -27.28 26.80
N VAL A 331 3.73 -26.95 27.74
CA VAL A 331 3.34 -26.61 29.09
C VAL A 331 3.54 -25.13 29.24
N TRP A 332 2.49 -24.47 29.68
CA TRP A 332 2.40 -23.03 29.75
C TRP A 332 2.44 -22.75 31.24
N ALA A 333 3.63 -22.31 31.71
CA ALA A 333 3.96 -22.25 33.14
C ALA A 333 3.97 -20.81 33.69
N LYS A 334 3.09 -20.54 34.67
CA LYS A 334 3.03 -19.22 35.28
C LYS A 334 4.32 -18.98 36.03
N ILE A 335 4.93 -17.81 35.85
CA ILE A 335 6.20 -17.55 36.54
C ILE A 335 5.89 -17.53 38.01
N PRO A 336 6.69 -18.25 38.82
CA PRO A 336 6.33 -18.23 40.24
C PRO A 336 6.42 -16.81 40.86
N GLU A 337 5.55 -16.51 41.83
CA GLU A 337 5.45 -15.15 42.37
C GLU A 337 6.78 -14.47 42.71
N PRO A 338 7.77 -15.22 43.24
CA PRO A 338 9.07 -14.60 43.60
C PRO A 338 9.89 -14.08 42.42
N TYR A 339 9.62 -14.65 41.24
CA TYR A 339 10.29 -14.26 40.00
C TYR A 339 9.40 -13.42 39.09
N ALA A 340 8.13 -13.31 39.44
CA ALA A 340 7.12 -12.59 38.65
C ALA A 340 7.61 -11.21 38.23
N HIS A 341 8.34 -10.56 39.14
CA HIS A 341 8.76 -9.18 38.95
C HIS A 341 9.86 -9.02 37.89
N LEU A 342 10.52 -10.13 37.54
CA LEU A 342 11.60 -10.06 36.56
C LEU A 342 11.03 -9.92 35.15
N GLY A 343 9.78 -10.36 34.96
CA GLY A 343 9.16 -10.44 33.64
C GLY A 343 9.70 -11.66 32.90
N SER A 344 9.03 -12.08 31.83
CA SER A 344 9.29 -13.39 31.21
C SER A 344 10.61 -13.51 30.45
N LEU A 345 11.02 -12.48 29.74
CA LEU A 345 12.25 -12.56 29.00
C LEU A 345 13.43 -12.65 30.01
N GLU A 346 13.39 -11.85 31.06
CA GLU A 346 14.43 -11.90 32.06
C GLU A 346 14.41 -13.19 32.87
N PHE A 347 13.22 -13.75 33.11
CA PHE A 347 13.13 -15.02 33.81
C PHE A 347 13.59 -16.20 32.99
N ALA A 348 13.36 -16.10 31.68
CA ALA A 348 13.81 -17.07 30.70
C ALA A 348 15.32 -17.08 30.64
N LYS A 349 15.90 -15.89 30.63
CA LYS A 349 17.34 -15.76 30.62
C LYS A 349 17.92 -16.43 31.86
N LYS A 350 17.34 -16.14 33.02
CA LYS A 350 17.78 -16.77 34.27
C LYS A 350 17.69 -18.27 34.19
N LEU A 351 16.58 -18.81 33.67
CA LEU A 351 16.44 -20.26 33.51
C LEU A 351 17.57 -20.84 32.67
N LEU A 352 17.94 -20.16 31.60
CA LEU A 352 19.05 -20.64 30.77
C LEU A 352 20.38 -20.59 31.54
N GLN A 353 20.68 -19.45 32.17
CA GLN A 353 21.95 -19.29 32.89
C GLN A 353 22.07 -20.22 34.11
N ASP A 354 21.00 -20.26 34.92
CA ASP A 354 21.01 -20.95 36.20
C ASP A 354 20.61 -22.41 36.10
N ALA A 355 19.58 -22.73 35.32
CA ALA A 355 19.01 -24.09 35.28
C ALA A 355 19.49 -24.91 34.08
N LYS A 356 19.99 -24.23 33.05
CA LYS A 356 20.53 -24.86 31.85
C LYS A 356 19.39 -25.41 31.02
N VAL A 357 18.28 -24.70 31.05
CA VAL A 357 17.10 -25.06 30.33
C VAL A 357 16.67 -23.86 29.52
N SER A 358 16.44 -24.06 28.23
CA SER A 358 15.96 -23.02 27.32
C SER A 358 14.44 -23.14 27.19
N VAL A 359 13.75 -22.05 27.55
CA VAL A 359 12.28 -21.95 27.38
C VAL A 359 11.98 -20.75 26.52
N SER A 360 10.75 -20.66 26.03
CA SER A 360 10.35 -19.50 25.23
C SER A 360 9.62 -18.53 26.14
N PRO A 361 10.04 -17.25 26.17
CA PRO A 361 9.36 -16.32 27.08
C PRO A 361 7.96 -15.93 26.61
N GLY A 362 7.04 -15.82 27.55
CA GLY A 362 5.64 -15.69 27.19
C GLY A 362 5.38 -14.43 26.37
N ILE A 363 6.13 -13.37 26.63
CA ILE A 363 5.92 -12.09 25.93
C ILE A 363 6.09 -12.16 24.41
N GLY A 364 6.86 -13.14 23.93
CA GLY A 364 7.01 -13.33 22.50
C GLY A 364 5.69 -13.70 21.85
N PHE A 365 4.73 -14.18 22.66
CA PHE A 365 3.40 -14.51 22.16
C PHE A 365 2.35 -13.39 22.31
N GLY A 366 2.76 -12.21 22.81
CA GLY A 366 1.83 -11.10 23.11
C GLY A 366 2.00 -10.62 24.55
N ASP A 367 1.70 -9.34 24.81
CA ASP A 367 1.98 -8.74 26.12
C ASP A 367 1.34 -9.48 27.30
N TYR A 368 0.16 -10.03 27.04
CA TYR A 368 -0.63 -10.72 28.05
C TYR A 368 -0.05 -12.07 28.44
N GLY A 369 1.09 -12.44 27.86
CA GLY A 369 1.80 -13.65 28.24
C GLY A 369 3.08 -13.37 29.02
N ASP A 370 3.35 -12.10 29.33
CA ASP A 370 4.62 -11.75 30.02
C ASP A 370 4.78 -12.41 31.40
N ASP A 371 3.72 -13.00 31.91
CA ASP A 371 3.75 -13.68 33.20
C ASP A 371 3.87 -15.21 33.07
N HIS A 372 4.14 -15.73 31.88
CA HIS A 372 4.36 -17.16 31.74
C HIS A 372 5.60 -17.40 30.91
N VAL A 373 6.09 -18.64 30.95
CA VAL A 373 7.03 -19.17 29.97
C VAL A 373 6.45 -20.41 29.34
N ARG A 374 6.86 -20.72 28.12
CA ARG A 374 6.41 -21.96 27.40
C ARG A 374 7.52 -23.01 27.35
N PHE A 375 7.26 -24.22 27.82
CA PHE A 375 8.11 -25.35 27.53
C PHE A 375 7.47 -26.12 26.39
N ALA A 376 8.32 -26.66 25.52
CA ALA A 376 7.90 -27.56 24.45
C ALA A 376 8.42 -28.94 24.81
N LEU A 377 7.59 -29.97 24.66
CA LEU A 377 7.93 -31.32 25.11
C LEU A 377 8.66 -32.09 24.00
N ILE A 378 9.85 -31.60 23.68
CA ILE A 378 10.58 -32.02 22.47
C ILE A 378 11.92 -32.64 22.85
N GLU A 379 12.08 -32.99 24.10
CA GLU A 379 13.29 -33.63 24.56
C GLU A 379 12.80 -34.89 25.30
N ASN A 380 13.64 -35.92 25.40
CA ASN A 380 13.21 -37.21 25.96
C ASN A 380 13.13 -37.13 27.48
N ARG A 381 12.60 -38.16 28.13
CA ARG A 381 12.32 -38.05 29.55
C ARG A 381 13.56 -37.95 30.44
N ASP A 382 14.65 -38.62 30.10
CA ASP A 382 15.88 -38.47 30.86
C ASP A 382 16.28 -37.01 30.88
N ARG A 383 16.19 -36.38 29.71
CA ARG A 383 16.58 -35.00 29.53
C ARG A 383 15.64 -34.04 30.26
N LEU A 384 14.36 -34.38 30.25
CA LEU A 384 13.35 -33.64 30.99
C LEU A 384 13.58 -33.76 32.48
N ARG A 385 13.98 -34.95 32.93
CA ARG A 385 14.44 -35.09 34.31
C ARG A 385 15.64 -34.19 34.62
N GLN A 386 16.59 -34.12 33.69
CA GLN A 386 17.78 -33.28 33.87
C GLN A 386 17.37 -31.81 33.97
N ALA A 387 16.52 -31.33 33.07
CA ALA A 387 15.95 -29.98 33.18
C ALA A 387 15.41 -29.73 34.57
N VAL A 388 14.49 -30.58 34.99
CA VAL A 388 13.83 -30.44 36.29
C VAL A 388 14.82 -30.32 37.45
N ARG A 389 15.87 -31.13 37.42
CA ARG A 389 16.89 -31.05 38.42
C ARG A 389 17.63 -29.71 38.40
N GLY A 390 17.89 -29.18 37.21
CA GLY A 390 18.51 -27.87 37.12
C GLY A 390 17.63 -26.79 37.70
N ILE A 391 16.33 -26.88 37.41
CA ILE A 391 15.35 -25.88 37.87
C ILE A 391 15.20 -25.96 39.38
N LYS A 392 15.31 -27.15 39.93
CA LYS A 392 15.17 -27.33 41.34
C LYS A 392 16.42 -26.80 42.04
N ALA A 393 17.60 -27.09 41.49
CA ALA A 393 18.85 -26.56 42.05
C ALA A 393 18.85 -25.02 42.06
N MET A 394 18.15 -24.40 41.11
CA MET A 394 18.06 -22.94 41.01
C MET A 394 17.09 -22.37 42.04
N PHE A 395 15.98 -23.03 42.30
CA PHE A 395 15.09 -22.59 43.37
C PHE A 395 15.76 -22.67 44.72
N ARG A 396 16.57 -23.72 44.89
CA ARG A 396 17.25 -23.97 46.16
C ARG A 396 18.36 -22.94 46.41
N ALA A 397 19.13 -22.62 45.37
CA ALA A 397 20.15 -21.58 45.52
C ALA A 397 19.53 -20.20 45.73
N ASP A 398 18.26 -20.00 45.33
CA ASP A 398 17.62 -18.70 45.53
C ASP A 398 16.89 -18.54 46.87
N GLY A 399 16.87 -19.59 47.69
CA GLY A 399 16.25 -19.52 49.02
C GLY A 399 14.74 -19.49 48.92
N LEU A 400 14.22 -20.08 47.83
CA LEU A 400 12.80 -20.06 47.51
C LEU A 400 12.31 -21.45 47.15
N VAL B 21 13.71 19.98 -8.61
CA VAL B 21 14.81 20.96 -8.84
C VAL B 21 14.35 22.41 -8.65
N PHE B 22 13.04 22.66 -8.73
CA PHE B 22 12.50 24.01 -8.56
C PHE B 22 12.83 24.59 -7.19
N ASN B 23 12.78 23.75 -6.16
CA ASN B 23 13.25 24.14 -4.84
C ASN B 23 14.72 24.58 -4.86
N ILE B 24 15.54 23.92 -5.67
CA ILE B 24 16.94 24.34 -5.86
C ILE B 24 17.02 25.77 -6.39
N THR B 25 16.26 26.04 -7.45
CA THR B 25 16.30 27.35 -8.11
C THR B 25 15.46 28.41 -7.38
N ALA B 26 14.52 27.99 -6.55
CA ALA B 26 13.75 28.91 -5.71
C ALA B 26 14.59 29.38 -4.51
N GLU B 27 15.57 28.56 -4.10
CA GLU B 27 16.46 28.87 -2.98
C GLU B 27 17.71 29.67 -3.38
N LEU B 28 18.24 29.43 -4.58
CA LEU B 28 19.32 30.25 -5.15
C LEU B 28 18.82 31.67 -5.45
N LYS B 29 17.59 31.74 -5.95
CA LYS B 29 16.92 33.02 -6.21
C LYS B 29 16.76 33.82 -4.92
N MET B 30 16.31 33.14 -3.86
CA MET B 30 16.10 33.78 -2.55
C MET B 30 17.42 34.05 -1.83
N ALA B 31 18.46 33.32 -2.19
CA ALA B 31 19.81 33.59 -1.72
C ALA B 31 20.41 34.80 -2.44
N ALA B 32 20.03 35.02 -3.70
CA ALA B 32 20.51 36.18 -4.45
C ALA B 32 19.88 37.46 -3.89
N ARG B 33 18.59 37.40 -3.61
CA ARG B 33 17.89 38.53 -2.98
C ARG B 33 18.25 38.66 -1.49
N ARG B 34 18.71 37.57 -0.92
CA ARG B 34 19.28 37.62 0.42
C ARG B 34 20.51 38.51 0.40
N ARG B 35 21.14 38.55 -0.78
CA ARG B 35 22.36 39.28 -1.00
C ARG B 35 22.17 40.68 -1.58
N GLY B 36 20.92 41.12 -1.77
CA GLY B 36 20.65 42.49 -2.24
C GLY B 36 20.81 42.69 -3.73
N GLU B 37 20.68 41.60 -4.48
CA GLU B 37 20.63 41.67 -5.94
C GLU B 37 19.21 41.94 -6.43
N ASP B 38 19.12 42.65 -7.55
CA ASP B 38 17.84 42.98 -8.17
C ASP B 38 17.44 41.90 -9.19
N ILE B 39 16.95 40.78 -8.67
CA ILE B 39 16.66 39.63 -9.50
C ILE B 39 15.28 39.74 -10.18
N ILE B 40 15.29 39.74 -11.51
CA ILE B 40 14.03 39.70 -12.26
C ILE B 40 13.53 38.26 -12.26
N ASP B 41 12.45 38.01 -11.52
CA ASP B 41 11.89 36.67 -11.34
C ASP B 41 10.93 36.26 -12.47
N LEU B 42 11.45 35.52 -13.44
CA LEU B 42 10.63 34.98 -14.53
C LEU B 42 10.51 33.46 -14.44
N SER B 43 10.42 32.93 -13.22
CA SER B 43 10.55 31.50 -12.96
C SER B 43 9.30 30.84 -12.37
N MET B 44 8.51 31.60 -11.63
CA MET B 44 7.21 31.14 -11.14
C MET B 44 6.25 31.26 -12.30
N GLY B 45 5.08 30.64 -12.20
CA GLY B 45 4.01 30.83 -13.16
C GLY B 45 2.77 31.49 -12.55
N ASN B 46 2.99 32.47 -11.68
CA ASN B 46 1.88 33.10 -10.94
C ASN B 46 1.68 34.58 -11.23
N PRO B 47 0.49 34.93 -11.74
CA PRO B 47 0.15 36.29 -12.14
C PRO B 47 0.53 37.35 -11.12
N ASP B 48 1.13 38.43 -11.60
CA ASP B 48 1.43 39.62 -10.79
C ASP B 48 0.25 40.59 -10.79
N GLY B 49 -0.63 40.42 -11.78
CA GLY B 49 -1.63 41.43 -12.11
C GLY B 49 -2.78 41.49 -11.14
N PRO B 50 -3.54 42.59 -11.18
CA PRO B 50 -4.66 42.81 -10.28
C PRO B 50 -5.87 42.01 -10.68
N THR B 51 -6.55 41.40 -9.72
CA THR B 51 -7.82 40.73 -10.01
C THR B 51 -8.85 41.78 -10.41
N PRO B 52 -9.66 41.49 -11.45
CA PRO B 52 -10.67 42.45 -11.88
C PRO B 52 -11.49 42.96 -10.69
N PRO B 53 -11.60 44.29 -10.55
CA PRO B 53 -12.17 44.87 -9.32
C PRO B 53 -13.61 44.41 -9.03
N HIS B 54 -14.39 44.12 -10.07
CA HIS B 54 -15.76 43.63 -9.85
C HIS B 54 -15.76 42.29 -9.11
N ILE B 55 -14.73 41.47 -9.35
CA ILE B 55 -14.60 40.18 -8.67
C ILE B 55 -14.19 40.38 -7.20
N VAL B 56 -13.23 41.26 -6.97
CA VAL B 56 -12.77 41.56 -5.61
C VAL B 56 -13.85 42.22 -4.76
N GLU B 57 -14.67 43.07 -5.39
CA GLU B 57 -15.78 43.73 -4.68
C GLU B 57 -16.78 42.71 -4.16
N LYS B 58 -17.15 41.77 -5.02
CA LYS B 58 -18.10 40.71 -4.67
C LYS B 58 -17.60 39.84 -3.52
N LEU B 59 -16.27 39.70 -3.40
CA LEU B 59 -15.66 39.02 -2.25
C LEU B 59 -15.91 39.78 -0.96
N CYS B 60 -15.68 41.10 -1.00
CA CYS B 60 -15.98 42.00 0.13
C CYS B 60 -17.43 41.98 0.59
N THR B 61 -18.35 41.89 -0.36
CA THR B 61 -19.76 41.88 -0.02
C THR B 61 -20.10 40.60 0.71
N VAL B 62 -19.68 39.46 0.15
CA VAL B 62 -19.97 38.17 0.73
C VAL B 62 -19.42 38.01 2.15
N ALA B 63 -18.27 38.64 2.43
CA ALA B 63 -17.67 38.62 3.76
C ALA B 63 -18.48 39.42 4.79
N GLN B 64 -19.23 40.41 4.32
CA GLN B 64 -20.06 41.27 5.18
C GLN B 64 -21.29 40.54 5.72
N SER B 74 -22.46 19.45 -2.06
CA SER B 74 -21.08 18.98 -2.03
C SER B 74 -20.31 19.19 -3.33
N ARG B 75 -21.06 19.42 -4.41
CA ARG B 75 -20.50 19.54 -5.75
C ARG B 75 -20.12 20.97 -6.10
N GLY B 76 -20.31 21.87 -5.13
CA GLY B 76 -20.15 23.30 -5.34
C GLY B 76 -21.52 23.94 -5.50
N ILE B 77 -21.57 25.24 -5.24
CA ILE B 77 -22.80 26.03 -5.35
C ILE B 77 -23.49 25.76 -6.69
N PRO B 78 -24.80 25.43 -6.68
CA PRO B 78 -25.48 25.16 -7.96
C PRO B 78 -25.22 26.27 -8.98
N ARG B 79 -25.40 27.51 -8.54
CA ARG B 79 -25.18 28.66 -9.41
C ARG B 79 -23.82 28.64 -10.10
N LEU B 80 -22.78 28.27 -9.36
CA LEU B 80 -21.43 28.23 -9.92
C LEU B 80 -21.28 27.11 -10.95
N ARG B 81 -21.93 25.98 -10.67
CA ARG B 81 -22.01 24.86 -11.62
C ARG B 81 -22.83 25.17 -12.86
N ARG B 82 -23.86 26.01 -12.72
CA ARG B 82 -24.65 26.45 -13.90
C ARG B 82 -23.78 27.34 -14.79
N ALA B 83 -22.92 28.13 -14.16
CA ALA B 83 -22.07 29.09 -14.86
C ALA B 83 -21.05 28.39 -15.74
N ILE B 84 -20.46 27.31 -15.23
CA ILE B 84 -19.54 26.51 -16.05
C ILE B 84 -20.24 25.88 -17.25
N SER B 85 -21.48 25.42 -17.04
CA SER B 85 -22.27 24.81 -18.13
C SER B 85 -22.47 25.80 -19.27
N HIS B 86 -22.93 27.01 -18.93
CA HIS B 86 -23.11 28.07 -19.94
C HIS B 86 -21.79 28.38 -20.64
N TRP B 87 -20.73 28.46 -19.87
CA TRP B 87 -19.39 28.70 -20.37
C TRP B 87 -19.01 27.66 -21.42
N TYR B 88 -19.26 26.40 -21.11
CA TYR B 88 -18.94 25.29 -22.02
C TYR B 88 -19.77 25.29 -23.31
N ARG B 89 -21.00 25.77 -23.20
CA ARG B 89 -21.87 25.94 -24.35
C ARG B 89 -21.47 27.12 -25.20
N ASP B 90 -21.20 28.24 -24.55
CA ASP B 90 -20.91 29.47 -25.25
C ASP B 90 -19.53 29.44 -25.91
N ARG B 91 -18.55 28.80 -25.29
CA ARG B 91 -17.23 28.70 -25.91
C ARG B 91 -17.13 27.54 -26.92
N TYR B 92 -17.66 26.38 -26.55
CA TYR B 92 -17.35 25.15 -27.28
C TYR B 92 -18.55 24.39 -27.85
N ASP B 93 -19.76 24.92 -27.68
CA ASP B 93 -20.97 24.22 -28.10
C ASP B 93 -21.01 22.82 -27.49
N VAL B 94 -20.60 22.72 -26.23
CA VAL B 94 -20.61 21.45 -25.51
C VAL B 94 -21.68 21.45 -24.44
N GLN B 95 -22.40 20.33 -24.33
CA GLN B 95 -23.46 20.16 -23.34
C GLN B 95 -22.89 19.60 -22.03
N ILE B 96 -23.05 20.37 -20.96
CA ILE B 96 -22.62 19.92 -19.63
C ILE B 96 -23.83 20.04 -18.70
N ASP B 97 -24.27 18.91 -18.17
CA ASP B 97 -25.34 18.89 -17.19
C ASP B 97 -24.76 19.38 -15.86
N PRO B 98 -25.25 20.52 -15.36
CA PRO B 98 -24.74 21.00 -14.07
C PRO B 98 -25.13 20.15 -12.83
N GLU B 99 -26.14 19.29 -12.94
CA GLU B 99 -26.54 18.37 -11.84
C GLU B 99 -25.60 17.18 -11.63
N SER B 100 -24.86 16.80 -12.68
CA SER B 100 -24.14 15.52 -12.70
C SER B 100 -22.80 15.51 -13.41
N GLU B 101 -22.56 16.45 -14.33
CA GLU B 101 -21.34 16.41 -15.15
C GLU B 101 -20.33 17.55 -14.87
N ALA B 102 -20.47 18.20 -13.71
CA ALA B 102 -19.60 19.32 -13.34
C ALA B 102 -19.46 19.39 -11.84
N ILE B 103 -18.26 19.71 -11.37
CA ILE B 103 -18.01 19.81 -9.96
C ILE B 103 -17.02 20.94 -9.68
N VAL B 104 -17.25 21.72 -8.63
CA VAL B 104 -16.30 22.77 -8.26
C VAL B 104 -15.15 22.15 -7.47
N THR B 105 -13.94 22.57 -7.81
CA THR B 105 -12.75 22.15 -7.08
C THR B 105 -12.12 23.37 -6.45
N ILE B 106 -11.21 23.13 -5.51
CA ILE B 106 -10.32 24.16 -4.99
C ILE B 106 -9.02 24.22 -5.81
N GLY B 107 -9.10 23.86 -7.09
CA GLY B 107 -7.93 23.85 -7.95
C GLY B 107 -7.70 22.49 -8.56
N SER B 108 -6.97 22.48 -9.67
CA SER B 108 -6.79 21.27 -10.47
C SER B 108 -5.80 20.29 -9.86
N LYS B 109 -4.84 20.79 -9.11
CA LYS B 109 -3.96 19.89 -8.38
C LYS B 109 -4.77 19.03 -7.41
N GLU B 110 -5.69 19.65 -6.70
CA GLU B 110 -6.48 18.97 -5.69
C GLU B 110 -7.39 17.98 -6.37
N GLY B 111 -8.16 18.50 -7.35
CA GLY B 111 -9.15 17.71 -8.05
C GLY B 111 -8.53 16.51 -8.72
N LEU B 112 -7.36 16.71 -9.31
CA LEU B 112 -6.60 15.61 -9.88
C LEU B 112 -6.19 14.65 -8.78
N ALA B 113 -5.79 15.17 -7.63
CA ALA B 113 -5.50 14.29 -6.50
C ALA B 113 -6.69 13.36 -6.20
N HIS B 114 -7.87 13.95 -5.97
CA HIS B 114 -9.05 13.18 -5.58
C HIS B 114 -9.52 12.15 -6.66
N LEU B 115 -9.27 12.47 -7.92
CA LEU B 115 -9.65 11.61 -9.01
C LEU B 115 -8.76 10.37 -8.99
N MET B 116 -7.46 10.64 -8.91
CA MET B 116 -6.45 9.58 -8.75
C MET B 116 -6.77 8.70 -7.55
N LEU B 117 -6.99 9.33 -6.41
CA LEU B 117 -7.45 8.60 -5.25
C LEU B 117 -8.66 7.71 -5.56
N ALA B 118 -9.67 8.25 -6.24
CA ALA B 118 -10.87 7.44 -6.58
C ALA B 118 -10.61 6.35 -7.61
N THR B 119 -9.69 6.59 -8.54
CA THR B 119 -9.54 5.71 -9.70
C THR B 119 -8.34 4.75 -9.68
N LEU B 120 -7.27 5.09 -8.96
CA LEU B 120 -6.10 4.18 -8.87
C LEU B 120 -6.26 3.19 -7.72
N ASP B 121 -5.77 1.96 -7.91
CA ASP B 121 -5.31 1.17 -6.76
C ASP B 121 -3.98 1.83 -6.38
N HIS B 122 -3.69 1.91 -5.08
CA HIS B 122 -2.42 2.47 -4.58
C HIS B 122 -1.24 1.84 -5.31
N GLY B 123 -0.37 2.68 -5.89
CA GLY B 123 0.82 2.21 -6.62
C GLY B 123 0.62 2.15 -8.14
N ASP B 124 -0.62 2.37 -8.59
CA ASP B 124 -0.91 2.25 -10.01
C ASP B 124 -0.20 3.29 -10.84
N THR B 125 -0.28 3.10 -12.15
CA THR B 125 0.50 3.84 -13.11
C THR B 125 -0.31 4.86 -13.92
N ILE B 126 0.31 6.01 -14.19
CA ILE B 126 -0.25 7.04 -15.04
C ILE B 126 0.77 7.53 -16.06
N LEU B 127 0.29 8.14 -17.13
CA LEU B 127 1.15 8.58 -18.20
C LEU B 127 1.24 10.11 -18.19
N VAL B 128 2.46 10.63 -18.21
CA VAL B 128 2.66 12.08 -18.19
C VAL B 128 3.60 12.42 -19.34
N PRO B 129 3.27 13.45 -20.13
CA PRO B 129 4.20 13.83 -21.16
C PRO B 129 5.49 14.42 -20.58
N ASN B 130 6.55 14.35 -21.37
CA ASN B 130 7.86 14.85 -21.00
C ASN B 130 8.35 15.65 -22.19
N PRO B 131 8.54 16.97 -22.02
CA PRO B 131 8.40 17.74 -20.80
C PRO B 131 6.97 18.22 -20.54
N SER B 132 6.56 18.24 -19.27
CA SER B 132 5.29 18.88 -18.87
C SER B 132 5.35 19.35 -17.42
N TYR B 133 4.47 20.28 -17.06
CA TYR B 133 4.33 20.75 -15.69
C TYR B 133 3.72 19.64 -14.87
N PRO B 134 4.35 19.30 -13.74
CA PRO B 134 3.83 18.16 -13.00
C PRO B 134 2.67 18.52 -12.05
N ILE B 135 1.46 18.58 -12.59
CA ILE B 135 0.25 18.81 -11.77
C ILE B 135 -0.21 17.55 -11.02
N HIS B 136 0.50 16.44 -11.19
CA HIS B 136 0.16 15.15 -10.58
C HIS B 136 0.89 14.85 -9.26
N ILE B 137 1.90 15.65 -8.93
CA ILE B 137 2.83 15.26 -7.87
C ILE B 137 2.09 14.89 -6.60
N TYR B 138 1.15 15.75 -6.23
CA TYR B 138 0.42 15.62 -4.99
C TYR B 138 -0.51 14.40 -5.03
N GLY B 139 -1.19 14.21 -6.16
CA GLY B 139 -1.96 12.99 -6.41
C GLY B 139 -1.11 11.75 -6.29
N ALA B 140 0.10 11.80 -6.85
CA ALA B 140 1.04 10.70 -6.74
C ALA B 140 1.41 10.39 -5.26
N VAL B 141 1.61 11.45 -4.48
CA VAL B 141 1.85 11.32 -3.05
C VAL B 141 0.64 10.65 -2.36
N ILE B 142 -0.56 11.05 -2.75
CA ILE B 142 -1.80 10.51 -2.18
C ILE B 142 -2.05 9.06 -2.62
N ALA B 143 -1.95 8.82 -3.93
CA ALA B 143 -2.28 7.54 -4.53
C ALA B 143 -1.12 6.57 -4.57
N GLY B 144 0.08 7.00 -4.20
CA GLY B 144 1.28 6.20 -4.43
C GLY B 144 1.50 5.94 -5.90
N ALA B 145 1.10 6.88 -6.74
CA ALA B 145 1.10 6.70 -8.19
C ALA B 145 2.50 6.67 -8.75
N GLN B 146 2.68 5.92 -9.84
CA GLN B 146 3.96 5.92 -10.55
C GLN B 146 3.75 6.49 -11.91
N VAL B 147 4.76 7.23 -12.36
CA VAL B 147 4.66 7.95 -13.62
C VAL B 147 5.48 7.25 -14.70
N ARG B 148 4.84 7.04 -15.84
CA ARG B 148 5.53 6.63 -17.07
C ARG B 148 5.60 7.89 -17.88
N SER B 149 6.78 8.42 -18.09
CA SER B 149 6.91 9.68 -18.84
C SER B 149 6.88 9.42 -20.35
N VAL B 150 6.03 10.13 -21.08
CA VAL B 150 5.91 9.99 -22.54
C VAL B 150 6.45 11.18 -23.36
N PRO B 151 7.54 10.98 -24.13
CA PRO B 151 8.13 12.10 -24.88
C PRO B 151 7.11 12.85 -25.71
N LEU B 152 7.05 14.16 -25.51
CA LEU B 152 6.22 15.03 -26.31
C LEU B 152 7.14 16.11 -26.80
N VAL B 153 7.79 15.86 -27.92
CA VAL B 153 8.91 16.65 -28.38
C VAL B 153 9.01 16.62 -29.92
N PRO B 154 9.47 17.73 -30.53
CA PRO B 154 9.72 17.69 -31.95
C PRO B 154 10.73 16.58 -32.28
N GLY B 155 10.42 15.78 -33.29
CA GLY B 155 11.30 14.71 -33.70
C GLY B 155 10.82 13.33 -33.38
N ILE B 156 9.90 13.20 -32.41
CA ILE B 156 9.38 11.88 -32.01
C ILE B 156 7.85 11.83 -32.05
N ASP B 157 7.33 10.72 -32.56
CA ASP B 157 5.89 10.53 -32.74
C ASP B 157 5.21 10.24 -31.39
N PHE B 158 4.47 11.22 -30.90
CA PHE B 158 3.89 11.16 -29.58
C PHE B 158 2.90 9.98 -29.45
N PHE B 159 2.06 9.78 -30.46
CA PHE B 159 1.05 8.70 -30.39
C PHE B 159 1.68 7.30 -30.34
N ASN B 160 2.66 7.02 -31.19
CA ASN B 160 3.43 5.77 -31.11
C ASN B 160 4.00 5.58 -29.71
N GLU B 161 4.55 6.65 -29.13
CA GLU B 161 5.13 6.57 -27.78
C GLU B 161 4.06 6.35 -26.71
N LEU B 162 2.92 7.01 -26.87
CA LEU B 162 1.83 6.86 -25.95
C LEU B 162 1.32 5.42 -25.94
N GLU B 163 1.04 4.89 -27.12
CA GLU B 163 0.54 3.52 -27.26
C GLU B 163 1.57 2.50 -26.75
N ARG B 164 2.84 2.79 -27.03
CA ARG B 164 3.93 1.98 -26.53
C ARG B 164 3.94 1.91 -25.00
N ALA B 165 3.89 3.08 -24.34
CA ALA B 165 3.90 3.16 -22.86
C ALA B 165 2.71 2.43 -22.28
N ILE B 166 1.55 2.55 -22.91
CA ILE B 166 0.37 1.79 -22.48
C ILE B 166 0.71 0.31 -22.50
N ARG B 167 1.09 -0.18 -23.68
CA ARG B 167 1.30 -1.59 -23.91
C ARG B 167 2.36 -2.18 -23.00
N GLU B 168 3.42 -1.41 -22.76
CA GLU B 168 4.59 -1.93 -22.06
C GLU B 168 4.49 -1.90 -20.53
N SER B 169 3.43 -1.27 -20.01
CA SER B 169 3.18 -1.26 -18.57
C SER B 169 2.15 -2.33 -18.23
N ILE B 170 2.51 -3.13 -17.23
CA ILE B 170 1.72 -4.25 -16.77
C ILE B 170 1.56 -4.14 -15.26
N PRO B 171 0.33 -3.94 -14.75
CA PRO B 171 -0.89 -3.78 -15.53
C PRO B 171 -0.97 -2.41 -16.18
N LYS B 172 -1.91 -2.30 -17.10
CA LYS B 172 -2.20 -1.08 -17.84
C LYS B 172 -2.29 0.14 -16.92
N PRO B 173 -1.82 1.31 -17.39
CA PRO B 173 -2.01 2.54 -16.64
C PRO B 173 -3.48 2.93 -16.56
N ARG B 174 -3.84 3.64 -15.52
CA ARG B 174 -5.22 3.98 -15.28
C ARG B 174 -5.63 5.25 -16.04
N MET B 175 -4.72 6.22 -16.16
CA MET B 175 -5.00 7.47 -16.86
C MET B 175 -3.79 8.11 -17.52
N MET B 176 -4.06 9.02 -18.45
CA MET B 176 -3.04 9.93 -19.04
C MET B 176 -3.44 11.38 -18.80
N ILE B 177 -2.48 12.19 -18.35
CA ILE B 177 -2.70 13.61 -18.02
C ILE B 177 -2.10 14.49 -19.10
N LEU B 178 -2.94 15.26 -19.80
CA LEU B 178 -2.49 16.17 -20.85
C LEU B 178 -2.87 17.61 -20.52
N GLY B 179 -2.16 18.56 -21.14
CA GLY B 179 -2.44 19.98 -20.96
C GLY B 179 -2.09 20.87 -22.16
N PHE B 180 -3.12 21.42 -22.81
CA PHE B 180 -2.94 22.29 -23.97
C PHE B 180 -3.87 23.48 -23.88
N PRO B 181 -3.34 24.71 -24.06
CA PRO B 181 -1.95 25.04 -24.29
C PRO B 181 -1.04 24.60 -23.15
N SER B 182 0.22 24.36 -23.48
CA SER B 182 1.06 23.51 -22.64
C SER B 182 2.05 24.28 -21.77
N ASN B 183 2.16 23.81 -20.54
CA ASN B 183 3.18 24.24 -19.61
C ASN B 183 4.21 23.13 -19.59
N PRO B 184 5.48 23.44 -19.92
CA PRO B 184 6.18 24.68 -20.20
C PRO B 184 6.43 25.04 -21.67
N THR B 185 5.88 24.27 -22.61
CA THR B 185 6.26 24.40 -24.02
C THR B 185 5.50 25.44 -24.83
N ALA B 186 4.33 25.86 -24.35
CA ALA B 186 3.43 26.71 -25.15
C ALA B 186 2.96 26.03 -26.44
N GLN B 187 3.03 24.71 -26.46
CA GLN B 187 2.58 23.92 -27.59
C GLN B 187 1.05 23.99 -27.56
N CYS B 188 0.44 24.32 -28.70
CA CYS B 188 -1.01 24.31 -28.86
C CYS B 188 -1.35 23.21 -29.80
N VAL B 189 -2.56 22.67 -29.63
CA VAL B 189 -3.07 21.62 -30.51
C VAL B 189 -4.44 21.96 -31.08
N GLU B 190 -4.80 21.26 -32.14
CA GLU B 190 -6.07 21.43 -32.84
C GLU B 190 -6.98 20.28 -32.47
N LEU B 191 -8.24 20.37 -32.86
CA LEU B 191 -9.25 19.39 -32.46
C LEU B 191 -8.81 17.95 -32.79
N ASP B 192 -8.12 17.79 -33.92
CA ASP B 192 -7.77 16.46 -34.44
C ASP B 192 -6.83 15.66 -33.54
N PHE B 193 -6.00 16.36 -32.76
CA PHE B 193 -5.18 15.76 -31.71
C PHE B 193 -6.10 15.10 -30.68
N PHE B 194 -7.12 15.84 -30.24
CA PHE B 194 -7.98 15.33 -29.18
C PHE B 194 -8.84 14.16 -29.67
N GLU B 195 -9.38 14.25 -30.88
CA GLU B 195 -10.12 13.11 -31.45
C GLU B 195 -9.21 11.89 -31.59
N ARG B 196 -7.90 12.13 -31.71
CA ARG B 196 -6.91 11.04 -31.80
C ARG B 196 -6.48 10.50 -30.43
N VAL B 197 -6.39 11.36 -29.44
CA VAL B 197 -6.17 10.90 -28.09
C VAL B 197 -7.39 10.11 -27.64
N VAL B 198 -8.58 10.66 -27.84
CA VAL B 198 -9.80 9.97 -27.39
C VAL B 198 -10.00 8.59 -28.05
N ALA B 199 -9.70 8.48 -29.34
CA ALA B 199 -9.86 7.18 -30.03
C ALA B 199 -8.90 6.14 -29.45
N LEU B 200 -7.68 6.57 -29.11
CA LEU B 200 -6.67 5.68 -28.54
C LEU B 200 -6.96 5.34 -27.07
N ALA B 201 -7.36 6.37 -26.31
CA ALA B 201 -7.83 6.17 -24.94
C ALA B 201 -8.92 5.11 -24.85
N LYS B 202 -9.95 5.22 -25.70
CA LYS B 202 -11.05 4.23 -25.69
C LYS B 202 -10.59 2.84 -26.12
N GLN B 203 -9.49 2.76 -26.85
CA GLN B 203 -9.02 1.49 -27.41
C GLN B 203 -8.43 0.62 -26.31
N TYR B 204 -7.80 1.27 -25.33
CA TYR B 204 -7.16 0.57 -24.20
C TYR B 204 -7.84 0.84 -22.85
N ASP B 205 -9.01 1.45 -22.88
CA ASP B 205 -9.77 1.81 -21.69
C ASP B 205 -8.89 2.53 -20.68
N VAL B 206 -8.22 3.56 -21.17
CA VAL B 206 -7.34 4.40 -20.39
C VAL B 206 -7.94 5.80 -20.31
N MET B 207 -8.32 6.19 -19.11
CA MET B 207 -8.91 7.48 -18.80
C MET B 207 -8.00 8.64 -19.25
N VAL B 208 -8.60 9.70 -19.79
CA VAL B 208 -7.87 10.89 -20.24
C VAL B 208 -8.28 12.08 -19.38
N VAL B 209 -7.29 12.70 -18.74
CA VAL B 209 -7.47 13.93 -17.99
C VAL B 209 -6.87 15.09 -18.76
N HIS B 210 -7.66 16.15 -19.04
CA HIS B 210 -7.13 17.32 -19.73
C HIS B 210 -7.24 18.61 -18.93
N ASP B 211 -6.13 19.37 -18.89
CA ASP B 211 -6.02 20.59 -18.12
C ASP B 211 -6.11 21.80 -19.04
N LEU B 212 -7.27 22.46 -19.04
CA LEU B 212 -7.53 23.58 -19.95
C LEU B 212 -7.18 24.92 -19.29
N ALA B 213 -6.25 24.91 -18.33
CA ALA B 213 -5.92 26.10 -17.53
C ALA B 213 -5.66 27.36 -18.35
N TYR B 214 -5.01 27.24 -19.49
CA TYR B 214 -4.58 28.41 -20.28
C TYR B 214 -5.44 28.63 -21.49
N ALA B 215 -6.71 28.26 -21.39
CA ALA B 215 -7.64 28.32 -22.54
C ALA B 215 -7.83 29.75 -23.06
N ASP B 216 -7.79 30.73 -22.16
CA ASP B 216 -8.02 32.12 -22.53
C ASP B 216 -6.74 32.88 -22.88
N ILE B 217 -5.60 32.41 -22.40
CA ILE B 217 -4.34 33.07 -22.72
C ILE B 217 -3.84 32.52 -24.05
N VAL B 218 -4.32 33.10 -25.13
CA VAL B 218 -3.92 32.70 -26.46
C VAL B 218 -3.67 33.95 -27.25
N TYR B 219 -2.79 33.87 -28.25
CA TYR B 219 -2.36 35.05 -28.99
C TYR B 219 -2.56 34.91 -30.49
N ASP B 220 -2.81 36.04 -31.14
CA ASP B 220 -2.82 36.14 -32.59
C ASP B 220 -4.00 35.41 -33.22
N GLY B 221 -5.18 35.53 -32.60
CA GLY B 221 -6.36 34.85 -33.10
C GLY B 221 -6.19 33.34 -33.14
N TRP B 222 -5.28 32.83 -32.32
CA TRP B 222 -5.13 31.39 -32.13
C TRP B 222 -6.14 31.02 -31.07
N LYS B 223 -6.64 29.78 -31.12
CA LYS B 223 -7.71 29.41 -30.22
C LYS B 223 -7.56 27.99 -29.69
N ALA B 224 -8.11 27.78 -28.49
CA ALA B 224 -7.89 26.57 -27.71
C ALA B 224 -9.13 25.67 -27.71
N PRO B 225 -9.01 24.49 -28.32
CA PRO B 225 -10.15 23.55 -28.27
C PRO B 225 -10.25 22.91 -26.90
N SER B 226 -11.40 22.32 -26.61
CA SER B 226 -11.63 21.55 -25.40
C SER B 226 -11.79 20.08 -25.77
N ILE B 227 -11.12 19.19 -25.04
CA ILE B 227 -11.29 17.76 -25.31
C ILE B 227 -12.77 17.33 -25.35
N MET B 228 -13.65 18.09 -24.69
CA MET B 228 -15.08 17.75 -24.67
C MET B 228 -15.80 18.05 -25.99
N GLN B 229 -15.11 18.65 -26.95
CA GLN B 229 -15.70 18.87 -28.28
C GLN B 229 -15.69 17.57 -29.07
N VAL B 230 -14.76 16.67 -28.73
CA VAL B 230 -14.72 15.36 -29.36
C VAL B 230 -15.94 14.50 -28.95
N PRO B 231 -16.75 14.06 -29.93
CA PRO B 231 -17.97 13.33 -29.58
C PRO B 231 -17.71 12.00 -28.86
N GLY B 232 -18.51 11.71 -27.84
CA GLY B 232 -18.26 10.56 -26.99
C GLY B 232 -17.11 10.72 -26.00
N ALA B 233 -16.48 11.90 -25.92
CA ALA B 233 -15.37 12.16 -24.95
C ALA B 233 -15.73 11.79 -23.51
N LYS B 234 -16.98 12.07 -23.12
CA LYS B 234 -17.46 11.85 -21.76
C LYS B 234 -17.47 10.38 -21.33
N ASP B 235 -17.35 9.46 -22.27
CA ASP B 235 -17.14 8.05 -21.89
C ASP B 235 -15.73 7.73 -21.34
N ILE B 236 -14.75 8.61 -21.59
CA ILE B 236 -13.33 8.32 -21.24
C ILE B 236 -12.51 9.49 -20.67
N ALA B 237 -13.03 10.71 -20.71
CA ALA B 237 -12.25 11.89 -20.42
C ALA B 237 -12.90 12.84 -19.42
N VAL B 238 -12.05 13.54 -18.68
CA VAL B 238 -12.48 14.66 -17.84
C VAL B 238 -11.57 15.84 -18.16
N GLU B 239 -12.10 17.04 -17.92
CA GLU B 239 -11.38 18.27 -18.17
C GLU B 239 -11.46 19.20 -16.97
N PHE B 240 -10.31 19.79 -16.62
CA PHE B 240 -10.18 20.67 -15.50
C PHE B 240 -9.94 22.11 -15.99
N PHE B 241 -10.59 23.07 -15.34
CA PHE B 241 -10.33 24.47 -15.59
C PHE B 241 -10.21 25.21 -14.26
N THR B 242 -9.20 26.04 -14.18
CA THR B 242 -8.97 26.87 -13.02
C THR B 242 -9.24 28.31 -13.40
N LEU B 243 -9.69 29.10 -12.43
CA LEU B 243 -9.93 30.53 -12.67
C LEU B 243 -8.66 31.39 -12.58
N SER B 244 -7.54 30.81 -12.17
CA SER B 244 -6.41 31.64 -11.71
C SER B 244 -5.69 32.44 -12.82
N LYS B 245 -5.52 31.83 -13.99
CA LYS B 245 -4.77 32.46 -15.09
C LYS B 245 -5.63 33.49 -15.87
N SER B 246 -6.79 33.03 -16.36
CA SER B 246 -7.75 33.88 -17.06
C SER B 246 -8.26 35.10 -16.28
N TYR B 247 -8.36 35.00 -14.96
CA TYR B 247 -8.91 36.12 -14.16
C TYR B 247 -7.95 36.73 -13.13
N ASN B 248 -6.68 36.32 -13.13
CA ASN B 248 -5.71 36.75 -12.12
C ASN B 248 -6.20 36.45 -10.71
N MET B 249 -6.75 35.25 -10.54
CA MET B 249 -7.20 34.78 -9.22
C MET B 249 -6.18 33.77 -8.69
N ALA B 250 -4.91 34.18 -8.73
CA ALA B 250 -3.81 33.38 -8.19
C ALA B 250 -3.97 33.19 -6.68
N GLY B 251 -4.20 31.95 -6.27
CA GLY B 251 -4.31 31.60 -4.86
C GLY B 251 -5.70 31.67 -4.30
N TRP B 252 -6.66 32.11 -5.12
CA TRP B 252 -8.07 32.06 -4.75
C TRP B 252 -8.53 30.62 -4.73
N ARG B 253 -7.75 29.79 -5.38
CA ARG B 253 -8.00 28.38 -5.62
C ARG B 253 -9.45 28.01 -5.76
N ILE B 254 -9.92 28.36 -6.91
CA ILE B 254 -11.22 27.95 -7.31
C ILE B 254 -11.10 27.49 -8.75
N GLY B 255 -11.57 26.29 -9.02
CA GLY B 255 -11.65 25.79 -10.37
C GLY B 255 -12.80 24.82 -10.46
N PHE B 256 -12.77 23.99 -11.48
CA PHE B 256 -13.77 22.95 -11.60
C PHE B 256 -13.36 21.84 -12.53
N MET B 257 -14.07 20.72 -12.39
CA MET B 257 -13.90 19.57 -13.28
C MET B 257 -15.22 19.30 -14.00
N VAL B 258 -15.11 19.04 -15.28
CA VAL B 258 -16.27 18.53 -16.02
C VAL B 258 -15.88 17.25 -16.73
N GLY B 259 -16.85 16.37 -16.89
CA GLY B 259 -16.71 15.19 -17.71
C GLY B 259 -17.65 14.06 -17.31
N ASN B 260 -17.17 12.83 -17.46
CA ASN B 260 -17.91 11.64 -17.08
C ASN B 260 -18.60 11.85 -15.71
N PRO B 261 -19.90 11.53 -15.61
CA PRO B 261 -20.67 11.80 -14.39
C PRO B 261 -20.38 10.85 -13.24
N GLU B 262 -19.99 9.61 -13.55
CA GLU B 262 -19.50 8.68 -12.53
C GLU B 262 -18.18 9.17 -11.88
N LEU B 263 -17.33 9.89 -12.62
CA LEU B 263 -16.08 10.45 -12.05
C LEU B 263 -16.32 11.75 -11.29
N VAL B 264 -17.31 12.53 -11.72
CA VAL B 264 -17.74 13.69 -10.94
C VAL B 264 -18.30 13.24 -9.58
N SER B 265 -19.16 12.23 -9.61
CA SER B 265 -19.70 11.62 -8.38
C SER B 265 -18.61 11.05 -7.46
N ALA B 266 -17.60 10.42 -8.04
CA ALA B 266 -16.44 9.97 -7.26
C ALA B 266 -15.78 11.13 -6.54
N LEU B 267 -15.61 12.27 -7.22
CA LEU B 267 -14.97 13.42 -6.56
C LEU B 267 -15.85 13.92 -5.43
N ALA B 268 -17.15 14.00 -5.71
CA ALA B 268 -18.10 14.52 -4.73
C ALA B 268 -18.07 13.73 -3.42
N ARG B 269 -17.93 12.40 -3.54
CA ARG B 269 -17.78 11.55 -2.36
C ARG B 269 -16.56 12.03 -1.59
N ILE B 270 -15.41 12.11 -2.26
CA ILE B 270 -14.15 12.49 -1.58
C ILE B 270 -14.23 13.87 -0.95
N LYS B 271 -14.80 14.84 -1.65
CA LYS B 271 -15.05 16.17 -1.07
C LYS B 271 -15.99 16.12 0.14
N SER B 272 -17.02 15.26 0.10
CA SER B 272 -17.99 15.18 1.20
C SER B 272 -17.36 14.75 2.55
N TYR B 273 -16.18 14.14 2.51
CA TYR B 273 -15.50 13.72 3.74
C TYR B 273 -14.94 14.91 4.54
N HIS B 274 -14.69 16.03 3.87
CA HIS B 274 -14.38 17.28 4.58
C HIS B 274 -15.48 17.64 5.57
N ASP B 275 -16.75 17.39 5.18
CA ASP B 275 -17.94 17.80 5.96
C ASP B 275 -17.85 19.28 6.35
N TYR B 276 -17.68 20.13 5.33
CA TYR B 276 -17.54 21.57 5.56
C TYR B 276 -18.90 22.21 5.83
N PRO B 281 -17.21 31.14 0.10
CA PRO B 281 -17.12 32.61 0.06
C PRO B 281 -16.31 33.14 -1.12
N LEU B 282 -15.28 32.40 -1.50
CA LEU B 282 -14.51 32.64 -2.73
C LEU B 282 -15.19 31.93 -3.89
N GLN B 283 -16.02 30.95 -3.58
CA GLN B 283 -16.86 30.32 -4.56
C GLN B 283 -17.86 31.38 -5.05
N VAL B 284 -18.55 32.02 -4.11
CA VAL B 284 -19.54 33.07 -4.39
C VAL B 284 -18.93 34.21 -5.22
N ALA B 285 -17.81 34.74 -4.74
CA ALA B 285 -17.08 35.80 -5.45
C ALA B 285 -16.73 35.34 -6.86
N ALA B 286 -16.28 34.10 -6.97
CA ALA B 286 -15.91 33.49 -8.24
C ALA B 286 -17.05 33.41 -9.28
N ILE B 287 -18.30 33.54 -8.84
CA ILE B 287 -19.44 33.55 -9.78
C ILE B 287 -19.35 34.75 -10.70
N ALA B 288 -18.97 35.88 -10.14
CA ALA B 288 -18.76 37.12 -10.89
C ALA B 288 -17.79 36.92 -12.04
N ALA B 289 -16.72 36.19 -11.80
CA ALA B 289 -15.70 35.95 -12.83
C ALA B 289 -16.32 35.39 -14.10
N LEU B 290 -17.13 34.34 -13.94
CA LEU B 290 -17.60 33.56 -15.08
C LEU B 290 -18.81 34.16 -15.76
N GLU B 291 -19.80 34.58 -14.97
CA GLU B 291 -21.06 35.09 -15.51
C GLU B 291 -21.08 36.61 -15.65
N GLY B 292 -20.00 37.27 -15.20
CA GLY B 292 -19.88 38.72 -15.35
C GLY B 292 -19.43 39.13 -16.75
N ASP B 293 -19.08 40.40 -16.91
CA ASP B 293 -18.50 40.89 -18.18
C ASP B 293 -17.17 40.17 -18.38
N GLN B 294 -16.81 39.90 -19.64
CA GLN B 294 -15.62 39.10 -19.95
C GLN B 294 -14.47 39.87 -20.61
N GLN B 295 -14.58 41.20 -20.66
CA GLN B 295 -13.56 42.05 -21.26
C GLN B 295 -12.24 41.95 -20.49
N CYS B 296 -12.36 41.74 -19.18
CA CYS B 296 -11.21 41.61 -18.30
C CYS B 296 -10.36 40.41 -18.66
N VAL B 297 -10.99 39.34 -19.17
CA VAL B 297 -10.25 38.14 -19.60
C VAL B 297 -9.45 38.44 -20.88
N ARG B 298 -10.09 39.14 -21.81
CA ARG B 298 -9.43 39.64 -23.01
C ARG B 298 -8.25 40.57 -22.66
N ASP B 299 -8.49 41.54 -21.78
CA ASP B 299 -7.46 42.49 -21.36
C ASP B 299 -6.26 41.78 -20.71
N ILE B 300 -6.52 40.78 -19.87
CA ILE B 300 -5.46 39.95 -19.29
C ILE B 300 -4.63 39.22 -20.35
N ALA B 301 -5.27 38.56 -21.31
CA ALA B 301 -4.55 37.91 -22.42
C ALA B 301 -3.76 38.93 -23.25
N ARG B 302 -4.37 40.09 -23.50
CA ARG B 302 -3.68 41.18 -24.19
C ARG B 302 -2.40 41.63 -23.45
N GLN B 303 -2.47 41.78 -22.12
CA GLN B 303 -1.32 42.15 -21.30
C GLN B 303 -0.19 41.12 -21.48
N TYR B 304 -0.54 39.84 -21.42
CA TYR B 304 0.45 38.79 -21.57
C TYR B 304 1.03 38.80 -22.97
N GLN B 305 0.19 39.12 -23.97
CA GLN B 305 0.64 39.12 -25.36
C GLN B 305 1.69 40.19 -25.62
N GLN B 306 1.45 41.39 -25.10
CA GLN B 306 2.40 42.51 -25.22
C GLN B 306 3.68 42.20 -24.49
N ARG B 307 3.57 41.58 -23.31
CA ARG B 307 4.75 41.18 -22.54
C ARG B 307 5.56 40.21 -23.36
N ARG B 308 4.86 39.21 -23.91
CA ARG B 308 5.49 38.23 -24.78
C ARG B 308 6.28 38.92 -25.89
N ASP B 309 5.72 39.97 -26.47
CA ASP B 309 6.35 40.60 -27.63
C ASP B 309 7.67 41.29 -27.24
N VAL B 310 7.71 41.91 -26.05
CA VAL B 310 8.93 42.56 -25.55
C VAL B 310 10.08 41.59 -25.29
N LEU B 311 9.79 40.49 -24.61
CA LEU B 311 10.83 39.53 -24.26
C LEU B 311 11.35 38.83 -25.49
N VAL B 312 10.42 38.37 -26.33
CA VAL B 312 10.80 37.67 -27.56
C VAL B 312 11.63 38.55 -28.46
N LYS B 313 11.10 39.73 -28.78
CA LYS B 313 11.87 40.72 -29.54
C LYS B 313 13.24 40.97 -28.92
N GLY B 314 13.24 41.27 -27.62
CA GLY B 314 14.47 41.56 -26.87
C GLY B 314 15.48 40.45 -26.90
N LEU B 315 15.05 39.22 -26.61
CA LEU B 315 15.97 38.09 -26.60
C LEU B 315 16.57 37.90 -27.99
N ARG B 316 15.77 38.13 -29.04
CA ARG B 316 16.22 37.96 -30.41
C ARG B 316 17.22 39.03 -30.85
N GLU B 317 17.02 40.27 -30.42
CA GLU B 317 18.03 41.32 -30.67
C GLU B 317 19.38 40.89 -30.11
N ALA B 318 19.32 40.16 -29.00
CA ALA B 318 20.50 39.60 -28.33
C ALA B 318 21.01 38.32 -29.01
N GLY B 319 20.32 37.86 -30.04
CA GLY B 319 20.75 36.70 -30.83
C GLY B 319 20.32 35.35 -30.26
N TRP B 320 19.43 35.39 -29.29
CA TRP B 320 18.83 34.17 -28.74
C TRP B 320 17.53 33.94 -29.53
N MET B 321 17.59 33.09 -30.57
CA MET B 321 16.49 32.95 -31.54
C MET B 321 15.38 32.05 -31.00
N VAL B 322 14.79 32.50 -29.90
CA VAL B 322 13.73 31.80 -29.20
C VAL B 322 12.46 31.75 -30.02
N GLU B 323 11.70 30.70 -29.80
CA GLU B 323 10.44 30.51 -30.45
C GLU B 323 9.38 31.42 -29.81
N ASN B 324 8.57 32.06 -30.64
CA ASN B 324 7.43 32.87 -30.19
C ASN B 324 6.25 31.96 -29.77
N PRO B 325 5.80 32.06 -28.50
CA PRO B 325 4.66 31.21 -28.10
C PRO B 325 3.33 31.73 -28.65
N LYS B 326 2.42 30.81 -28.92
CA LYS B 326 1.14 31.18 -29.47
C LYS B 326 0.08 31.17 -28.38
N ALA B 327 0.49 30.80 -27.16
CA ALA B 327 -0.45 30.66 -26.06
C ALA B 327 0.31 30.30 -24.79
N SER B 328 -0.36 30.53 -23.64
CA SER B 328 0.21 30.36 -22.30
C SER B 328 1.09 31.58 -21.97
N MET B 329 1.44 31.68 -20.69
CA MET B 329 2.21 32.79 -20.14
C MET B 329 3.72 32.52 -20.21
N TYR B 330 4.13 31.53 -21.01
CA TYR B 330 5.49 31.04 -21.01
C TYR B 330 6.16 31.17 -22.37
N VAL B 331 7.45 31.48 -22.33
CA VAL B 331 8.34 31.38 -23.48
C VAL B 331 9.35 30.24 -23.25
N TRP B 332 9.33 29.27 -24.14
CA TRP B 332 10.06 28.02 -23.98
C TRP B 332 11.31 28.13 -24.82
N ALA B 333 12.44 28.51 -24.18
CA ALA B 333 13.61 28.96 -24.92
C ALA B 333 14.67 27.86 -24.98
N LYS B 334 15.12 27.51 -26.20
CA LYS B 334 16.13 26.47 -26.38
C LYS B 334 17.50 27.08 -26.05
N ILE B 335 18.34 26.33 -25.34
CA ILE B 335 19.60 26.86 -24.85
C ILE B 335 20.58 27.08 -26.00
N PRO B 336 21.07 28.34 -26.19
CA PRO B 336 22.04 28.65 -27.23
C PRO B 336 23.21 27.66 -27.28
N GLU B 337 23.50 27.14 -28.47
CA GLU B 337 24.51 26.09 -28.68
C GLU B 337 25.75 26.23 -27.80
N PRO B 338 26.37 27.44 -27.78
CA PRO B 338 27.56 27.61 -26.94
C PRO B 338 27.33 27.42 -25.43
N TYR B 339 26.07 27.50 -24.98
CA TYR B 339 25.72 27.16 -23.60
C TYR B 339 25.11 25.76 -23.48
N ALA B 340 25.10 25.02 -24.59
CA ALA B 340 24.43 23.73 -24.65
C ALA B 340 25.07 22.70 -23.71
N HIS B 341 26.39 22.74 -23.62
CA HIS B 341 27.14 21.75 -22.84
C HIS B 341 26.67 21.70 -21.39
N LEU B 342 26.32 22.85 -20.83
CA LEU B 342 26.05 22.98 -19.40
C LEU B 342 24.82 22.22 -18.90
N GLY B 343 23.76 22.18 -19.69
CA GLY B 343 22.49 21.59 -19.25
C GLY B 343 21.65 22.68 -18.61
N SER B 344 20.35 22.41 -18.48
CA SER B 344 19.38 23.46 -18.12
C SER B 344 19.61 24.01 -16.71
N LEU B 345 19.97 23.15 -15.78
CA LEU B 345 20.20 23.58 -14.39
C LEU B 345 21.34 24.59 -14.34
N GLU B 346 22.49 24.24 -14.93
CA GLU B 346 23.67 25.09 -14.84
C GLU B 346 23.58 26.37 -15.66
N PHE B 347 22.83 26.35 -16.75
CA PHE B 347 22.60 27.56 -17.54
C PHE B 347 21.70 28.49 -16.72
N ALA B 348 20.80 27.89 -15.94
CA ALA B 348 19.89 28.68 -15.14
C ALA B 348 20.67 29.31 -13.98
N LYS B 349 21.67 28.62 -13.46
CA LYS B 349 22.51 29.19 -12.42
C LYS B 349 23.36 30.31 -13.01
N LYS B 350 23.83 30.11 -14.23
CA LYS B 350 24.64 31.11 -14.92
C LYS B 350 23.81 32.38 -15.08
N LEU B 351 22.61 32.18 -15.64
CA LEU B 351 21.65 33.26 -15.84
C LEU B 351 21.36 34.02 -14.55
N LEU B 352 21.07 33.29 -13.47
CA LEU B 352 20.76 33.95 -12.22
C LEU B 352 21.99 34.77 -11.71
N GLN B 353 23.19 34.17 -11.73
CA GLN B 353 24.43 34.87 -11.32
C GLN B 353 24.82 36.04 -12.24
N ASP B 354 24.84 35.80 -13.55
CA ASP B 354 25.42 36.75 -14.51
C ASP B 354 24.43 37.75 -15.12
N ALA B 355 23.16 37.37 -15.26
CA ALA B 355 22.17 38.27 -15.84
C ALA B 355 21.12 38.78 -14.85
N LYS B 356 21.12 38.24 -13.62
CA LYS B 356 20.15 38.58 -12.56
C LYS B 356 18.71 38.24 -12.94
N VAL B 357 18.56 37.16 -13.72
CA VAL B 357 17.26 36.68 -14.12
C VAL B 357 17.06 35.24 -13.66
N SER B 358 15.94 34.98 -13.01
CA SER B 358 15.58 33.63 -12.57
C SER B 358 14.64 32.99 -13.58
N VAL B 359 15.04 31.84 -14.12
CA VAL B 359 14.22 31.07 -15.04
C VAL B 359 14.02 29.64 -14.51
N SER B 360 13.02 28.94 -15.06
CA SER B 360 12.80 27.53 -14.70
C SER B 360 13.65 26.68 -15.63
N PRO B 361 14.57 25.88 -15.08
CA PRO B 361 15.34 25.00 -15.95
C PRO B 361 14.46 23.88 -16.53
N GLY B 362 14.60 23.63 -17.83
CA GLY B 362 13.77 22.67 -18.54
C GLY B 362 13.65 21.28 -17.93
N ILE B 363 14.68 20.88 -17.17
CA ILE B 363 14.76 19.52 -16.62
C ILE B 363 13.81 19.34 -15.44
N GLY B 364 13.39 20.45 -14.84
CA GLY B 364 12.31 20.43 -13.87
C GLY B 364 10.98 19.98 -14.47
N PHE B 365 10.91 19.92 -15.79
CA PHE B 365 9.73 19.45 -16.49
C PHE B 365 9.97 18.08 -17.09
N GLY B 366 11.18 17.54 -16.89
CA GLY B 366 11.56 16.21 -17.40
C GLY B 366 12.89 16.21 -18.14
N ASP B 367 13.48 15.03 -18.33
CA ASP B 367 14.77 14.94 -19.01
C ASP B 367 14.69 15.45 -20.45
N TYR B 368 13.53 15.30 -21.08
CA TYR B 368 13.41 15.75 -22.48
C TYR B 368 13.37 17.29 -22.62
N GLY B 369 13.40 17.99 -21.49
CA GLY B 369 13.49 19.46 -21.50
C GLY B 369 14.86 20.01 -21.10
N ASP B 370 15.88 19.18 -21.00
CA ASP B 370 17.19 19.63 -20.48
C ASP B 370 17.92 20.61 -21.39
N ASP B 371 17.41 20.84 -22.59
CA ASP B 371 18.05 21.74 -23.54
C ASP B 371 17.27 23.04 -23.69
N HIS B 372 16.39 23.32 -22.73
CA HIS B 372 15.57 24.53 -22.75
C HIS B 372 15.52 25.15 -21.37
N VAL B 373 15.08 26.41 -21.33
CA VAL B 373 14.57 27.03 -20.11
C VAL B 373 13.18 27.60 -20.36
N ARG B 374 12.45 27.85 -19.26
CA ARG B 374 11.11 28.45 -19.33
C ARG B 374 11.10 29.79 -18.67
N PHE B 375 10.72 30.81 -19.43
CA PHE B 375 10.43 32.15 -18.95
C PHE B 375 8.94 32.29 -18.67
N ALA B 376 8.60 32.85 -17.52
CA ALA B 376 7.22 33.21 -17.22
C ALA B 376 7.08 34.71 -17.36
N LEU B 377 6.12 35.11 -18.18
CA LEU B 377 5.87 36.51 -18.51
C LEU B 377 5.05 37.15 -17.39
N ILE B 378 5.65 37.14 -16.19
CA ILE B 378 4.98 37.50 -14.94
C ILE B 378 5.62 38.73 -14.27
N GLU B 379 6.50 39.42 -14.99
CA GLU B 379 6.93 40.77 -14.61
C GLU B 379 6.41 41.77 -15.65
N ASN B 380 6.51 43.08 -15.34
CA ASN B 380 6.08 44.11 -16.30
C ASN B 380 7.12 44.28 -17.39
N ARG B 381 6.76 45.00 -18.45
CA ARG B 381 7.61 45.16 -19.64
C ARG B 381 8.93 45.89 -19.40
N ASP B 382 8.89 46.93 -18.58
CA ASP B 382 10.12 47.57 -18.14
C ASP B 382 11.08 46.55 -17.54
N ARG B 383 10.53 45.70 -16.67
CA ARG B 383 11.31 44.67 -16.00
C ARG B 383 11.73 43.52 -16.92
N LEU B 384 10.91 43.27 -17.96
CA LEU B 384 11.31 42.32 -19.00
C LEU B 384 12.49 42.91 -19.78
N ARG B 385 12.42 44.20 -20.11
CA ARG B 385 13.55 44.88 -20.72
C ARG B 385 14.81 44.77 -19.87
N GLN B 386 14.69 44.96 -18.55
CA GLN B 386 15.85 44.94 -17.65
C GLN B 386 16.50 43.56 -17.73
N ALA B 387 15.67 42.53 -17.72
CA ALA B 387 16.12 41.16 -17.90
C ALA B 387 16.79 40.95 -19.26
N VAL B 388 16.19 41.48 -20.34
CA VAL B 388 16.80 41.41 -21.67
C VAL B 388 18.22 42.00 -21.67
N ARG B 389 18.37 43.16 -21.01
CA ARG B 389 19.68 43.83 -20.91
C ARG B 389 20.68 43.06 -20.03
N GLY B 390 20.20 42.39 -19.00
CA GLY B 390 21.03 41.51 -18.18
C GLY B 390 21.48 40.27 -18.96
N ILE B 391 20.63 39.74 -19.81
CA ILE B 391 21.00 38.60 -20.65
C ILE B 391 22.03 39.04 -21.70
N LYS B 392 21.74 40.15 -22.39
CA LYS B 392 22.64 40.71 -23.40
C LYS B 392 24.04 40.85 -22.89
N ALA B 393 24.18 41.53 -21.76
CA ALA B 393 25.50 41.80 -21.18
C ALA B 393 26.20 40.47 -20.92
N MET B 394 25.52 39.54 -20.26
CA MET B 394 26.08 38.19 -20.06
C MET B 394 26.69 37.63 -21.34
N PHE B 395 25.98 37.78 -22.47
CA PHE B 395 26.49 37.37 -23.79
C PHE B 395 27.65 38.24 -24.30
N ARG B 396 27.61 39.55 -24.02
CA ARG B 396 28.74 40.43 -24.37
C ARG B 396 29.98 39.98 -23.62
N ALA B 397 29.81 39.64 -22.33
CA ALA B 397 30.92 39.23 -21.47
C ALA B 397 31.40 37.81 -21.78
N ASP B 398 30.55 36.98 -22.38
CA ASP B 398 30.99 35.65 -22.84
C ASP B 398 31.38 35.61 -24.32
N GLY B 399 31.37 36.76 -25.00
CA GLY B 399 31.90 36.90 -26.36
C GLY B 399 30.99 36.48 -27.51
N LEU B 400 29.67 36.65 -27.35
CA LEU B 400 28.70 36.37 -28.42
C LEU B 400 28.19 37.69 -29.02
N PHE C 22 -25.06 12.53 9.17
CA PHE C 22 -25.40 13.99 9.13
C PHE C 22 -26.16 14.36 7.87
N ASN C 23 -25.87 13.66 6.77
CA ASN C 23 -26.63 13.80 5.53
C ASN C 23 -28.09 13.41 5.70
N ILE C 24 -28.35 12.31 6.41
CA ILE C 24 -29.72 11.85 6.66
C ILE C 24 -30.53 12.96 7.32
N THR C 25 -30.05 13.46 8.46
CA THR C 25 -30.79 14.48 9.18
C THR C 25 -30.86 15.83 8.42
N ALA C 26 -29.84 16.16 7.64
CA ALA C 26 -29.91 17.35 6.80
C ALA C 26 -30.98 17.21 5.67
N GLU C 27 -31.26 15.99 5.22
CA GLU C 27 -32.28 15.78 4.18
C GLU C 27 -33.69 15.88 4.74
N LEU C 28 -33.90 15.29 5.92
CA LEU C 28 -35.20 15.37 6.60
C LEU C 28 -35.53 16.81 6.97
N LYS C 29 -34.51 17.58 7.37
CA LYS C 29 -34.67 18.98 7.72
C LYS C 29 -35.14 19.80 6.52
N MET C 30 -34.49 19.60 5.38
CA MET C 30 -34.79 20.37 4.19
C MET C 30 -36.18 19.95 3.67
N ALA C 31 -36.45 18.65 3.64
CA ALA C 31 -37.79 18.14 3.42
C ALA C 31 -38.87 18.90 4.23
N ALA C 32 -38.64 19.05 5.54
CA ALA C 32 -39.60 19.77 6.42
C ALA C 32 -39.79 21.25 6.03
N ARG C 33 -38.71 21.89 5.62
CA ARG C 33 -38.73 23.29 5.17
C ARG C 33 -39.46 23.47 3.82
N ARG C 34 -39.29 22.52 2.93
CA ARG C 34 -39.98 22.61 1.65
C ARG C 34 -41.49 22.40 1.83
N ARG C 35 -41.88 21.70 2.89
CA ARG C 35 -43.27 21.59 3.36
C ARG C 35 -43.73 22.80 4.17
N GLY C 36 -42.93 23.88 4.24
CA GLY C 36 -43.30 25.11 4.95
C GLY C 36 -43.13 25.15 6.46
N GLU C 37 -42.53 24.12 7.05
CA GLU C 37 -42.29 24.12 8.49
C GLU C 37 -41.09 25.00 8.89
N ASP C 38 -41.24 25.72 10.00
CA ASP C 38 -40.19 26.55 10.54
C ASP C 38 -39.26 25.74 11.46
N ILE C 39 -38.19 25.17 10.90
CA ILE C 39 -37.33 24.31 11.70
C ILE C 39 -36.26 25.13 12.42
N ILE C 40 -36.16 24.93 13.72
CA ILE C 40 -35.07 25.57 14.46
C ILE C 40 -33.85 24.67 14.35
N ASP C 41 -32.86 25.14 13.60
CA ASP C 41 -31.71 24.34 13.22
C ASP C 41 -30.55 24.48 14.20
N LEU C 42 -30.44 23.53 15.10
CA LEU C 42 -29.34 23.48 16.07
C LEU C 42 -28.56 22.20 15.83
N SER C 43 -28.41 21.83 14.56
CA SER C 43 -27.87 20.56 14.14
C SER C 43 -26.57 20.78 13.43
N MET C 44 -26.65 21.66 12.43
CA MET C 44 -25.50 22.14 11.71
C MET C 44 -24.70 22.72 12.84
N GLY C 45 -23.46 23.15 12.59
CA GLY C 45 -22.65 23.72 13.66
C GLY C 45 -21.84 24.90 13.17
N ASN C 46 -22.45 25.72 12.31
CA ASN C 46 -21.73 26.81 11.66
C ASN C 46 -22.11 28.14 12.31
N PRO C 47 -21.10 28.90 12.78
CA PRO C 47 -21.29 30.22 13.38
C PRO C 47 -22.17 31.14 12.53
N ASP C 48 -23.20 31.72 13.15
CA ASP C 48 -24.17 32.58 12.45
C ASP C 48 -23.78 34.06 12.49
N GLY C 49 -22.85 34.41 13.36
CA GLY C 49 -22.49 35.80 13.55
C GLY C 49 -21.63 36.34 12.43
N PRO C 50 -21.54 37.67 12.33
CA PRO C 50 -20.73 38.23 11.26
C PRO C 50 -19.26 38.37 11.67
N THR C 51 -18.38 38.25 10.68
CA THR C 51 -16.94 38.39 10.88
C THR C 51 -16.63 39.84 11.30
N PRO C 52 -15.90 40.03 12.41
CA PRO C 52 -15.54 41.37 12.87
C PRO C 52 -14.97 42.27 11.76
N PRO C 53 -15.42 43.55 11.68
CA PRO C 53 -15.04 44.45 10.59
C PRO C 53 -13.53 44.54 10.36
N HIS C 54 -12.76 44.73 11.42
CA HIS C 54 -11.30 44.81 11.31
C HIS C 54 -10.65 43.56 10.69
N ILE C 55 -11.33 42.41 10.80
CA ILE C 55 -10.90 41.20 10.11
C ILE C 55 -11.26 41.28 8.62
N VAL C 56 -12.56 41.47 8.34
CA VAL C 56 -13.04 41.65 6.97
C VAL C 56 -12.29 42.76 6.25
N GLU C 57 -12.19 43.92 6.89
CA GLU C 57 -11.46 45.07 6.35
C GLU C 57 -10.19 44.65 5.62
N LYS C 58 -9.33 43.90 6.33
CA LYS C 58 -8.04 43.48 5.78
C LYS C 58 -8.16 42.45 4.65
N LEU C 59 -9.18 41.59 4.69
CA LEU C 59 -9.44 40.67 3.58
C LEU C 59 -9.71 41.48 2.32
N CYS C 60 -10.58 42.48 2.44
CA CYS C 60 -10.91 43.38 1.34
C CYS C 60 -9.72 44.16 0.81
N THR C 61 -9.08 44.91 1.71
CA THR C 61 -8.04 45.86 1.31
C THR C 61 -6.87 45.18 0.59
N VAL C 62 -6.33 44.12 1.18
CA VAL C 62 -5.20 43.42 0.57
C VAL C 62 -5.61 42.67 -0.72
N ALA C 63 -6.86 42.23 -0.80
CA ALA C 63 -7.37 41.60 -2.01
C ALA C 63 -7.46 42.59 -3.17
N GLN C 64 -7.73 43.85 -2.85
CA GLN C 64 -7.80 44.94 -3.83
C GLN C 64 -6.42 45.38 -4.35
N ARG C 65 -5.34 45.01 -3.65
CA ARG C 65 -4.04 45.65 -3.86
C ARG C 65 -2.93 44.63 -4.10
N SER C 74 6.81 28.78 1.93
CA SER C 74 5.81 27.69 2.01
C SER C 74 5.26 27.46 3.42
N ARG C 75 5.71 28.26 4.39
CA ARG C 75 5.40 28.04 5.79
C ARG C 75 4.37 29.02 6.32
N GLY C 76 3.89 29.90 5.46
CA GLY C 76 3.04 31.01 5.86
C GLY C 76 3.85 32.30 5.94
N ILE C 77 3.16 33.43 5.75
CA ILE C 77 3.80 34.75 5.81
C ILE C 77 4.63 34.92 7.09
N PRO C 78 5.92 35.29 6.95
CA PRO C 78 6.79 35.30 8.12
C PRO C 78 6.21 36.16 9.24
N ARG C 79 5.46 37.19 8.88
CA ARG C 79 4.77 38.01 9.88
C ARG C 79 3.63 37.26 10.59
N LEU C 80 2.91 36.41 9.86
CA LEU C 80 1.78 35.65 10.44
C LEU C 80 2.27 34.60 11.44
N ARG C 81 3.35 33.92 11.12
CA ARG C 81 3.98 32.99 12.07
C ARG C 81 4.53 33.71 13.34
N ARG C 82 4.85 34.99 13.20
CA ARG C 82 5.19 35.81 14.36
C ARG C 82 3.97 36.12 15.21
N ALA C 83 2.82 36.29 14.56
CA ALA C 83 1.58 36.53 15.29
C ALA C 83 1.13 35.27 16.03
N ILE C 84 1.47 34.10 15.50
CA ILE C 84 1.18 32.84 16.16
C ILE C 84 2.09 32.66 17.38
N SER C 85 3.36 32.98 17.19
CA SER C 85 4.34 32.92 18.27
C SER C 85 3.98 33.79 19.46
N HIS C 86 3.42 34.96 19.19
CA HIS C 86 3.07 35.94 20.24
C HIS C 86 1.77 35.50 20.92
N TRP C 87 0.90 34.88 20.15
CA TRP C 87 -0.33 34.28 20.65
C TRP C 87 -0.03 33.22 21.72
N TYR C 88 0.95 32.36 21.46
CA TYR C 88 1.30 31.31 22.43
C TYR C 88 2.08 31.86 23.64
N ARG C 89 2.82 32.94 23.44
CA ARG C 89 3.58 33.52 24.52
C ARG C 89 2.66 34.25 25.49
N ASP C 90 1.72 35.03 24.93
CA ASP C 90 0.81 35.85 25.74
C ASP C 90 -0.36 35.07 26.36
N ARG C 91 -0.77 33.96 25.73
CA ARG C 91 -1.89 33.15 26.27
C ARG C 91 -1.43 31.97 27.15
N TYR C 92 -0.23 31.46 26.88
CA TYR C 92 0.22 30.22 27.50
C TYR C 92 1.65 30.24 28.01
N ASP C 93 2.29 31.42 28.00
CA ASP C 93 3.68 31.55 28.42
C ASP C 93 4.58 30.54 27.70
N VAL C 94 4.27 30.26 26.43
CA VAL C 94 4.93 29.21 25.66
C VAL C 94 5.78 29.74 24.50
N GLN C 95 7.00 29.23 24.41
CA GLN C 95 7.94 29.61 23.36
C GLN C 95 7.67 28.75 22.14
N ILE C 96 7.39 29.43 21.04
CA ILE C 96 7.19 28.81 19.77
C ILE C 96 8.01 29.61 18.77
N ASP C 97 9.02 28.97 18.18
CA ASP C 97 9.96 29.67 17.28
C ASP C 97 9.36 29.87 15.89
N PRO C 98 8.92 31.10 15.56
CA PRO C 98 8.17 31.32 14.30
C PRO C 98 8.78 30.73 13.03
N GLU C 99 10.10 30.64 12.94
CA GLU C 99 10.77 30.16 11.71
C GLU C 99 10.77 28.65 11.50
N SER C 100 10.67 27.88 12.59
CA SER C 100 10.73 26.42 12.49
C SER C 100 9.62 25.64 13.21
N GLU C 101 8.83 26.31 14.06
CA GLU C 101 7.88 25.58 14.93
C GLU C 101 6.39 25.92 14.70
N ALA C 102 6.09 26.72 13.68
CA ALA C 102 4.72 27.12 13.38
C ALA C 102 4.49 27.16 11.87
N ILE C 103 3.26 26.88 11.46
CA ILE C 103 2.96 26.82 10.03
C ILE C 103 1.48 27.12 9.77
N VAL C 104 1.21 27.92 8.76
CA VAL C 104 -0.14 28.30 8.41
C VAL C 104 -0.87 27.21 7.63
N THR C 105 -2.13 26.98 7.96
CA THR C 105 -2.89 25.92 7.32
C THR C 105 -4.15 26.42 6.66
N ILE C 106 -4.57 25.71 5.63
CA ILE C 106 -5.85 25.94 4.99
C ILE C 106 -6.93 25.18 5.78
N GLY C 107 -7.01 25.48 7.08
CA GLY C 107 -7.96 24.85 7.99
C GLY C 107 -7.34 23.66 8.70
N SER C 108 -7.94 23.21 9.79
CA SER C 108 -7.37 22.10 10.57
C SER C 108 -7.62 20.75 9.91
N LYS C 109 -8.75 20.61 9.20
CA LYS C 109 -9.06 19.33 8.53
C LYS C 109 -8.05 19.04 7.43
N GLU C 110 -7.90 19.99 6.51
CA GLU C 110 -6.86 19.94 5.50
C GLU C 110 -5.44 19.89 6.13
N GLY C 111 -5.22 20.62 7.20
CA GLY C 111 -3.91 20.59 7.89
C GLY C 111 -3.55 19.23 8.48
N LEU C 112 -4.57 18.56 9.02
CA LEU C 112 -4.41 17.22 9.56
C LEU C 112 -4.16 16.20 8.46
N ALA C 113 -4.85 16.33 7.33
CA ALA C 113 -4.69 15.38 6.22
C ALA C 113 -3.23 15.40 5.76
N HIS C 114 -2.66 16.60 5.68
CA HIS C 114 -1.32 16.77 5.15
C HIS C 114 -0.28 16.21 6.11
N LEU C 115 -0.43 16.51 7.39
CA LEU C 115 0.38 15.87 8.42
C LEU C 115 0.31 14.34 8.31
N MET C 116 -0.90 13.80 8.11
CA MET C 116 -1.08 12.35 7.98
C MET C 116 -0.36 11.78 6.77
N LEU C 117 -0.52 12.42 5.61
CA LEU C 117 0.26 12.04 4.42
C LEU C 117 1.78 12.07 4.69
N ALA C 118 2.23 13.03 5.51
CA ALA C 118 3.65 13.18 5.79
C ALA C 118 4.19 12.09 6.73
N THR C 119 3.37 11.60 7.66
CA THR C 119 3.83 10.66 8.68
C THR C 119 3.21 9.27 8.66
N LEU C 120 2.17 9.03 7.88
CA LEU C 120 1.57 7.71 7.87
C LEU C 120 1.94 6.97 6.60
N ASP C 121 2.25 5.67 6.73
CA ASP C 121 2.30 4.79 5.57
C ASP C 121 0.89 4.32 5.32
N HIS C 122 0.53 4.21 4.06
CA HIS C 122 -0.77 3.70 3.66
C HIS C 122 -1.20 2.50 4.52
N GLY C 123 -2.35 2.60 5.18
CA GLY C 123 -2.89 1.48 5.94
C GLY C 123 -2.55 1.44 7.41
N ASP C 124 -1.75 2.40 7.88
CA ASP C 124 -1.42 2.51 9.30
C ASP C 124 -2.65 2.94 10.08
N THR C 125 -2.55 2.83 11.40
CA THR C 125 -3.67 3.06 12.31
C THR C 125 -3.41 4.31 13.15
N ILE C 126 -4.49 5.05 13.38
CA ILE C 126 -4.50 6.20 14.28
C ILE C 126 -5.57 5.95 15.34
N LEU C 127 -5.37 6.55 16.52
CA LEU C 127 -6.37 6.45 17.60
C LEU C 127 -7.19 7.71 17.67
N VAL C 128 -8.49 7.52 17.95
CA VAL C 128 -9.46 8.61 17.99
C VAL C 128 -10.49 8.37 19.12
N PRO C 129 -10.87 9.43 19.85
CA PRO C 129 -11.81 9.20 20.90
C PRO C 129 -13.18 8.93 20.33
N ASN C 130 -13.97 8.17 21.07
CA ASN C 130 -15.35 7.89 20.69
C ASN C 130 -16.19 8.16 21.94
N PRO C 131 -17.07 9.16 21.88
CA PRO C 131 -17.47 9.90 20.71
C PRO C 131 -16.57 11.11 20.49
N SER C 132 -16.36 11.47 19.24
CA SER C 132 -15.72 12.73 18.91
C SER C 132 -16.16 13.19 17.53
N TYR C 133 -15.95 14.46 17.27
CA TYR C 133 -16.27 15.01 16.00
C TYR C 133 -15.20 14.54 15.01
N PRO C 134 -15.61 14.01 13.84
CA PRO C 134 -14.65 13.36 12.95
C PRO C 134 -13.76 14.29 12.12
N ILE C 135 -12.85 15.02 12.75
CA ILE C 135 -11.93 15.87 11.99
C ILE C 135 -10.86 15.07 11.27
N HIS C 136 -10.72 13.81 11.65
CA HIS C 136 -9.73 12.93 11.08
C HIS C 136 -10.12 12.34 9.75
N ILE C 137 -11.44 12.29 9.47
CA ILE C 137 -11.95 11.44 8.39
C ILE C 137 -11.31 11.75 7.04
N TYR C 138 -11.23 13.02 6.69
CA TYR C 138 -10.68 13.37 5.38
C TYR C 138 -9.23 12.88 5.25
N GLY C 139 -8.45 13.12 6.30
CA GLY C 139 -7.08 12.64 6.35
C GLY C 139 -7.01 11.14 6.25
N ALA C 140 -7.86 10.46 7.01
CA ALA C 140 -7.93 8.99 6.98
C ALA C 140 -8.10 8.46 5.54
N VAL C 141 -9.08 9.00 4.82
CA VAL C 141 -9.34 8.60 3.44
C VAL C 141 -8.17 8.94 2.50
N ILE C 142 -7.59 10.11 2.67
CA ILE C 142 -6.51 10.60 1.81
C ILE C 142 -5.20 9.86 2.07
N ALA C 143 -4.94 9.57 3.33
CA ALA C 143 -3.69 8.94 3.73
C ALA C 143 -3.84 7.44 3.82
N GLY C 144 -5.06 6.94 3.61
CA GLY C 144 -5.32 5.50 3.68
C GLY C 144 -5.17 4.93 5.08
N ALA C 145 -5.49 5.74 6.09
CA ALA C 145 -5.39 5.33 7.50
C ALA C 145 -6.60 4.52 8.01
N GLN C 146 -6.33 3.55 8.87
CA GLN C 146 -7.35 2.83 9.63
C GLN C 146 -7.53 3.45 11.00
N VAL C 147 -8.75 3.32 11.50
CA VAL C 147 -9.13 3.99 12.71
C VAL C 147 -9.45 3.04 13.83
N ARG C 148 -8.94 3.36 15.01
CA ARG C 148 -9.14 2.61 16.23
C ARG C 148 -9.74 3.59 17.25
N SER C 149 -10.99 3.40 17.63
CA SER C 149 -11.65 4.31 18.57
C SER C 149 -11.38 3.98 20.04
N VAL C 150 -11.24 5.02 20.84
CA VAL C 150 -10.93 4.89 22.25
C VAL C 150 -12.07 5.54 23.02
N PRO C 151 -12.85 4.75 23.76
CA PRO C 151 -14.00 5.29 24.48
C PRO C 151 -13.63 6.45 25.39
N LEU C 152 -14.32 7.56 25.25
CA LEU C 152 -14.08 8.73 26.09
C LEU C 152 -15.44 9.19 26.60
N VAL C 153 -15.82 8.65 27.75
CA VAL C 153 -17.15 8.77 28.28
C VAL C 153 -17.07 8.71 29.81
N PRO C 154 -18.12 9.20 30.50
CA PRO C 154 -18.06 9.16 31.95
C PRO C 154 -18.08 7.73 32.52
N GLY C 155 -17.10 7.44 33.39
CA GLY C 155 -17.04 6.16 34.08
C GLY C 155 -16.24 5.11 33.36
N ILE C 156 -15.42 5.50 32.40
CA ILE C 156 -14.48 4.59 31.78
C ILE C 156 -13.11 5.26 31.84
N ASP C 157 -12.12 4.54 32.37
CA ASP C 157 -10.77 5.10 32.53
C ASP C 157 -10.15 5.31 31.15
N PHE C 158 -10.10 6.57 30.72
CA PHE C 158 -9.68 6.90 29.34
C PHE C 158 -8.24 6.49 29.08
N PHE C 159 -7.38 6.68 30.07
CA PHE C 159 -5.97 6.39 29.89
C PHE C 159 -5.72 4.89 29.80
N ASN C 160 -6.51 4.12 30.54
CA ASN C 160 -6.47 2.68 30.44
C ASN C 160 -6.72 2.26 29.02
N GLU C 161 -7.81 2.77 28.46
CA GLU C 161 -8.24 2.43 27.11
C GLU C 161 -7.28 2.90 26.01
N LEU C 162 -6.72 4.09 26.19
CA LEU C 162 -5.79 4.64 25.23
C LEU C 162 -4.51 3.79 25.19
N GLU C 163 -3.90 3.52 26.33
CA GLU C 163 -2.70 2.68 26.39
C GLU C 163 -2.97 1.24 25.90
N ARG C 164 -4.08 0.68 26.35
CA ARG C 164 -4.54 -0.61 25.88
C ARG C 164 -4.69 -0.63 24.35
N ALA C 165 -5.24 0.43 23.79
CA ALA C 165 -5.38 0.52 22.33
C ALA C 165 -4.00 0.64 21.68
N ILE C 166 -3.08 1.35 22.34
CA ILE C 166 -1.70 1.42 21.86
C ILE C 166 -1.03 0.04 21.87
N ARG C 167 -1.23 -0.74 22.94
CA ARG C 167 -0.53 -2.04 23.07
C ARG C 167 -1.16 -3.19 22.29
N GLU C 168 -2.45 -3.11 21.99
CA GLU C 168 -3.18 -4.19 21.34
C GLU C 168 -3.18 -4.09 19.82
N SER C 169 -2.66 -2.98 19.29
CA SER C 169 -2.41 -2.83 17.84
C SER C 169 -0.97 -3.15 17.49
N ILE C 170 -0.78 -3.96 16.44
CA ILE C 170 0.54 -4.34 15.93
C ILE C 170 0.53 -4.14 14.42
N PRO C 171 1.38 -3.25 13.91
CA PRO C 171 2.38 -2.37 14.57
C PRO C 171 1.74 -1.29 15.42
N LYS C 172 2.52 -0.58 16.24
CA LYS C 172 1.92 0.48 17.07
C LYS C 172 1.23 1.52 16.19
N PRO C 173 0.10 2.08 16.65
CA PRO C 173 -0.50 3.21 15.97
C PRO C 173 0.47 4.39 15.89
N ARG C 174 0.36 5.14 14.82
CA ARG C 174 1.28 6.21 14.57
C ARG C 174 0.91 7.49 15.29
N MET C 175 -0.38 7.72 15.49
CA MET C 175 -0.80 8.95 16.11
C MET C 175 -2.10 8.79 16.86
N MET C 176 -2.30 9.63 17.88
CA MET C 176 -3.59 9.83 18.51
C MET C 176 -4.01 11.27 18.29
N ILE C 177 -5.31 11.49 18.09
CA ILE C 177 -5.88 12.80 17.78
C ILE C 177 -6.88 13.17 18.87
N LEU C 178 -6.74 14.38 19.43
CA LEU C 178 -7.52 14.81 20.58
C LEU C 178 -7.95 16.22 20.36
N GLY C 179 -9.00 16.64 21.07
CA GLY C 179 -9.55 17.98 20.90
C GLY C 179 -10.28 18.42 22.14
N PHE C 180 -9.68 19.33 22.89
CA PHE C 180 -10.29 19.86 24.12
C PHE C 180 -10.15 21.36 24.08
N PRO C 181 -11.24 22.10 24.38
CA PRO C 181 -12.64 21.68 24.57
C PRO C 181 -13.21 20.87 23.42
N SER C 182 -13.98 19.84 23.74
CA SER C 182 -14.38 18.84 22.75
C SER C 182 -15.65 19.18 21.99
N ASN C 183 -15.66 18.77 20.73
CA ASN C 183 -16.85 18.62 19.90
C ASN C 183 -17.08 17.11 19.76
N PRO C 184 -18.26 16.61 20.17
CA PRO C 184 -19.54 17.19 20.64
C PRO C 184 -19.81 17.32 22.15
N THR C 185 -18.91 16.83 23.00
CA THR C 185 -19.23 16.66 24.42
C THR C 185 -19.00 17.89 25.32
N ALA C 186 -18.37 18.93 24.78
CA ALA C 186 -18.01 20.12 25.58
C ALA C 186 -17.00 19.89 26.71
N GLN C 187 -16.46 18.67 26.82
CA GLN C 187 -15.62 18.31 27.98
C GLN C 187 -14.43 19.26 28.04
N CYS C 188 -14.01 19.62 29.26
CA CYS C 188 -12.79 20.39 29.46
C CYS C 188 -11.87 19.64 30.41
N VAL C 189 -10.57 19.68 30.11
CA VAL C 189 -9.57 19.03 30.93
C VAL C 189 -8.60 20.06 31.46
N GLU C 190 -7.82 19.64 32.46
CA GLU C 190 -6.82 20.49 33.06
C GLU C 190 -5.45 20.18 32.47
N LEU C 191 -4.44 20.95 32.87
CA LEU C 191 -3.10 20.81 32.29
C LEU C 191 -2.49 19.45 32.65
N ASP C 192 -2.87 18.92 33.81
CA ASP C 192 -2.46 17.58 34.23
C ASP C 192 -2.95 16.46 33.31
N PHE C 193 -4.10 16.64 32.66
CA PHE C 193 -4.57 15.64 31.71
C PHE C 193 -3.60 15.54 30.54
N PHE C 194 -3.11 16.69 30.08
CA PHE C 194 -2.15 16.75 28.98
C PHE C 194 -0.77 16.21 29.35
N GLU C 195 -0.31 16.46 30.58
CA GLU C 195 1.03 15.98 31.01
C GLU C 195 1.05 14.45 31.10
N ARG C 196 -0.11 13.84 31.35
CA ARG C 196 -0.22 12.38 31.31
C ARG C 196 -0.24 11.89 29.87
N VAL C 197 -1.03 12.52 29.02
CA VAL C 197 -1.05 12.19 27.59
C VAL C 197 0.38 12.22 27.03
N VAL C 198 1.02 13.37 27.14
CA VAL C 198 2.40 13.54 26.66
C VAL C 198 3.39 12.49 27.19
N ALA C 199 3.38 12.29 28.51
CA ALA C 199 4.23 11.28 29.14
C ALA C 199 3.96 9.88 28.62
N LEU C 200 2.68 9.54 28.46
CA LEU C 200 2.29 8.26 27.86
C LEU C 200 2.74 8.19 26.42
N ALA C 201 2.52 9.26 25.66
CA ALA C 201 2.86 9.27 24.23
C ALA C 201 4.37 9.10 24.01
N LYS C 202 5.16 9.65 24.92
CA LYS C 202 6.60 9.43 24.90
C LYS C 202 6.97 7.97 25.21
N GLN C 203 6.29 7.37 26.18
CA GLN C 203 6.54 5.97 26.52
C GLN C 203 6.48 5.04 25.31
N TYR C 204 5.48 5.22 24.46
CA TYR C 204 5.29 4.30 23.33
C TYR C 204 5.71 4.85 21.99
N ASP C 205 6.09 6.13 21.97
CA ASP C 205 6.46 6.82 20.75
C ASP C 205 5.28 6.91 19.80
N VAL C 206 4.18 7.44 20.30
CA VAL C 206 2.97 7.65 19.50
C VAL C 206 2.78 9.17 19.44
N MET C 207 2.64 9.68 18.24
CA MET C 207 2.50 11.11 18.05
C MET C 207 1.15 11.62 18.58
N VAL C 208 1.18 12.82 19.18
CA VAL C 208 -0.04 13.42 19.69
C VAL C 208 -0.41 14.61 18.84
N VAL C 209 -1.66 14.63 18.40
CA VAL C 209 -2.19 15.78 17.74
C VAL C 209 -3.37 16.28 18.56
N HIS C 210 -3.31 17.54 18.96
CA HIS C 210 -4.39 18.18 19.69
C HIS C 210 -5.01 19.34 18.91
N ASP C 211 -6.32 19.43 19.01
CA ASP C 211 -7.13 20.37 18.30
C ASP C 211 -7.64 21.41 19.28
N LEU C 212 -7.06 22.62 19.21
CA LEU C 212 -7.41 23.75 20.10
C LEU C 212 -8.60 24.60 19.55
N ALA C 213 -9.40 24.03 18.67
CA ALA C 213 -10.44 24.78 17.94
C ALA C 213 -11.28 25.73 18.80
N TYR C 214 -11.72 25.23 19.94
CA TYR C 214 -12.69 25.92 20.79
C TYR C 214 -12.07 26.55 22.01
N ALA C 215 -10.80 26.87 21.93
CA ALA C 215 -10.06 27.46 23.06
C ALA C 215 -10.58 28.79 23.55
N ASP C 216 -10.92 29.68 22.62
CA ASP C 216 -11.48 31.00 22.93
C ASP C 216 -12.99 31.01 23.22
N ILE C 217 -13.68 29.91 22.95
CA ILE C 217 -15.11 29.85 23.24
C ILE C 217 -15.18 29.24 24.60
N VAL C 218 -14.90 30.05 25.60
CA VAL C 218 -14.90 29.60 26.99
C VAL C 218 -15.77 30.52 27.81
N TYR C 219 -16.34 29.97 28.88
CA TYR C 219 -17.31 30.66 29.70
C TYR C 219 -16.89 30.82 31.17
N ASP C 220 -17.60 31.70 31.86
CA ASP C 220 -17.59 31.78 33.33
C ASP C 220 -16.22 32.04 33.96
N GLY C 221 -15.30 32.66 33.21
CA GLY C 221 -13.96 33.01 33.69
C GLY C 221 -12.85 32.03 33.32
N TRP C 222 -13.22 30.99 32.58
CA TRP C 222 -12.30 29.88 32.29
C TRP C 222 -11.34 30.24 31.16
N LYS C 223 -10.10 29.75 31.23
CA LYS C 223 -9.14 29.85 30.12
C LYS C 223 -8.69 28.44 29.71
N ALA C 224 -8.78 28.11 28.42
CA ALA C 224 -8.45 26.75 27.92
C ALA C 224 -6.94 26.52 27.82
N PRO C 225 -6.41 25.38 28.35
CA PRO C 225 -4.97 25.07 28.35
C PRO C 225 -4.43 24.48 27.04
N SER C 226 -3.16 24.74 26.74
CA SER C 226 -2.51 24.22 25.53
C SER C 226 -1.66 23.01 25.86
N ILE C 227 -1.68 22.00 24.98
CA ILE C 227 -0.80 20.85 25.20
C ILE C 227 0.67 21.28 25.26
N MET C 228 0.97 22.44 24.70
CA MET C 228 2.33 22.92 24.55
C MET C 228 2.89 23.54 25.83
N GLN C 229 2.06 23.62 26.86
CA GLN C 229 2.50 24.07 28.17
C GLN C 229 3.19 22.96 28.96
N VAL C 230 3.01 21.71 28.52
CA VAL C 230 3.65 20.55 29.15
C VAL C 230 5.13 20.54 28.73
N PRO C 231 6.08 20.65 29.69
CA PRO C 231 7.48 20.75 29.24
C PRO C 231 7.91 19.59 28.32
N GLY C 232 8.60 19.91 27.23
CA GLY C 232 9.03 18.90 26.25
C GLY C 232 7.89 18.33 25.43
N ALA C 233 6.80 19.08 25.31
CA ALA C 233 5.65 18.64 24.53
C ALA C 233 6.01 18.53 23.04
N LYS C 234 6.91 19.42 22.60
CA LYS C 234 7.31 19.53 21.18
C LYS C 234 8.08 18.29 20.73
N ASP C 235 8.57 17.51 21.67
CA ASP C 235 9.22 16.25 21.35
C ASP C 235 8.26 15.25 20.71
N ILE C 236 6.98 15.35 21.05
CA ILE C 236 5.99 14.31 20.68
C ILE C 236 4.69 14.86 20.12
N ALA C 237 4.46 16.16 20.20
CA ALA C 237 3.13 16.68 19.82
C ALA C 237 3.12 17.93 18.95
N VAL C 238 1.99 18.09 18.28
CA VAL C 238 1.66 19.25 17.47
C VAL C 238 0.28 19.73 17.92
N GLU C 239 -0.01 21.00 17.67
CA GLU C 239 -1.32 21.54 17.99
C GLU C 239 -1.87 22.39 16.85
N PHE C 240 -3.16 22.23 16.60
CA PHE C 240 -3.84 22.85 15.48
C PHE C 240 -4.84 23.86 16.01
N PHE C 241 -4.88 25.04 15.38
CA PHE C 241 -5.92 26.03 15.67
C PHE C 241 -6.57 26.52 14.38
N THR C 242 -7.90 26.37 14.33
CA THR C 242 -8.70 26.94 13.25
C THR C 242 -9.25 28.27 13.76
N LEU C 243 -9.15 29.34 12.96
CA LEU C 243 -9.75 30.65 13.32
C LEU C 243 -11.29 30.69 13.23
N SER C 244 -11.90 29.61 12.74
CA SER C 244 -13.32 29.65 12.36
C SER C 244 -14.22 30.03 13.53
N LYS C 245 -14.06 29.32 14.66
CA LYS C 245 -14.97 29.45 15.80
C LYS C 245 -14.74 30.72 16.63
N SER C 246 -13.49 31.01 16.96
CA SER C 246 -13.23 32.15 17.84
C SER C 246 -13.50 33.50 17.21
N TYR C 247 -13.53 33.56 15.88
CA TYR C 247 -13.64 34.83 15.18
C TYR C 247 -14.72 34.84 14.13
N ASN C 248 -15.73 33.97 14.28
CA ASN C 248 -16.78 33.83 13.26
C ASN C 248 -16.19 33.81 11.86
N MET C 249 -15.28 32.86 11.59
CA MET C 249 -14.65 32.76 10.28
C MET C 249 -14.97 31.42 9.58
N ALA C 250 -16.25 31.04 9.63
CA ALA C 250 -16.69 29.81 8.99
C ALA C 250 -16.57 29.98 7.47
N GLY C 251 -15.87 29.04 6.84
CA GLY C 251 -15.67 29.03 5.40
C GLY C 251 -14.38 29.70 4.97
N TRP C 252 -13.65 30.29 5.90
CA TRP C 252 -12.42 30.99 5.57
C TRP C 252 -11.24 30.02 5.44
N ARG C 253 -11.32 28.86 6.09
CA ARG C 253 -10.35 27.82 5.86
C ARG C 253 -8.97 28.32 6.12
N ILE C 254 -8.74 28.86 7.32
CA ILE C 254 -7.45 29.39 7.71
C ILE C 254 -7.21 29.06 9.18
N GLY C 255 -6.06 28.48 9.46
CA GLY C 255 -5.67 28.12 10.80
C GLY C 255 -4.17 27.98 10.85
N PHE C 256 -3.68 27.26 11.85
CA PHE C 256 -2.25 26.98 11.93
C PHE C 256 -1.96 25.71 12.69
N MET C 257 -0.72 25.25 12.55
CA MET C 257 -0.18 24.16 13.35
C MET C 257 1.09 24.66 14.05
N VAL C 258 1.30 24.22 15.28
CA VAL C 258 2.60 24.36 15.95
C VAL C 258 3.08 23.06 16.56
N GLY C 259 4.37 22.99 16.78
CA GLY C 259 4.93 21.89 17.58
C GLY C 259 6.28 21.48 17.07
N ASN C 260 6.49 20.17 17.02
CA ASN C 260 7.74 19.60 16.56
C ASN C 260 8.20 20.24 15.26
N PRO C 261 9.48 20.69 15.21
CA PRO C 261 10.02 21.29 13.98
C PRO C 261 10.07 20.33 12.80
N GLU C 262 10.33 19.05 13.07
CA GLU C 262 10.43 18.06 11.99
C GLU C 262 9.07 17.71 11.39
N LEU C 263 8.01 17.75 12.19
CA LEU C 263 6.65 17.58 11.69
C LEU C 263 6.15 18.79 10.91
N VAL C 264 6.58 19.99 11.29
CA VAL C 264 6.22 21.24 10.62
C VAL C 264 6.85 21.29 9.23
N SER C 265 8.14 20.92 9.16
CA SER C 265 8.86 20.79 7.90
C SER C 265 8.25 19.74 6.98
N ALA C 266 7.77 18.64 7.55
CA ALA C 266 6.98 17.64 6.77
C ALA C 266 5.82 18.33 6.08
N LEU C 267 4.98 18.99 6.88
CA LEU C 267 3.82 19.71 6.37
C LEU C 267 4.15 20.77 5.34
N ALA C 268 5.27 21.48 5.51
CA ALA C 268 5.70 22.50 4.58
C ALA C 268 6.01 21.89 3.22
N ARG C 269 6.67 20.74 3.24
CA ARG C 269 6.96 19.98 2.01
C ARG C 269 5.67 19.53 1.32
N ILE C 270 4.79 18.84 2.05
CA ILE C 270 3.54 18.37 1.46
C ILE C 270 2.81 19.55 0.83
N LYS C 271 2.66 20.64 1.60
CA LYS C 271 1.86 21.77 1.15
C LYS C 271 2.44 22.43 -0.11
N SER C 272 3.75 22.30 -0.31
CA SER C 272 4.43 22.93 -1.46
C SER C 272 4.08 22.24 -2.78
N TYR C 273 3.72 20.96 -2.70
CA TYR C 273 3.30 20.18 -3.84
C TYR C 273 1.86 20.52 -4.21
N HIS C 274 1.11 20.88 -3.18
CA HIS C 274 -0.32 21.08 -3.25
C HIS C 274 -0.71 22.43 -3.84
N ASP C 275 -0.27 23.51 -3.19
CA ASP C 275 -0.59 24.87 -3.64
C ASP C 275 0.65 25.78 -3.64
N TYR C 276 0.58 26.86 -4.42
CA TYR C 276 1.65 27.86 -4.46
C TYR C 276 1.74 28.65 -3.14
N GLY C 277 0.65 28.70 -2.38
CA GLY C 277 0.63 29.39 -1.09
C GLY C 277 -0.77 29.77 -0.65
N THR C 278 -0.97 29.88 0.67
CA THR C 278 -2.27 30.25 1.25
C THR C 278 -2.66 31.67 0.83
N PHE C 279 -3.93 31.86 0.45
CA PHE C 279 -4.44 33.13 -0.07
C PHE C 279 -4.04 34.27 0.86
N THR C 280 -3.18 35.14 0.35
CA THR C 280 -2.47 36.14 1.18
C THR C 280 -3.44 37.05 1.94
N PRO C 281 -4.51 37.50 1.27
CA PRO C 281 -5.53 38.27 1.97
C PRO C 281 -6.12 37.57 3.19
N LEU C 282 -6.35 36.26 3.09
CA LEU C 282 -6.75 35.48 4.28
C LEU C 282 -5.63 35.46 5.32
N GLN C 283 -4.39 35.38 4.87
CA GLN C 283 -3.25 35.39 5.78
C GLN C 283 -3.18 36.72 6.51
N VAL C 284 -3.22 37.82 5.77
CA VAL C 284 -3.24 39.16 6.37
C VAL C 284 -4.50 39.39 7.23
N ALA C 285 -5.63 38.82 6.83
CA ALA C 285 -6.82 38.86 7.69
C ALA C 285 -6.53 38.09 8.98
N ALA C 286 -5.74 37.02 8.88
CA ALA C 286 -5.43 36.19 10.04
C ALA C 286 -4.58 36.98 11.04
N ILE C 287 -3.75 37.89 10.54
CA ILE C 287 -2.95 38.77 11.38
C ILE C 287 -3.82 39.75 12.16
N ALA C 288 -4.84 40.30 11.53
CA ALA C 288 -5.73 41.24 12.22
C ALA C 288 -6.41 40.51 13.37
N ALA C 289 -6.95 39.34 13.05
CA ALA C 289 -7.57 38.46 14.05
C ALA C 289 -6.67 38.19 15.24
N LEU C 290 -5.43 37.78 14.99
CA LEU C 290 -4.58 37.28 16.06
C LEU C 290 -3.84 38.39 16.83
N GLU C 291 -3.36 39.40 16.11
CA GLU C 291 -2.64 40.49 16.74
C GLU C 291 -3.60 41.53 17.29
N GLY C 292 -3.22 42.09 18.43
CA GLY C 292 -3.87 43.28 18.96
C GLY C 292 -5.15 43.01 19.71
N ASP C 293 -6.07 43.95 19.57
CA ASP C 293 -7.36 43.94 20.28
C ASP C 293 -8.13 42.63 20.10
N GLN C 294 -8.29 41.89 21.20
CA GLN C 294 -9.07 40.64 21.24
C GLN C 294 -10.49 40.85 21.80
N GLN C 295 -10.98 42.10 21.81
CA GLN C 295 -12.33 42.41 22.29
C GLN C 295 -13.42 41.62 21.53
N CYS C 296 -13.22 41.41 20.23
CA CYS C 296 -14.25 40.76 19.39
C CYS C 296 -14.43 39.27 19.71
N VAL C 297 -13.35 38.62 20.19
CA VAL C 297 -13.42 37.20 20.58
C VAL C 297 -14.07 37.06 21.96
N ARG C 298 -13.78 38.02 22.83
CA ARG C 298 -14.46 38.15 24.13
C ARG C 298 -15.97 38.29 23.93
N ASP C 299 -16.37 39.15 23.00
CA ASP C 299 -17.78 39.38 22.67
C ASP C 299 -18.46 38.14 22.05
N ILE C 300 -17.74 37.42 21.18
CA ILE C 300 -18.27 36.21 20.59
C ILE C 300 -18.49 35.15 21.67
N ALA C 301 -17.45 34.84 22.42
CA ALA C 301 -17.60 33.98 23.59
C ALA C 301 -18.85 34.34 24.39
N ARG C 302 -18.93 35.60 24.85
CA ARG C 302 -19.94 35.97 25.82
C ARG C 302 -21.34 35.86 25.23
N GLN C 303 -21.44 36.04 23.92
CA GLN C 303 -22.68 35.79 23.19
C GLN C 303 -23.09 34.31 23.23
N TYR C 304 -22.15 33.40 22.95
CA TYR C 304 -22.41 31.97 23.07
C TYR C 304 -22.79 31.58 24.49
N GLN C 305 -22.24 32.29 25.46
CA GLN C 305 -22.54 32.05 26.86
C GLN C 305 -24.03 32.34 27.15
N GLN C 306 -24.52 33.49 26.68
CA GLN C 306 -25.91 33.90 26.91
C GLN C 306 -26.91 32.96 26.21
N ARG C 307 -26.57 32.54 25.01
CA ARG C 307 -27.34 31.50 24.31
C ARG C 307 -27.31 30.18 25.07
N ARG C 308 -26.13 29.76 25.50
CA ARG C 308 -26.02 28.59 26.39
C ARG C 308 -27.02 28.66 27.55
N ASP C 309 -27.02 29.76 28.28
CA ASP C 309 -27.91 29.93 29.43
C ASP C 309 -29.40 29.78 29.05
N VAL C 310 -29.81 30.34 27.93
CA VAL C 310 -31.23 30.23 27.53
C VAL C 310 -31.64 28.80 27.18
N LEU C 311 -30.81 28.09 26.41
CA LEU C 311 -31.15 26.72 26.04
C LEU C 311 -31.05 25.78 27.24
N VAL C 312 -29.94 25.87 28.00
CA VAL C 312 -29.73 24.98 29.14
C VAL C 312 -30.86 25.14 30.14
N LYS C 313 -31.28 26.39 30.38
CA LYS C 313 -32.32 26.67 31.36
C LYS C 313 -33.71 26.21 30.89
N GLY C 314 -34.02 26.52 29.63
CA GLY C 314 -35.29 26.10 29.03
C GLY C 314 -35.46 24.59 29.04
N LEU C 315 -34.40 23.88 28.67
CA LEU C 315 -34.45 22.41 28.60
C LEU C 315 -34.67 21.80 29.98
N ARG C 316 -34.03 22.36 30.99
CA ARG C 316 -34.18 21.85 32.35
C ARG C 316 -35.56 22.13 32.88
N GLU C 317 -36.01 23.36 32.70
CA GLU C 317 -37.39 23.71 33.04
C GLU C 317 -38.42 22.71 32.49
N ALA C 318 -38.11 22.11 31.35
CA ALA C 318 -38.99 21.11 30.74
C ALA C 318 -38.72 19.68 31.24
N GLY C 319 -37.83 19.52 32.23
CA GLY C 319 -37.46 18.19 32.69
C GLY C 319 -36.51 17.43 31.76
N TRP C 320 -35.79 18.17 30.92
CA TRP C 320 -34.71 17.59 30.17
C TRP C 320 -33.49 18.06 30.92
N MET C 321 -32.94 17.18 31.74
CA MET C 321 -31.84 17.57 32.60
C MET C 321 -30.51 17.40 31.87
N VAL C 322 -30.22 18.35 30.99
CA VAL C 322 -28.96 18.34 30.23
C VAL C 322 -27.77 18.80 31.11
N GLU C 323 -26.57 18.33 30.79
CA GLU C 323 -25.34 18.95 31.32
C GLU C 323 -25.17 20.35 30.72
N ASN C 324 -24.51 21.23 31.47
CA ASN C 324 -24.20 22.60 31.04
C ASN C 324 -22.75 22.65 30.54
N PRO C 325 -22.51 23.06 29.29
CA PRO C 325 -21.11 23.10 28.85
C PRO C 325 -20.36 24.26 29.47
N LYS C 326 -19.03 24.11 29.61
CA LYS C 326 -18.19 25.20 30.10
C LYS C 326 -17.35 25.84 29.01
N ALA C 327 -17.51 25.34 27.78
CA ALA C 327 -16.73 25.77 26.62
C ALA C 327 -17.30 25.08 25.40
N SER C 328 -16.97 25.62 24.23
CA SER C 328 -17.52 25.13 22.96
C SER C 328 -18.92 25.71 22.77
N MET C 329 -19.52 25.35 21.66
CA MET C 329 -20.83 25.83 21.27
C MET C 329 -21.90 24.76 21.38
N TYR C 330 -21.64 23.67 22.06
CA TYR C 330 -22.55 22.55 22.00
C TYR C 330 -23.07 22.21 23.38
N VAL C 331 -24.34 21.80 23.38
CA VAL C 331 -24.94 21.24 24.56
C VAL C 331 -25.13 19.78 24.23
N TRP C 332 -24.31 18.99 24.89
CA TRP C 332 -24.28 17.57 24.72
C TRP C 332 -25.34 17.04 25.64
N ALA C 333 -26.46 16.61 25.08
CA ALA C 333 -27.67 16.33 25.87
C ALA C 333 -28.08 14.84 25.93
N LYS C 334 -27.94 14.24 27.10
CA LYS C 334 -28.34 12.85 27.31
C LYS C 334 -29.83 12.64 26.98
N ILE C 335 -30.11 11.68 26.10
CA ILE C 335 -31.49 11.36 25.72
C ILE C 335 -32.33 10.96 26.94
N PRO C 336 -33.43 11.68 27.20
CA PRO C 336 -34.28 11.28 28.33
C PRO C 336 -34.75 9.82 28.27
N GLU C 337 -34.82 9.19 29.43
CA GLU C 337 -35.07 7.74 29.58
C GLU C 337 -36.30 7.19 28.84
N PRO C 338 -37.45 7.89 28.91
CA PRO C 338 -38.58 7.39 28.13
C PRO C 338 -38.27 7.23 26.63
N TYR C 339 -37.37 8.05 26.10
CA TYR C 339 -36.98 8.01 24.68
C TYR C 339 -35.64 7.33 24.44
N ALA C 340 -35.11 6.63 25.42
CA ALA C 340 -33.76 6.03 25.30
C ALA C 340 -33.76 4.81 24.39
N HIS C 341 -34.84 4.04 24.42
CA HIS C 341 -34.96 2.84 23.58
C HIS C 341 -34.92 3.16 22.07
N LEU C 342 -35.20 4.41 21.72
CA LEU C 342 -35.21 4.83 20.32
C LEU C 342 -33.83 4.88 19.67
N GLY C 343 -32.80 5.18 20.47
CA GLY C 343 -31.45 5.48 19.93
C GLY C 343 -31.38 6.94 19.48
N SER C 344 -30.20 7.43 19.07
CA SER C 344 -30.07 8.87 18.79
C SER C 344 -30.61 9.32 17.42
N LEU C 345 -30.69 8.40 16.46
CA LEU C 345 -31.14 8.71 15.09
C LEU C 345 -32.62 9.00 15.09
N GLU C 346 -33.36 8.00 15.56
CA GLU C 346 -34.80 7.99 15.52
C GLU C 346 -35.42 9.01 16.48
N PHE C 347 -34.79 9.19 17.65
CA PHE C 347 -35.20 10.24 18.58
C PHE C 347 -35.05 11.62 17.96
N ALA C 348 -33.92 11.86 17.31
CA ALA C 348 -33.69 13.14 16.66
C ALA C 348 -34.69 13.36 15.54
N LYS C 349 -35.12 12.27 14.89
CA LYS C 349 -36.19 12.35 13.90
C LYS C 349 -37.47 12.82 14.58
N LYS C 350 -37.70 12.33 15.80
CA LYS C 350 -38.89 12.73 16.56
C LYS C 350 -38.83 14.21 16.91
N LEU C 351 -37.67 14.69 17.37
CA LEU C 351 -37.50 16.12 17.63
C LEU C 351 -37.82 16.99 16.42
N LEU C 352 -37.25 16.61 15.27
CA LEU C 352 -37.55 17.25 14.01
C LEU C 352 -39.07 17.21 13.71
N GLN C 353 -39.67 16.02 13.66
CA GLN C 353 -41.11 15.92 13.33
C GLN C 353 -42.02 16.65 14.33
N ASP C 354 -41.82 16.42 15.63
CA ASP C 354 -42.80 16.83 16.64
C ASP C 354 -42.52 18.16 17.32
N ALA C 355 -41.25 18.46 17.52
CA ALA C 355 -40.82 19.71 18.17
C ALA C 355 -40.33 20.79 17.16
N LYS C 356 -40.03 20.36 15.94
CA LYS C 356 -39.61 21.26 14.84
C LYS C 356 -38.23 21.83 15.16
N VAL C 357 -37.40 20.97 15.75
CA VAL C 357 -36.04 21.29 16.12
C VAL C 357 -35.11 20.25 15.52
N SER C 358 -34.06 20.72 14.85
CA SER C 358 -33.05 19.82 14.28
C SER C 358 -31.81 19.76 15.17
N VAL C 359 -31.53 18.57 15.68
CA VAL C 359 -30.35 18.24 16.47
C VAL C 359 -29.50 17.24 15.70
N SER C 360 -28.23 17.08 16.07
CA SER C 360 -27.35 16.09 15.46
C SER C 360 -27.42 14.85 16.32
N PRO C 361 -27.85 13.70 15.77
CA PRO C 361 -27.78 12.49 16.59
C PRO C 361 -26.36 12.20 17.06
N GLY C 362 -26.23 11.74 18.30
CA GLY C 362 -24.94 11.39 18.89
C GLY C 362 -24.15 10.30 18.21
N ILE C 363 -24.85 9.36 17.58
CA ILE C 363 -24.18 8.27 16.88
C ILE C 363 -23.29 8.75 15.71
N GLY C 364 -23.60 9.90 15.13
CA GLY C 364 -22.78 10.48 14.05
C GLY C 364 -21.36 10.81 14.52
N PHE C 365 -21.16 10.77 15.83
CA PHE C 365 -19.85 11.02 16.46
C PHE C 365 -19.16 9.74 16.99
N GLY C 366 -19.76 8.58 16.72
CA GLY C 366 -19.28 7.28 17.21
C GLY C 366 -20.35 6.60 18.04
N ASP C 367 -20.31 5.28 18.13
CA ASP C 367 -21.40 4.52 18.79
C ASP C 367 -21.57 4.86 20.27
N TYR C 368 -20.47 5.26 20.92
CA TYR C 368 -20.49 5.65 22.31
C TYR C 368 -21.19 7.01 22.50
N GLY C 369 -21.63 7.65 21.42
CA GLY C 369 -22.49 8.83 21.50
C GLY C 369 -23.98 8.56 21.33
N ASP C 370 -24.38 7.31 21.10
CA ASP C 370 -25.77 7.01 20.67
C ASP C 370 -26.88 7.23 21.71
N ASP C 371 -26.52 7.59 22.93
CA ASP C 371 -27.52 7.98 23.93
C ASP C 371 -27.52 9.49 24.16
N HIS C 372 -27.04 10.24 23.17
CA HIS C 372 -27.03 11.69 23.27
C HIS C 372 -27.48 12.26 21.96
N VAL C 373 -27.86 13.53 22.02
CA VAL C 373 -27.95 14.34 20.83
C VAL C 373 -27.15 15.62 21.09
N ARG C 374 -26.64 16.20 20.01
CA ARG C 374 -25.90 17.46 20.09
C ARG C 374 -26.76 18.65 19.66
N PHE C 375 -26.71 19.73 20.45
CA PHE C 375 -27.31 21.03 20.07
C PHE C 375 -26.19 22.01 19.83
N ALA C 376 -26.31 22.80 18.78
CA ALA C 376 -25.37 23.86 18.49
C ALA C 376 -26.03 25.20 18.80
N LEU C 377 -25.28 26.10 19.44
CA LEU C 377 -25.81 27.37 19.92
C LEU C 377 -25.68 28.42 18.83
N ILE C 378 -26.31 28.13 17.68
CA ILE C 378 -26.12 28.86 16.44
C ILE C 378 -27.34 29.64 15.97
N GLU C 379 -28.38 29.64 16.80
CA GLU C 379 -29.54 30.51 16.59
C GLU C 379 -29.49 31.61 17.66
N ASN C 380 -30.31 32.66 17.47
CA ASN C 380 -30.45 33.73 18.46
C ASN C 380 -31.36 33.28 19.61
N ARG C 381 -31.35 34.02 20.72
CA ARG C 381 -32.07 33.61 21.92
C ARG C 381 -33.56 33.35 21.69
N ASP C 382 -34.23 34.16 20.87
CA ASP C 382 -35.68 33.99 20.62
C ASP C 382 -35.96 32.67 19.94
N ARG C 383 -35.08 32.31 19.01
CA ARG C 383 -35.18 31.07 18.25
C ARG C 383 -34.91 29.87 19.12
N LEU C 384 -33.93 29.99 20.01
CA LEU C 384 -33.62 28.95 20.98
C LEU C 384 -34.80 28.71 21.91
N ARG C 385 -35.56 29.77 22.23
CA ARG C 385 -36.77 29.66 23.06
C ARG C 385 -37.92 29.01 22.32
N GLN C 386 -38.06 29.30 21.03
CA GLN C 386 -39.07 28.61 20.21
C GLN C 386 -38.80 27.10 20.17
N ALA C 387 -37.52 26.71 20.11
CA ALA C 387 -37.10 25.31 20.18
C ALA C 387 -37.54 24.68 21.50
N VAL C 388 -37.11 25.31 22.59
CA VAL C 388 -37.38 24.82 23.94
C VAL C 388 -38.88 24.65 24.13
N ARG C 389 -39.63 25.54 23.52
CA ARG C 389 -41.08 25.54 23.52
C ARG C 389 -41.74 24.41 22.74
N GLY C 390 -41.20 24.13 21.55
CA GLY C 390 -41.62 22.99 20.76
C GLY C 390 -41.30 21.70 21.47
N ILE C 391 -40.12 21.65 22.08
CA ILE C 391 -39.67 20.52 22.87
C ILE C 391 -40.57 20.30 24.08
N LYS C 392 -40.93 21.38 24.77
CA LYS C 392 -41.79 21.28 25.94
C LYS C 392 -43.15 20.69 25.53
N ALA C 393 -43.73 21.24 24.48
CA ALA C 393 -44.97 20.71 23.92
C ALA C 393 -44.87 19.23 23.55
N MET C 394 -43.71 18.78 23.06
CA MET C 394 -43.55 17.38 22.68
C MET C 394 -43.61 16.44 23.89
N PHE C 395 -42.94 16.82 24.97
CA PHE C 395 -42.99 16.06 26.22
C PHE C 395 -44.41 16.03 26.74
N ARG C 396 -45.08 17.19 26.65
CA ARG C 396 -46.44 17.36 27.12
C ARG C 396 -47.40 16.49 26.29
N ALA C 397 -47.21 16.47 24.97
CA ALA C 397 -48.01 15.66 24.06
C ALA C 397 -47.79 14.17 24.33
N ASP C 398 -46.53 13.81 24.51
CA ASP C 398 -46.13 12.45 24.88
C ASP C 398 -46.32 12.25 26.38
N GLY C 399 -45.83 11.11 26.88
CA GLY C 399 -45.72 10.90 28.32
C GLY C 399 -44.39 11.42 28.88
N LEU C 400 -44.42 12.60 29.47
CA LEU C 400 -43.30 13.04 30.31
C LEU C 400 -43.77 14.26 31.07
N VAL D 21 -3.14 -17.20 -20.87
CA VAL D 21 -3.30 -17.76 -22.25
C VAL D 21 -2.85 -19.22 -22.35
N PHE D 22 -1.84 -19.58 -21.56
CA PHE D 22 -1.43 -20.99 -21.44
C PHE D 22 -2.52 -21.92 -20.86
N ASN D 23 -3.52 -21.35 -20.18
CA ASN D 23 -4.70 -22.11 -19.72
C ASN D 23 -5.48 -22.60 -20.93
N ILE D 24 -5.56 -21.75 -21.95
CA ILE D 24 -6.27 -22.06 -23.17
C ILE D 24 -5.64 -23.26 -23.89
N THR D 25 -4.33 -23.27 -24.04
CA THR D 25 -3.68 -24.37 -24.76
C THR D 25 -3.51 -25.62 -23.92
N ALA D 26 -3.44 -25.46 -22.60
CA ALA D 26 -3.53 -26.60 -21.70
C ALA D 26 -4.92 -27.31 -21.77
N GLU D 27 -6.00 -26.54 -21.89
CA GLU D 27 -7.36 -27.14 -22.01
C GLU D 27 -7.56 -27.90 -23.32
N LEU D 28 -7.24 -27.26 -24.43
CA LEU D 28 -7.32 -27.84 -25.77
C LEU D 28 -6.55 -29.16 -25.86
N LYS D 29 -5.34 -29.17 -25.32
CA LYS D 29 -4.52 -30.38 -25.29
C LYS D 29 -5.18 -31.51 -24.50
N MET D 30 -5.71 -31.17 -23.33
CA MET D 30 -6.31 -32.18 -22.46
C MET D 30 -7.61 -32.72 -23.08
N ALA D 31 -8.39 -31.84 -23.69
CA ALA D 31 -9.56 -32.21 -24.51
C ALA D 31 -9.18 -33.18 -25.62
N ALA D 32 -8.02 -32.94 -26.25
CA ALA D 32 -7.53 -33.81 -27.32
C ALA D 32 -7.13 -35.18 -26.80
N ARG D 33 -6.45 -35.19 -25.65
CA ARG D 33 -6.15 -36.47 -25.01
C ARG D 33 -7.40 -37.23 -24.59
N ARG D 34 -8.39 -36.53 -24.05
CA ARG D 34 -9.61 -37.16 -23.62
C ARG D 34 -10.46 -37.58 -24.83
N ARG D 35 -10.22 -36.99 -26.01
CA ARG D 35 -10.85 -37.49 -27.24
C ARG D 35 -10.18 -38.78 -27.71
N GLY D 36 -8.98 -39.06 -27.20
CA GLY D 36 -8.23 -40.24 -27.57
C GLY D 36 -7.11 -39.94 -28.54
N GLU D 37 -6.86 -38.67 -28.83
CA GLU D 37 -5.82 -38.31 -29.79
C GLU D 37 -4.42 -38.50 -29.25
N ASP D 38 -3.48 -38.78 -30.15
CA ASP D 38 -2.09 -38.97 -29.76
C ASP D 38 -1.28 -37.66 -29.96
N ILE D 39 -1.19 -36.86 -28.89
CA ILE D 39 -0.62 -35.53 -28.92
C ILE D 39 0.85 -35.51 -28.45
N ILE D 40 1.68 -34.93 -29.28
CA ILE D 40 3.08 -34.78 -28.98
C ILE D 40 3.14 -33.46 -28.24
N ASP D 41 3.42 -33.54 -26.95
CA ASP D 41 3.26 -32.39 -26.10
C ASP D 41 4.61 -31.71 -25.93
N LEU D 42 4.85 -30.67 -26.73
CA LEU D 42 6.08 -29.91 -26.76
C LEU D 42 5.86 -28.48 -26.22
N SER D 43 5.02 -28.35 -25.19
CA SER D 43 4.49 -27.06 -24.75
C SER D 43 4.82 -26.65 -23.31
N MET D 44 5.55 -27.50 -22.59
CA MET D 44 5.93 -27.23 -21.20
C MET D 44 7.39 -27.59 -20.99
N GLY D 45 8.03 -26.93 -20.06
CA GLY D 45 9.41 -27.25 -19.72
C GLY D 45 9.55 -28.26 -18.60
N ASN D 46 8.63 -29.23 -18.47
CA ASN D 46 8.79 -30.27 -17.45
C ASN D 46 9.70 -31.36 -17.99
N PRO D 47 10.92 -31.49 -17.46
CA PRO D 47 11.74 -32.57 -17.99
C PRO D 47 10.96 -33.89 -18.02
N ASP D 48 11.10 -34.64 -19.10
CA ASP D 48 10.43 -35.93 -19.20
C ASP D 48 11.20 -37.05 -18.50
N GLY D 49 12.52 -36.94 -18.45
CA GLY D 49 13.35 -38.06 -18.04
C GLY D 49 13.50 -38.23 -16.53
N PRO D 50 14.13 -39.33 -16.13
CA PRO D 50 14.23 -39.61 -14.72
C PRO D 50 15.38 -38.83 -14.06
N THR D 51 15.25 -38.62 -12.74
CA THR D 51 16.27 -38.04 -11.93
C THR D 51 17.44 -39.02 -11.84
N PRO D 52 18.70 -38.52 -11.89
CA PRO D 52 19.85 -39.42 -11.81
C PRO D 52 19.75 -40.28 -10.57
N PRO D 53 20.11 -41.57 -10.68
CA PRO D 53 19.89 -42.49 -9.57
C PRO D 53 20.61 -42.08 -8.27
N HIS D 54 21.85 -41.57 -8.36
CA HIS D 54 22.58 -41.21 -7.11
C HIS D 54 21.77 -40.19 -6.32
N ILE D 55 21.19 -39.22 -7.02
CA ILE D 55 20.34 -38.21 -6.37
C ILE D 55 19.11 -38.82 -5.65
N VAL D 56 18.35 -39.70 -6.35
CA VAL D 56 17.14 -40.33 -5.79
C VAL D 56 17.45 -41.21 -4.59
N GLU D 57 18.50 -42.00 -4.72
CA GLU D 57 18.96 -42.87 -3.64
C GLU D 57 19.35 -42.11 -2.36
N LYS D 58 20.15 -41.05 -2.49
CA LYS D 58 20.42 -40.19 -1.35
C LYS D 58 19.14 -39.72 -0.69
N LEU D 59 18.26 -39.11 -1.47
CA LEU D 59 17.02 -38.56 -0.93
C LEU D 59 16.34 -39.64 -0.12
N CYS D 60 16.07 -40.78 -0.75
CA CYS D 60 15.36 -41.87 -0.10
C CYS D 60 16.09 -42.40 1.15
N THR D 61 17.38 -42.64 1.00
CA THR D 61 18.23 -43.12 2.10
C THR D 61 18.24 -42.17 3.31
N VAL D 62 18.40 -40.88 3.06
CA VAL D 62 18.42 -39.93 4.15
C VAL D 62 17.06 -39.77 4.83
N ALA D 63 15.99 -39.75 4.03
CA ALA D 63 14.61 -39.67 4.56
C ALA D 63 14.28 -40.86 5.45
N GLN D 64 14.79 -42.03 5.11
CA GLN D 64 14.53 -43.25 5.89
C GLN D 64 15.30 -43.35 7.21
N ARG D 65 16.36 -42.57 7.36
CA ARG D 65 17.14 -42.59 8.60
C ARG D 65 16.32 -41.99 9.75
N GLU D 66 16.22 -42.74 10.85
CA GLU D 66 15.38 -42.36 11.98
C GLU D 66 15.71 -40.96 12.54
N ASP D 67 17.00 -40.62 12.53
CA ASP D 67 17.46 -39.32 13.07
C ASP D 67 17.16 -38.12 12.16
N THR D 68 16.85 -38.35 10.89
CA THR D 68 16.49 -37.26 9.96
C THR D 68 15.19 -36.53 10.35
N HIS D 69 15.19 -35.22 10.16
CA HIS D 69 14.01 -34.38 10.27
C HIS D 69 13.86 -33.56 9.00
N GLY D 70 12.62 -33.31 8.59
CA GLY D 70 12.35 -32.52 7.39
C GLY D 70 12.91 -31.10 7.46
N TYR D 71 12.67 -30.43 8.60
CA TYR D 71 13.12 -29.03 8.77
C TYR D 71 14.66 -28.90 8.82
N SER D 72 15.15 -27.73 8.40
CA SER D 72 16.56 -27.39 8.54
C SER D 72 16.73 -25.93 8.95
N THR D 73 17.90 -25.37 8.68
CA THR D 73 18.22 -24.01 9.11
C THR D 73 17.69 -23.04 8.05
N SER D 74 17.63 -21.77 8.43
CA SER D 74 16.99 -20.73 7.59
C SER D 74 17.63 -20.60 6.21
N ARG D 75 18.95 -20.71 6.17
CA ARG D 75 19.72 -20.47 4.94
C ARG D 75 20.13 -21.74 4.21
N GLY D 76 19.87 -22.90 4.79
CA GLY D 76 20.30 -24.17 4.21
C GLY D 76 21.44 -24.78 5.01
N ILE D 77 21.59 -26.09 4.90
CA ILE D 77 22.60 -26.78 5.69
C ILE D 77 24.01 -26.39 5.22
N PRO D 78 24.94 -26.14 6.17
CA PRO D 78 26.23 -25.54 5.81
C PRO D 78 26.95 -26.29 4.68
N ARG D 79 26.85 -27.60 4.69
CA ARG D 79 27.52 -28.40 3.68
C ARG D 79 27.03 -28.09 2.29
N LEU D 80 25.74 -27.74 2.15
CA LEU D 80 25.15 -27.40 0.87
C LEU D 80 25.56 -26.02 0.44
N ARG D 81 25.50 -25.03 1.31
CA ARG D 81 26.05 -23.73 0.93
C ARG D 81 27.56 -23.85 0.56
N ARG D 82 28.29 -24.73 1.24
CA ARG D 82 29.66 -25.00 0.83
C ARG D 82 29.70 -25.52 -0.59
N ALA D 83 28.83 -26.48 -0.90
CA ALA D 83 28.77 -27.05 -2.26
C ALA D 83 28.48 -26.00 -3.34
N ILE D 84 27.65 -25.01 -2.99
CA ILE D 84 27.34 -23.90 -3.91
C ILE D 84 28.52 -22.94 -4.11
N SER D 85 29.19 -22.62 -3.02
CA SER D 85 30.45 -21.87 -3.15
C SER D 85 31.39 -22.58 -4.13
N HIS D 86 31.65 -23.86 -3.89
CA HIS D 86 32.52 -24.68 -4.76
C HIS D 86 32.07 -24.69 -6.22
N TRP D 87 30.75 -24.72 -6.42
CA TRP D 87 30.15 -24.72 -7.75
C TRP D 87 30.48 -23.40 -8.44
N TYR D 88 30.37 -22.29 -7.74
CA TYR D 88 30.85 -21.01 -8.29
C TYR D 88 32.36 -20.93 -8.58
N ARG D 89 33.19 -21.53 -7.73
CA ARG D 89 34.66 -21.38 -7.89
C ARG D 89 35.07 -22.17 -9.14
N ASP D 90 34.66 -23.43 -9.15
CA ASP D 90 34.99 -24.38 -10.22
C ASP D 90 34.46 -24.01 -11.61
N ARG D 91 33.27 -23.45 -11.68
CA ARG D 91 32.64 -23.15 -12.99
C ARG D 91 33.05 -21.78 -13.51
N TYR D 92 33.13 -20.81 -12.59
CA TYR D 92 33.26 -19.43 -13.00
C TYR D 92 34.46 -18.68 -12.39
N ASP D 93 35.30 -19.37 -11.63
CA ASP D 93 36.33 -18.73 -10.78
C ASP D 93 35.77 -17.57 -9.95
N VAL D 94 34.60 -17.84 -9.33
CA VAL D 94 33.92 -16.82 -8.56
C VAL D 94 33.87 -17.13 -7.07
N GLN D 95 34.11 -16.08 -6.29
CA GLN D 95 34.11 -16.22 -4.86
C GLN D 95 32.74 -15.91 -4.31
N ILE D 96 32.15 -16.90 -3.67
CA ILE D 96 30.88 -16.74 -2.96
C ILE D 96 31.12 -17.17 -1.54
N ASP D 97 30.95 -16.25 -0.59
CA ASP D 97 31.02 -16.61 0.83
C ASP D 97 29.77 -17.45 1.18
N PRO D 98 29.97 -18.72 1.60
CA PRO D 98 28.84 -19.55 1.97
C PRO D 98 28.05 -19.06 3.18
N GLU D 99 28.70 -18.36 4.08
CA GLU D 99 28.05 -17.88 5.30
C GLU D 99 27.10 -16.71 5.05
N SER D 100 27.49 -15.83 4.13
CA SER D 100 26.82 -14.53 3.97
C SER D 100 26.21 -14.32 2.59
N GLU D 101 26.74 -15.03 1.58
CA GLU D 101 26.41 -14.73 0.18
C GLU D 101 25.63 -15.84 -0.57
N ALA D 102 25.22 -16.88 0.14
CA ALA D 102 24.49 -18.00 -0.47
C ALA D 102 23.28 -18.37 0.37
N ILE D 103 22.17 -18.71 -0.29
CA ILE D 103 21.00 -19.20 0.42
C ILE D 103 20.26 -20.25 -0.41
N VAL D 104 19.85 -21.31 0.28
CA VAL D 104 19.19 -22.42 -0.35
C VAL D 104 17.69 -22.06 -0.49
N THR D 105 17.16 -22.26 -1.67
CA THR D 105 15.74 -22.02 -1.96
C THR D 105 15.00 -23.32 -2.11
N ILE D 106 13.67 -23.23 -2.22
CA ILE D 106 12.84 -24.39 -2.55
C ILE D 106 12.50 -24.20 -4.05
N GLY D 107 13.53 -24.11 -4.87
CA GLY D 107 13.42 -23.83 -6.29
C GLY D 107 13.39 -22.34 -6.53
N SER D 108 13.70 -21.96 -7.76
CA SER D 108 13.79 -20.53 -8.10
C SER D 108 12.47 -19.76 -8.15
N LYS D 109 11.36 -20.43 -8.41
CA LYS D 109 10.06 -19.76 -8.38
C LYS D 109 9.73 -19.30 -6.96
N GLU D 110 9.90 -20.18 -5.98
CA GLU D 110 9.79 -19.83 -4.55
C GLU D 110 10.73 -18.68 -4.20
N GLY D 111 12.00 -18.89 -4.52
CA GLY D 111 13.07 -17.93 -4.22
C GLY D 111 12.74 -16.54 -4.69
N LEU D 112 12.42 -16.42 -5.97
CA LEU D 112 12.07 -15.14 -6.58
C LEU D 112 10.85 -14.53 -5.92
N ALA D 113 9.74 -15.28 -5.93
CA ALA D 113 8.50 -14.79 -5.32
C ALA D 113 8.75 -14.20 -3.93
N HIS D 114 9.58 -14.90 -3.13
CA HIS D 114 9.99 -14.38 -1.81
C HIS D 114 10.92 -13.18 -1.80
N LEU D 115 11.91 -13.12 -2.70
CA LEU D 115 12.74 -11.91 -2.85
C LEU D 115 11.88 -10.68 -3.18
N MET D 116 10.86 -10.85 -4.04
CA MET D 116 9.93 -9.75 -4.37
C MET D 116 9.13 -9.24 -3.18
N LEU D 117 8.48 -10.15 -2.45
CA LEU D 117 7.78 -9.79 -1.20
C LEU D 117 8.74 -9.03 -0.27
N ALA D 118 9.92 -9.58 -0.03
CA ALA D 118 10.91 -8.93 0.83
C ALA D 118 11.28 -7.53 0.36
N THR D 119 11.36 -7.37 -0.95
CA THR D 119 11.90 -6.17 -1.59
C THR D 119 10.90 -5.20 -2.19
N LEU D 120 9.76 -5.70 -2.67
CA LEU D 120 8.82 -4.87 -3.44
C LEU D 120 7.50 -4.71 -2.71
N ASP D 121 6.79 -3.62 -2.96
CA ASP D 121 5.40 -3.46 -2.50
C ASP D 121 4.72 -2.46 -3.43
N HIS D 122 3.49 -2.09 -3.10
CA HIS D 122 2.75 -1.12 -3.90
C HIS D 122 3.56 0.16 -4.03
N GLY D 123 3.64 0.72 -5.23
CA GLY D 123 4.49 1.88 -5.46
C GLY D 123 5.88 1.60 -6.05
N ASP D 124 6.25 0.33 -6.20
CA ASP D 124 7.49 -0.05 -6.87
C ASP D 124 7.23 -0.67 -8.24
N THR D 125 8.21 -0.51 -9.12
CA THR D 125 8.21 -1.07 -10.47
C THR D 125 9.44 -1.97 -10.68
N ILE D 126 9.25 -3.09 -11.38
CA ILE D 126 10.36 -3.89 -11.83
C ILE D 126 10.40 -3.89 -13.36
N LEU D 127 11.59 -4.02 -13.92
CA LEU D 127 11.77 -4.15 -15.36
C LEU D 127 12.00 -5.61 -15.73
N VAL D 128 11.27 -6.08 -16.74
CA VAL D 128 11.41 -7.39 -17.36
C VAL D 128 11.53 -7.30 -18.91
N PRO D 129 12.33 -8.18 -19.54
CA PRO D 129 12.33 -8.14 -20.99
C PRO D 129 11.03 -8.70 -21.60
N ASN D 130 10.80 -8.35 -22.85
CA ASN D 130 9.66 -8.83 -23.61
C ASN D 130 10.14 -9.25 -25.00
N PRO D 131 9.97 -10.54 -25.35
CA PRO D 131 9.30 -11.58 -24.58
C PRO D 131 10.18 -12.16 -23.47
N SER D 132 9.56 -12.63 -22.39
CA SER D 132 10.26 -13.37 -21.35
C SER D 132 9.37 -14.37 -20.58
N TYR D 133 9.98 -14.94 -19.54
CA TYR D 133 9.41 -15.98 -18.71
C TYR D 133 8.36 -15.38 -17.77
N PRO D 134 7.08 -15.77 -17.91
CA PRO D 134 6.06 -14.98 -17.17
C PRO D 134 6.08 -15.09 -15.63
N ILE D 135 6.68 -16.15 -15.08
CA ILE D 135 6.84 -16.30 -13.64
C ILE D 135 7.43 -15.07 -12.95
N HIS D 136 8.45 -14.47 -13.56
CA HIS D 136 9.06 -13.23 -13.09
C HIS D 136 8.11 -12.02 -12.98
N ILE D 137 6.97 -12.07 -13.66
CA ILE D 137 6.00 -10.98 -13.63
C ILE D 137 5.04 -11.20 -12.45
N TYR D 138 4.34 -12.33 -12.48
CA TYR D 138 3.44 -12.77 -11.41
C TYR D 138 3.87 -12.52 -9.99
N GLY D 139 5.03 -13.06 -9.64
CA GLY D 139 5.67 -12.82 -8.36
C GLY D 139 5.68 -11.35 -8.01
N ALA D 140 6.00 -10.51 -8.99
CA ALA D 140 6.16 -9.07 -8.72
C ALA D 140 4.78 -8.41 -8.59
N VAL D 141 3.87 -8.77 -9.48
CA VAL D 141 2.49 -8.30 -9.35
C VAL D 141 1.81 -8.79 -8.05
N ILE D 142 2.08 -10.02 -7.65
CA ILE D 142 1.59 -10.54 -6.36
C ILE D 142 2.16 -9.73 -5.18
N ALA D 143 3.45 -9.38 -5.25
CA ALA D 143 4.10 -8.57 -4.20
C ALA D 143 3.56 -7.15 -4.17
N GLY D 144 2.76 -6.77 -5.17
CA GLY D 144 2.22 -5.42 -5.26
C GLY D 144 2.89 -4.52 -6.27
N ALA D 145 3.94 -5.01 -6.92
CA ALA D 145 4.70 -4.16 -7.85
C ALA D 145 4.04 -4.00 -9.23
N GLN D 146 4.40 -2.93 -9.94
CA GLN D 146 4.07 -2.75 -11.35
C GLN D 146 5.21 -3.34 -12.17
N VAL D 147 4.93 -3.77 -13.38
CA VAL D 147 5.94 -4.34 -14.24
C VAL D 147 6.07 -3.49 -15.49
N ARG D 148 7.29 -3.23 -15.91
CA ARG D 148 7.51 -2.54 -17.18
C ARG D 148 8.36 -3.42 -18.07
N SER D 149 7.83 -3.78 -19.23
CA SER D 149 8.50 -4.73 -20.11
C SER D 149 9.39 -4.00 -21.09
N VAL D 150 10.54 -4.59 -21.39
CA VAL D 150 11.57 -3.96 -22.21
C VAL D 150 11.82 -4.83 -23.42
N PRO D 151 11.64 -4.28 -24.63
CA PRO D 151 11.80 -5.16 -25.79
C PRO D 151 13.17 -5.83 -25.88
N LEU D 152 13.17 -7.15 -25.97
CA LEU D 152 14.38 -7.95 -26.18
C LEU D 152 14.18 -8.79 -27.44
N VAL D 153 14.51 -8.20 -28.59
CA VAL D 153 14.25 -8.81 -29.89
C VAL D 153 15.31 -8.34 -30.90
N PRO D 154 15.48 -9.09 -32.00
CA PRO D 154 16.43 -8.75 -33.05
C PRO D 154 16.19 -7.34 -33.60
N GLY D 155 17.25 -6.57 -33.78
CA GLY D 155 17.13 -5.26 -34.39
C GLY D 155 16.55 -4.18 -33.49
N ILE D 156 16.58 -4.39 -32.19
CA ILE D 156 16.32 -3.29 -31.26
C ILE D 156 17.47 -3.23 -30.25
N ASP D 157 17.97 -2.03 -30.01
CA ASP D 157 19.06 -1.86 -29.05
C ASP D 157 18.53 -2.06 -27.63
N PHE D 158 18.82 -3.22 -27.05
CA PHE D 158 18.33 -3.57 -25.72
C PHE D 158 18.76 -2.58 -24.66
N PHE D 159 19.98 -2.06 -24.81
CA PHE D 159 20.55 -1.24 -23.78
C PHE D 159 20.00 0.17 -23.82
N ASN D 160 19.71 0.68 -25.02
CA ASN D 160 18.92 1.92 -25.12
C ASN D 160 17.58 1.72 -24.41
N GLU D 161 16.87 0.64 -24.74
CA GLU D 161 15.51 0.45 -24.24
C GLU D 161 15.48 0.23 -22.74
N LEU D 162 16.52 -0.43 -22.23
CA LEU D 162 16.60 -0.68 -20.80
C LEU D 162 16.86 0.63 -20.05
N GLU D 163 17.76 1.45 -20.60
CA GLU D 163 18.08 2.74 -19.99
C GLU D 163 16.89 3.72 -20.12
N ARG D 164 16.19 3.71 -21.26
CA ARG D 164 14.92 4.45 -21.36
C ARG D 164 13.99 4.01 -20.21
N ALA D 165 13.85 2.70 -20.06
CA ALA D 165 12.91 2.15 -19.11
C ALA D 165 13.24 2.63 -17.70
N ILE D 166 14.53 2.74 -17.40
CA ILE D 166 14.96 3.24 -16.09
C ILE D 166 14.63 4.72 -15.96
N ARG D 167 15.07 5.51 -16.93
CA ARG D 167 14.89 6.96 -16.88
C ARG D 167 13.44 7.43 -16.94
N GLU D 168 12.58 6.66 -17.59
CA GLU D 168 11.24 7.14 -17.91
C GLU D 168 10.13 6.52 -17.02
N SER D 169 10.57 5.92 -15.91
CA SER D 169 9.69 5.49 -14.83
C SER D 169 10.04 6.32 -13.60
N ILE D 170 9.05 6.99 -13.01
CA ILE D 170 9.25 7.77 -11.80
C ILE D 170 8.30 7.24 -10.72
N PRO D 171 8.83 6.68 -9.62
CA PRO D 171 10.25 6.56 -9.26
C PRO D 171 10.96 5.52 -10.13
N LYS D 172 12.29 5.49 -10.10
CA LYS D 172 13.03 4.50 -10.88
C LYS D 172 12.60 3.12 -10.44
N PRO D 173 12.74 2.12 -11.31
CA PRO D 173 12.49 0.74 -10.95
C PRO D 173 13.48 0.29 -9.92
N ARG D 174 13.04 -0.48 -8.95
CA ARG D 174 13.91 -0.98 -7.90
C ARG D 174 14.79 -2.09 -8.44
N MET D 175 14.30 -2.79 -9.46
CA MET D 175 14.89 -4.06 -9.85
C MET D 175 14.65 -4.36 -11.32
N MET D 176 15.56 -5.13 -11.92
CA MET D 176 15.41 -5.68 -13.26
C MET D 176 15.74 -7.16 -13.17
N ILE D 177 14.98 -7.95 -13.90
CA ILE D 177 15.07 -9.40 -13.84
C ILE D 177 15.34 -9.91 -15.23
N LEU D 178 16.51 -10.51 -15.38
CA LEU D 178 17.02 -11.06 -16.62
C LEU D 178 17.20 -12.53 -16.42
N GLY D 179 17.33 -13.25 -17.52
CA GLY D 179 17.43 -14.69 -17.46
C GLY D 179 18.04 -15.20 -18.72
N PHE D 180 19.35 -15.53 -18.66
CA PHE D 180 20.05 -16.11 -19.80
C PHE D 180 20.79 -17.39 -19.43
N PRO D 181 20.75 -18.40 -20.29
CA PRO D 181 19.97 -18.49 -21.53
C PRO D 181 18.47 -18.26 -21.31
N SER D 182 17.83 -17.66 -22.30
CA SER D 182 16.44 -17.18 -22.15
C SER D 182 15.40 -18.24 -22.35
N ASN D 183 14.34 -18.15 -21.56
CA ASN D 183 13.03 -18.76 -21.86
C ASN D 183 12.15 -17.57 -22.19
N PRO D 184 11.54 -17.53 -23.39
CA PRO D 184 11.40 -18.62 -24.37
C PRO D 184 12.34 -18.62 -25.58
N THR D 185 13.11 -17.54 -25.77
CA THR D 185 13.84 -17.33 -27.01
C THR D 185 15.13 -18.15 -27.18
N ALA D 186 15.65 -18.75 -26.12
CA ALA D 186 16.94 -19.46 -26.17
C ALA D 186 18.14 -18.51 -26.41
N GLN D 187 17.97 -17.22 -26.13
CA GLN D 187 19.04 -16.23 -26.37
C GLN D 187 20.22 -16.40 -25.40
N CYS D 188 21.43 -16.34 -25.95
CA CYS D 188 22.63 -16.42 -25.14
C CYS D 188 23.42 -15.13 -25.28
N VAL D 189 23.90 -14.61 -24.16
CA VAL D 189 24.75 -13.42 -24.16
C VAL D 189 26.13 -13.81 -23.64
N GLU D 190 27.13 -13.00 -23.98
CA GLU D 190 28.50 -13.21 -23.49
C GLU D 190 28.75 -12.26 -22.32
N LEU D 191 29.98 -12.25 -21.78
CA LEU D 191 30.25 -11.52 -20.55
C LEU D 191 30.16 -10.00 -20.74
N ASP D 192 30.43 -9.51 -21.95
CA ASP D 192 30.32 -8.06 -22.14
C ASP D 192 28.87 -7.55 -22.11
N PHE D 193 27.89 -8.44 -22.28
CA PHE D 193 26.51 -8.09 -22.00
C PHE D 193 26.38 -7.79 -20.51
N PHE D 194 26.79 -8.74 -19.68
CA PHE D 194 26.68 -8.58 -18.24
C PHE D 194 27.41 -7.37 -17.68
N GLU D 195 28.60 -7.06 -18.22
CA GLU D 195 29.33 -5.84 -17.83
C GLU D 195 28.48 -4.59 -18.02
N ARG D 196 27.73 -4.54 -19.12
CA ARG D 196 26.97 -3.34 -19.50
C ARG D 196 25.81 -3.18 -18.55
N VAL D 197 25.05 -4.26 -18.40
CA VAL D 197 23.95 -4.33 -17.44
C VAL D 197 24.41 -3.84 -16.06
N VAL D 198 25.50 -4.42 -15.58
CA VAL D 198 26.01 -4.13 -14.24
C VAL D 198 26.41 -2.67 -14.13
N ALA D 199 27.09 -2.15 -15.13
CA ALA D 199 27.56 -0.75 -15.08
C ALA D 199 26.33 0.15 -15.13
N LEU D 200 25.34 -0.25 -15.92
CA LEU D 200 24.09 0.49 -16.00
C LEU D 200 23.32 0.40 -14.67
N ALA D 201 23.24 -0.80 -14.09
CA ALA D 201 22.47 -0.95 -12.88
C ALA D 201 23.10 -0.18 -11.70
N LYS D 202 24.41 -0.04 -11.71
CA LYS D 202 25.12 0.74 -10.68
C LYS D 202 24.97 2.23 -10.88
N GLN D 203 24.98 2.66 -12.12
CA GLN D 203 24.78 4.06 -12.46
C GLN D 203 23.44 4.60 -11.96
N TYR D 204 22.35 3.86 -12.16
CA TYR D 204 21.03 4.28 -11.67
C TYR D 204 20.59 3.63 -10.36
N ASP D 205 21.48 2.80 -9.80
CA ASP D 205 21.22 2.12 -8.55
C ASP D 205 20.00 1.16 -8.61
N VAL D 206 19.89 0.42 -9.73
CA VAL D 206 18.82 -0.59 -9.92
C VAL D 206 19.39 -1.99 -9.67
N MET D 207 18.76 -2.73 -8.78
CA MET D 207 19.21 -4.08 -8.47
C MET D 207 18.97 -5.01 -9.67
N VAL D 208 19.89 -5.94 -9.88
CA VAL D 208 19.78 -6.95 -10.92
C VAL D 208 19.58 -8.33 -10.32
N VAL D 209 18.52 -9.00 -10.72
CA VAL D 209 18.33 -10.42 -10.41
C VAL D 209 18.68 -11.12 -11.70
N HIS D 210 19.40 -12.25 -11.64
CA HIS D 210 19.67 -13.06 -12.86
C HIS D 210 19.26 -14.51 -12.66
N ASP D 211 18.54 -15.06 -13.63
CA ASP D 211 18.04 -16.43 -13.55
C ASP D 211 18.88 -17.33 -14.47
N LEU D 212 19.67 -18.20 -13.84
CA LEU D 212 20.62 -19.05 -14.53
C LEU D 212 20.13 -20.48 -14.63
N ALA D 213 18.82 -20.65 -14.73
CA ALA D 213 18.23 -21.99 -14.76
C ALA D 213 18.75 -22.90 -15.87
N TYR D 214 19.10 -22.33 -17.03
CA TYR D 214 19.53 -23.08 -18.19
C TYR D 214 21.05 -23.16 -18.43
N ALA D 215 21.84 -22.76 -17.42
CA ALA D 215 23.32 -22.73 -17.53
C ALA D 215 23.93 -24.03 -18.00
N ASP D 216 23.38 -25.18 -17.61
CA ASP D 216 23.91 -26.50 -18.04
C ASP D 216 23.28 -27.04 -19.30
N ILE D 217 22.15 -26.46 -19.71
CA ILE D 217 21.49 -26.88 -20.93
C ILE D 217 22.08 -26.06 -22.06
N VAL D 218 23.26 -26.50 -22.50
CA VAL D 218 24.11 -25.75 -23.41
C VAL D 218 24.66 -26.69 -24.50
N TYR D 219 24.66 -26.23 -25.74
CA TYR D 219 24.96 -27.11 -26.86
C TYR D 219 26.16 -26.63 -27.66
N ASP D 220 26.75 -27.56 -28.41
CA ASP D 220 27.79 -27.26 -29.38
C ASP D 220 29.13 -26.85 -28.73
N GLY D 221 29.31 -27.19 -27.45
CA GLY D 221 30.52 -26.87 -26.71
C GLY D 221 30.56 -25.50 -26.06
N TRP D 222 29.42 -24.83 -25.96
CA TRP D 222 29.36 -23.48 -25.42
C TRP D 222 29.09 -23.56 -23.93
N LYS D 223 29.61 -22.58 -23.18
CA LYS D 223 29.34 -22.44 -21.74
C LYS D 223 28.51 -21.19 -21.43
N ALA D 224 27.60 -21.30 -20.47
CA ALA D 224 26.83 -20.12 -20.03
C ALA D 224 27.57 -19.33 -18.94
N PRO D 225 27.68 -18.01 -19.14
CA PRO D 225 28.42 -17.16 -18.17
C PRO D 225 27.53 -16.78 -17.00
N SER D 226 28.09 -16.69 -15.79
CA SER D 226 27.30 -16.19 -14.65
C SER D 226 27.53 -14.72 -14.58
N ILE D 227 26.57 -13.97 -14.05
CA ILE D 227 26.75 -12.53 -13.86
C ILE D 227 27.74 -12.24 -12.74
N MET D 228 27.93 -13.20 -11.85
CA MET D 228 28.83 -13.01 -10.72
C MET D 228 30.32 -13.01 -11.10
N GLN D 229 30.62 -13.13 -12.40
CA GLN D 229 31.99 -13.05 -12.93
C GLN D 229 32.40 -11.61 -13.18
N VAL D 230 31.43 -10.71 -13.28
CA VAL D 230 31.74 -9.28 -13.36
C VAL D 230 32.22 -8.78 -12.00
N PRO D 231 33.31 -7.99 -11.98
CA PRO D 231 33.85 -7.44 -10.75
C PRO D 231 32.87 -6.50 -10.06
N GLY D 232 32.61 -6.76 -8.79
CA GLY D 232 31.61 -6.00 -8.06
C GLY D 232 30.15 -6.23 -8.44
N ALA D 233 29.82 -7.30 -9.18
CA ALA D 233 28.39 -7.65 -9.39
C ALA D 233 27.74 -7.80 -8.02
N LYS D 234 28.53 -8.26 -7.06
CA LYS D 234 27.97 -8.56 -5.75
C LYS D 234 27.37 -7.33 -5.08
N ASP D 235 27.95 -6.15 -5.36
CA ASP D 235 27.37 -4.88 -4.88
C ASP D 235 25.98 -4.54 -5.39
N ILE D 236 25.49 -5.21 -6.43
CA ILE D 236 24.22 -4.78 -7.04
C ILE D 236 23.30 -5.92 -7.52
N ALA D 237 23.77 -7.17 -7.41
CA ALA D 237 23.14 -8.28 -8.11
C ALA D 237 22.93 -9.50 -7.24
N VAL D 238 21.94 -10.32 -7.60
CA VAL D 238 21.80 -11.69 -7.07
C VAL D 238 21.55 -12.62 -8.21
N GLU D 239 21.87 -13.88 -8.04
CA GLU D 239 21.77 -14.83 -9.12
C GLU D 239 21.11 -16.10 -8.62
N PHE D 240 20.00 -16.49 -9.27
CA PHE D 240 19.27 -17.70 -8.92
C PHE D 240 19.66 -18.87 -9.87
N PHE D 241 19.86 -20.03 -9.27
CA PHE D 241 20.03 -21.28 -10.01
C PHE D 241 19.15 -22.35 -9.42
N THR D 242 18.49 -23.13 -10.28
CA THR D 242 17.66 -24.25 -9.84
C THR D 242 18.23 -25.54 -10.35
N LEU D 243 18.01 -26.60 -9.58
CA LEU D 243 18.40 -27.93 -10.01
C LEU D 243 17.40 -28.59 -11.01
N SER D 244 16.27 -27.96 -11.30
CA SER D 244 15.20 -28.67 -12.03
C SER D 244 15.66 -29.20 -13.40
N LYS D 245 16.22 -28.33 -14.22
CA LYS D 245 16.59 -28.68 -15.57
C LYS D 245 17.95 -29.40 -15.65
N SER D 246 18.94 -28.97 -14.87
CA SER D 246 20.24 -29.62 -14.92
C SER D 246 20.21 -31.07 -14.46
N TYR D 247 19.35 -31.40 -13.50
CA TYR D 247 19.33 -32.72 -12.88
C TYR D 247 17.97 -33.47 -13.02
N ASN D 248 17.11 -33.02 -13.92
CA ASN D 248 15.82 -33.69 -14.15
C ASN D 248 15.05 -33.82 -12.82
N MET D 249 14.93 -32.74 -12.05
CA MET D 249 14.26 -32.89 -10.75
C MET D 249 12.79 -32.78 -11.00
N ALA D 250 12.09 -33.92 -10.88
CA ALA D 250 10.68 -34.01 -11.11
C ALA D 250 9.96 -34.15 -9.77
N GLY D 251 9.05 -33.22 -9.50
CA GLY D 251 8.24 -33.27 -8.28
C GLY D 251 9.05 -32.90 -7.05
N TRP D 252 10.17 -32.20 -7.28
CA TRP D 252 11.08 -31.76 -6.25
C TRP D 252 11.56 -30.40 -6.67
N ARG D 253 11.62 -29.49 -5.72
CA ARG D 253 12.04 -28.13 -6.02
C ARG D 253 13.20 -27.70 -5.07
N ILE D 254 14.34 -27.41 -5.65
CA ILE D 254 15.44 -26.94 -4.83
C ILE D 254 16.38 -26.17 -5.71
N GLY D 255 16.96 -25.13 -5.13
CA GLY D 255 18.01 -24.39 -5.80
C GLY D 255 18.71 -23.50 -4.81
N PHE D 256 19.18 -22.37 -5.31
CA PHE D 256 19.80 -21.40 -4.47
C PHE D 256 19.79 -20.04 -5.12
N MET D 257 20.08 -19.04 -4.29
CA MET D 257 20.37 -17.68 -4.74
C MET D 257 21.72 -17.29 -4.11
N VAL D 258 22.59 -16.59 -4.85
CA VAL D 258 23.82 -16.03 -4.28
C VAL D 258 24.00 -14.57 -4.64
N GLY D 259 25.01 -13.95 -4.02
CA GLY D 259 25.47 -12.63 -4.44
C GLY D 259 25.26 -11.64 -3.32
N ASN D 260 24.63 -10.50 -3.62
CA ASN D 260 24.56 -9.43 -2.65
C ASN D 260 24.12 -9.90 -1.24
N PRO D 261 25.00 -9.72 -0.23
CA PRO D 261 24.75 -10.30 1.09
C PRO D 261 23.55 -9.72 1.83
N GLU D 262 23.17 -8.48 1.51
CA GLU D 262 22.00 -7.84 2.12
C GLU D 262 20.70 -8.37 1.52
N LEU D 263 20.71 -8.67 0.22
CA LEU D 263 19.56 -9.28 -0.43
C LEU D 263 19.37 -10.74 0.01
N VAL D 264 20.48 -11.46 0.14
CA VAL D 264 20.50 -12.81 0.71
C VAL D 264 19.89 -12.85 2.12
N SER D 265 20.25 -11.86 2.92
CA SER D 265 19.72 -11.72 4.27
C SER D 265 18.25 -11.31 4.30
N ALA D 266 17.82 -10.48 3.34
CA ALA D 266 16.42 -10.10 3.26
C ALA D 266 15.58 -11.32 2.84
N LEU D 267 16.11 -12.17 1.97
CA LEU D 267 15.44 -13.41 1.61
C LEU D 267 15.43 -14.38 2.80
N ALA D 268 16.49 -14.40 3.59
CA ALA D 268 16.54 -15.26 4.77
C ALA D 268 15.44 -14.86 5.76
N ARG D 269 15.34 -13.56 6.04
CA ARG D 269 14.35 -13.04 6.98
C ARG D 269 12.90 -13.29 6.55
N ILE D 270 12.61 -13.07 5.28
CA ILE D 270 11.26 -13.32 4.78
C ILE D 270 10.92 -14.81 4.88
N LYS D 271 11.88 -15.66 4.52
CA LYS D 271 11.70 -17.12 4.54
C LYS D 271 11.45 -17.69 5.92
N SER D 272 12.00 -17.07 6.95
CA SER D 272 11.91 -17.63 8.30
C SER D 272 10.48 -17.53 8.80
N TYR D 273 9.71 -16.63 8.19
CA TYR D 273 8.28 -16.53 8.45
C TYR D 273 7.38 -17.37 7.53
N HIS D 274 7.97 -18.12 6.59
CA HIS D 274 7.20 -18.92 5.64
C HIS D 274 7.44 -20.42 5.75
N ASP D 275 8.71 -20.82 5.90
CA ASP D 275 9.09 -22.21 5.88
C ASP D 275 9.99 -22.53 7.05
N TYR D 276 10.38 -23.80 7.13
CA TYR D 276 11.32 -24.25 8.14
C TYR D 276 12.61 -24.72 7.47
N GLY D 277 12.93 -24.09 6.34
CA GLY D 277 14.01 -24.55 5.48
C GLY D 277 13.48 -25.44 4.36
N THR D 278 14.40 -25.90 3.53
CA THR D 278 14.14 -26.86 2.48
C THR D 278 14.22 -28.27 3.08
N PHE D 279 13.31 -29.13 2.63
CA PHE D 279 13.23 -30.52 3.09
C PHE D 279 14.65 -31.10 3.18
N THR D 280 15.02 -31.59 4.36
CA THR D 280 16.44 -31.86 4.67
C THR D 280 17.03 -32.94 3.78
N PRO D 281 16.29 -34.05 3.57
CA PRO D 281 16.77 -35.12 2.68
C PRO D 281 16.91 -34.72 1.22
N LEU D 282 16.13 -33.75 0.78
CA LEU D 282 16.33 -33.15 -0.52
C LEU D 282 17.61 -32.26 -0.51
N GLN D 283 17.86 -31.57 0.60
CA GLN D 283 19.07 -30.76 0.66
C GLN D 283 20.32 -31.64 0.57
N VAL D 284 20.28 -32.79 1.22
CA VAL D 284 21.40 -33.72 1.20
C VAL D 284 21.53 -34.28 -0.20
N ALA D 285 20.39 -34.61 -0.82
CA ALA D 285 20.35 -35.00 -2.23
C ALA D 285 20.92 -33.94 -3.17
N ALA D 286 20.67 -32.67 -2.91
CA ALA D 286 21.30 -31.60 -3.70
C ALA D 286 22.84 -31.60 -3.54
N ILE D 287 23.33 -31.98 -2.37
CA ILE D 287 24.80 -32.04 -2.20
C ILE D 287 25.39 -33.10 -3.13
N ALA D 288 24.65 -34.19 -3.29
CA ALA D 288 25.16 -35.28 -4.13
C ALA D 288 25.01 -34.89 -5.61
N ALA D 289 24.05 -34.05 -5.92
CA ALA D 289 23.93 -33.54 -7.29
C ALA D 289 25.11 -32.59 -7.57
N LEU D 290 25.27 -31.56 -6.75
CA LEU D 290 26.27 -30.51 -7.01
C LEU D 290 27.71 -30.96 -6.90
N GLU D 291 28.00 -31.82 -5.93
CA GLU D 291 29.35 -32.41 -5.76
C GLU D 291 29.57 -33.64 -6.65
N GLY D 292 30.84 -33.97 -6.87
CA GLY D 292 31.21 -35.19 -7.58
C GLY D 292 30.85 -35.19 -9.06
N ASP D 293 30.81 -36.40 -9.63
CA ASP D 293 30.70 -36.64 -11.06
C ASP D 293 29.50 -35.90 -11.65
N GLN D 294 29.75 -35.10 -12.68
CA GLN D 294 28.72 -34.33 -13.35
C GLN D 294 28.39 -34.88 -14.74
N GLN D 295 28.73 -36.14 -14.96
CA GLN D 295 28.42 -36.78 -16.24
C GLN D 295 26.90 -36.81 -16.49
N CYS D 296 26.11 -36.91 -15.42
CA CYS D 296 24.65 -36.99 -15.58
C CYS D 296 24.10 -35.70 -16.18
N VAL D 297 24.77 -34.59 -15.89
CA VAL D 297 24.42 -33.29 -16.43
C VAL D 297 24.81 -33.15 -17.90
N ARG D 298 26.01 -33.62 -18.25
CA ARG D 298 26.44 -33.64 -19.65
C ARG D 298 25.56 -34.54 -20.54
N ASP D 299 25.10 -35.66 -19.98
CA ASP D 299 24.22 -36.60 -20.70
C ASP D 299 22.86 -35.92 -20.94
N ILE D 300 22.30 -35.30 -19.90
CA ILE D 300 21.05 -34.56 -20.04
C ILE D 300 21.19 -33.44 -21.08
N ALA D 301 22.29 -32.67 -21.01
CA ALA D 301 22.58 -31.65 -22.03
C ALA D 301 22.66 -32.29 -23.42
N ARG D 302 23.36 -33.42 -23.50
CA ARG D 302 23.51 -34.12 -24.77
C ARG D 302 22.18 -34.61 -25.34
N GLN D 303 21.32 -35.14 -24.46
CA GLN D 303 20.02 -35.63 -24.86
C GLN D 303 19.18 -34.51 -25.47
N TYR D 304 19.25 -33.31 -24.90
CA TYR D 304 18.56 -32.17 -25.46
C TYR D 304 19.13 -31.70 -26.79
N GLN D 305 20.45 -31.72 -26.92
CA GLN D 305 21.13 -31.28 -28.15
C GLN D 305 20.69 -32.12 -29.37
N GLN D 306 20.50 -33.40 -29.16
CA GLN D 306 20.14 -34.31 -30.23
C GLN D 306 18.66 -34.21 -30.56
N ARG D 307 17.81 -34.01 -29.56
CA ARG D 307 16.42 -33.73 -29.79
C ARG D 307 16.31 -32.43 -30.58
N ARG D 308 17.15 -31.45 -30.23
CA ARG D 308 17.15 -30.15 -30.93
C ARG D 308 17.42 -30.40 -32.39
N ASP D 309 18.49 -31.13 -32.63
CA ASP D 309 18.94 -31.45 -33.97
C ASP D 309 17.86 -32.18 -34.81
N VAL D 310 17.12 -33.13 -34.22
CA VAL D 310 16.01 -33.78 -34.96
C VAL D 310 14.88 -32.80 -35.24
N LEU D 311 14.52 -31.97 -34.27
CA LEU D 311 13.43 -31.03 -34.46
C LEU D 311 13.77 -29.98 -35.49
N VAL D 312 14.89 -29.30 -35.32
CA VAL D 312 15.28 -28.21 -36.21
C VAL D 312 15.47 -28.68 -37.65
N LYS D 313 16.26 -29.73 -37.84
CA LYS D 313 16.49 -30.28 -39.17
C LYS D 313 15.17 -30.73 -39.86
N GLY D 314 14.25 -31.32 -39.08
CA GLY D 314 12.96 -31.82 -39.58
C GLY D 314 12.02 -30.70 -39.97
N LEU D 315 11.86 -29.72 -39.10
CA LEU D 315 11.13 -28.51 -39.45
C LEU D 315 11.71 -27.85 -40.70
N ARG D 316 13.03 -27.73 -40.79
CA ARG D 316 13.63 -27.13 -41.97
C ARG D 316 13.37 -27.93 -43.24
N GLU D 317 13.37 -29.25 -43.16
CA GLU D 317 13.13 -30.02 -44.37
C GLU D 317 11.66 -29.89 -44.83
N ALA D 318 10.76 -29.56 -43.91
CA ALA D 318 9.36 -29.26 -44.23
C ALA D 318 9.15 -27.84 -44.74
N GLY D 319 10.18 -27.00 -44.66
CA GLY D 319 10.05 -25.62 -45.18
C GLY D 319 9.75 -24.56 -44.12
N TRP D 320 9.70 -24.98 -42.86
CA TRP D 320 9.61 -24.05 -41.74
C TRP D 320 11.05 -23.73 -41.28
N MET D 321 11.56 -22.60 -41.71
CA MET D 321 12.95 -22.24 -41.43
C MET D 321 13.12 -21.70 -40.03
N VAL D 322 13.00 -22.59 -39.04
CA VAL D 322 13.20 -22.19 -37.65
C VAL D 322 14.70 -21.97 -37.37
N GLU D 323 14.97 -21.12 -36.38
CA GLU D 323 16.29 -20.78 -35.95
C GLU D 323 16.81 -21.86 -35.01
N ASN D 324 18.10 -22.18 -35.09
CA ASN D 324 18.71 -23.20 -34.23
C ASN D 324 19.10 -22.58 -32.88
N PRO D 325 18.47 -23.02 -31.78
CA PRO D 325 18.86 -22.52 -30.45
C PRO D 325 20.25 -22.99 -30.01
N LYS D 326 21.09 -22.11 -29.40
CA LYS D 326 22.39 -22.49 -28.79
C LYS D 326 22.33 -23.01 -27.35
N ALA D 327 21.18 -22.83 -26.70
CA ALA D 327 20.95 -23.34 -25.35
C ALA D 327 19.47 -23.28 -24.95
N SER D 328 19.19 -23.85 -23.78
CA SER D 328 17.87 -24.03 -23.25
C SER D 328 17.22 -25.19 -23.96
N MET D 329 16.02 -25.52 -23.49
CA MET D 329 15.28 -26.65 -23.96
C MET D 329 14.27 -26.22 -24.99
N TYR D 330 14.47 -25.05 -25.59
CA TYR D 330 13.44 -24.46 -26.43
C TYR D 330 13.87 -24.11 -27.87
N VAL D 331 13.01 -24.38 -28.82
CA VAL D 331 13.17 -23.89 -30.19
C VAL D 331 12.13 -22.80 -30.27
N TRP D 332 12.57 -21.60 -30.57
CA TRP D 332 11.69 -20.44 -30.60
C TRP D 332 11.48 -20.12 -32.06
N ALA D 333 10.29 -20.47 -32.54
CA ALA D 333 10.03 -20.62 -33.98
C ALA D 333 9.19 -19.48 -34.53
N LYS D 334 9.67 -18.83 -35.58
CA LYS D 334 8.95 -17.71 -36.16
C LYS D 334 7.78 -18.28 -36.99
N ILE D 335 6.59 -17.73 -36.82
CA ILE D 335 5.41 -18.26 -37.54
C ILE D 335 5.62 -18.02 -39.04
N PRO D 336 5.52 -19.06 -39.86
CA PRO D 336 5.71 -18.80 -41.29
C PRO D 336 4.73 -17.77 -41.87
N GLU D 337 5.22 -16.96 -42.82
CA GLU D 337 4.43 -15.93 -43.47
C GLU D 337 2.96 -16.35 -43.76
N PRO D 338 2.75 -17.51 -44.40
CA PRO D 338 1.37 -17.85 -44.81
C PRO D 338 0.36 -18.03 -43.66
N TYR D 339 0.86 -18.19 -42.43
CA TYR D 339 0.00 -18.28 -41.25
C TYR D 339 0.15 -17.10 -40.29
N ALA D 340 1.11 -16.21 -40.56
CA ALA D 340 1.45 -15.08 -39.67
C ALA D 340 0.23 -14.22 -39.32
N HIS D 341 -0.72 -14.13 -40.25
CA HIS D 341 -1.96 -13.38 -40.01
C HIS D 341 -2.83 -13.96 -38.87
N LEU D 342 -2.63 -15.23 -38.54
CA LEU D 342 -3.45 -15.89 -37.52
C LEU D 342 -3.16 -15.40 -36.10
N GLY D 343 -1.92 -15.01 -35.84
CA GLY D 343 -1.46 -14.75 -34.46
C GLY D 343 -1.00 -16.06 -33.85
N SER D 344 -0.21 -15.97 -32.77
CA SER D 344 0.35 -17.14 -32.16
C SER D 344 -0.69 -18.04 -31.50
N LEU D 345 -1.67 -17.45 -30.85
CA LEU D 345 -2.66 -18.24 -30.17
C LEU D 345 -3.43 -19.08 -31.21
N GLU D 346 -3.82 -18.45 -32.31
CA GLU D 346 -4.64 -19.13 -33.31
C GLU D 346 -3.82 -20.17 -34.05
N PHE D 347 -2.60 -19.82 -34.39
CA PHE D 347 -1.70 -20.77 -35.03
C PHE D 347 -1.45 -21.99 -34.14
N ALA D 348 -1.31 -21.78 -32.83
CA ALA D 348 -0.98 -22.89 -31.95
C ALA D 348 -2.20 -23.81 -31.85
N LYS D 349 -3.38 -23.25 -31.91
CA LYS D 349 -4.58 -24.08 -31.97
C LYS D 349 -4.56 -24.92 -33.24
N LYS D 350 -4.26 -24.31 -34.39
CA LYS D 350 -4.18 -25.06 -35.65
C LYS D 350 -3.17 -26.21 -35.58
N LEU D 351 -1.95 -25.94 -35.13
CA LEU D 351 -0.95 -27.01 -34.95
C LEU D 351 -1.50 -28.19 -34.15
N LEU D 352 -2.22 -27.89 -33.07
CA LEU D 352 -2.81 -28.93 -32.24
C LEU D 352 -3.84 -29.77 -32.99
N GLN D 353 -4.82 -29.09 -33.58
CA GLN D 353 -5.90 -29.78 -34.32
C GLN D 353 -5.39 -30.48 -35.58
N ASP D 354 -4.45 -29.88 -36.30
CA ASP D 354 -4.06 -30.39 -37.64
C ASP D 354 -2.83 -31.28 -37.61
N ALA D 355 -1.84 -30.88 -36.80
CA ALA D 355 -0.56 -31.58 -36.73
C ALA D 355 -0.46 -32.47 -35.48
N LYS D 356 -1.39 -32.33 -34.55
CA LYS D 356 -1.38 -33.13 -33.30
C LYS D 356 -0.10 -32.89 -32.49
N VAL D 357 0.33 -31.63 -32.45
CA VAL D 357 1.53 -31.18 -31.74
C VAL D 357 1.12 -29.99 -30.88
N SER D 358 1.38 -30.07 -29.59
CA SER D 358 1.12 -28.98 -28.66
C SER D 358 2.36 -28.09 -28.48
N VAL D 359 2.18 -26.81 -28.78
CA VAL D 359 3.23 -25.81 -28.62
C VAL D 359 2.69 -24.69 -27.77
N SER D 360 3.60 -23.83 -27.30
CA SER D 360 3.18 -22.69 -26.53
C SER D 360 3.08 -21.48 -27.40
N PRO D 361 1.94 -20.79 -27.38
CA PRO D 361 1.83 -19.58 -28.17
C PRO D 361 2.72 -18.46 -27.62
N GLY D 362 3.45 -17.84 -28.53
CA GLY D 362 4.45 -16.84 -28.16
C GLY D 362 3.90 -15.65 -27.41
N ILE D 363 2.62 -15.31 -27.63
CA ILE D 363 2.02 -14.14 -27.00
C ILE D 363 1.94 -14.30 -25.48
N GLY D 364 1.98 -15.54 -25.03
CA GLY D 364 1.93 -15.83 -23.62
C GLY D 364 3.18 -15.37 -22.89
N PHE D 365 4.25 -15.08 -23.63
CA PHE D 365 5.50 -14.61 -23.05
C PHE D 365 5.68 -13.09 -23.16
N GLY D 366 4.61 -12.38 -23.58
CA GLY D 366 4.63 -10.93 -23.82
C GLY D 366 4.23 -10.60 -25.25
N ASP D 367 3.76 -9.37 -25.50
CA ASP D 367 3.25 -9.00 -26.84
C ASP D 367 4.29 -9.03 -27.98
N TYR D 368 5.57 -8.90 -27.67
CA TYR D 368 6.62 -8.93 -28.70
C TYR D 368 6.92 -10.34 -29.17
N GLY D 369 6.18 -11.30 -28.63
CA GLY D 369 6.32 -12.71 -28.99
C GLY D 369 5.23 -13.28 -29.87
N ASP D 370 4.25 -12.47 -30.26
CA ASP D 370 3.04 -12.99 -30.98
C ASP D 370 3.29 -13.56 -32.38
N ASP D 371 4.49 -13.31 -32.91
CA ASP D 371 4.91 -13.79 -34.21
C ASP D 371 5.67 -15.12 -34.13
N HIS D 372 5.72 -15.70 -32.94
CA HIS D 372 6.40 -16.97 -32.72
C HIS D 372 5.59 -17.98 -31.93
N VAL D 373 6.00 -19.23 -32.02
CA VAL D 373 5.59 -20.28 -31.07
C VAL D 373 6.85 -20.89 -30.47
N ARG D 374 6.74 -21.42 -29.25
CA ARG D 374 7.83 -22.12 -28.59
C ARG D 374 7.61 -23.64 -28.52
N PHE D 375 8.65 -24.39 -28.93
CA PHE D 375 8.68 -25.85 -28.79
C PHE D 375 9.63 -26.10 -27.63
N ALA D 376 9.30 -27.06 -26.78
CA ALA D 376 10.16 -27.55 -25.73
C ALA D 376 10.56 -28.95 -26.12
N LEU D 377 11.84 -29.27 -25.89
CA LEU D 377 12.43 -30.49 -26.39
C LEU D 377 12.24 -31.58 -25.33
N ILE D 378 10.96 -31.91 -25.05
CA ILE D 378 10.61 -32.76 -23.91
C ILE D 378 9.99 -34.09 -24.26
N GLU D 379 9.91 -34.41 -25.53
CA GLU D 379 9.52 -35.73 -25.98
C GLU D 379 10.77 -36.30 -26.62
N ASN D 380 10.78 -37.61 -26.81
CA ASN D 380 11.94 -38.30 -27.39
C ASN D 380 12.04 -38.09 -28.91
N ARG D 381 13.10 -38.61 -29.53
CA ARG D 381 13.38 -38.32 -30.94
C ARG D 381 12.33 -38.87 -31.90
N ASP D 382 11.85 -40.09 -31.68
CA ASP D 382 10.86 -40.69 -32.59
C ASP D 382 9.58 -39.87 -32.58
N ARG D 383 9.20 -39.45 -31.37
CA ARG D 383 8.07 -38.59 -31.13
C ARG D 383 8.23 -37.26 -31.81
N LEU D 384 9.45 -36.74 -31.76
CA LEU D 384 9.76 -35.49 -32.44
C LEU D 384 9.64 -35.65 -33.93
N ARG D 385 10.22 -36.71 -34.48
CA ARG D 385 9.99 -37.03 -35.89
C ARG D 385 8.53 -37.15 -36.22
N GLN D 386 7.73 -37.68 -35.29
CA GLN D 386 6.27 -37.78 -35.52
C GLN D 386 5.62 -36.40 -35.50
N ALA D 387 6.19 -35.47 -34.72
CA ALA D 387 5.68 -34.12 -34.66
C ALA D 387 5.96 -33.46 -35.98
N VAL D 388 7.14 -33.73 -36.54
CA VAL D 388 7.56 -33.13 -37.79
C VAL D 388 6.74 -33.65 -38.93
N ARG D 389 6.46 -34.94 -38.93
CA ARG D 389 5.56 -35.46 -39.94
C ARG D 389 4.16 -34.85 -39.90
N GLY D 390 3.61 -34.66 -38.71
CA GLY D 390 2.29 -34.05 -38.57
C GLY D 390 2.27 -32.62 -39.06
N ILE D 391 3.33 -31.87 -38.77
CA ILE D 391 3.39 -30.49 -39.20
C ILE D 391 3.55 -30.42 -40.72
N LYS D 392 4.37 -31.29 -41.27
CA LYS D 392 4.58 -31.34 -42.71
C LYS D 392 3.29 -31.78 -43.46
N ALA D 393 2.51 -32.67 -42.89
CA ALA D 393 1.25 -33.09 -43.59
C ALA D 393 0.27 -31.90 -43.56
N MET D 394 0.30 -31.10 -42.50
CA MET D 394 -0.53 -29.90 -42.40
C MET D 394 -0.21 -28.89 -43.51
N PHE D 395 1.07 -28.62 -43.70
CA PHE D 395 1.54 -27.71 -44.75
C PHE D 395 1.08 -28.13 -46.12
N ARG D 396 1.28 -29.42 -46.39
CA ARG D 396 0.82 -30.06 -47.62
C ARG D 396 -0.69 -29.93 -47.80
N ALA D 397 -1.46 -30.20 -46.75
CA ALA D 397 -2.94 -30.14 -46.84
C ALA D 397 -3.45 -28.69 -46.92
N ASP D 398 -2.66 -27.72 -46.45
CA ASP D 398 -3.01 -26.31 -46.63
C ASP D 398 -2.54 -25.73 -47.99
N GLY D 399 -1.95 -26.56 -48.84
CA GLY D 399 -1.45 -26.14 -50.14
C GLY D 399 -0.07 -25.50 -50.19
N LEU D 400 0.80 -25.85 -49.23
CA LEU D 400 2.12 -25.21 -49.12
C LEU D 400 3.27 -26.21 -49.36
#